data_7P37
#
_entry.id   7P37
#
_cell.length_a   1.00
_cell.length_b   1.00
_cell.length_c   1.00
_cell.angle_alpha   90.00
_cell.angle_beta   90.00
_cell.angle_gamma   90.00
#
_symmetry.space_group_name_H-M   'P 1'
#
loop_
_entity.id
_entity.type
_entity.pdbx_description
1 polymer 'Transcriptional repressor NrdR'
2 non-polymer "ADENOSINE-5'-TRIPHOSPHATE"
3 non-polymer 'ZINC ION'
#
_entity_poly.entity_id   1
_entity_poly.type   'polypeptide(L)'
_entity_poly.pdbx_seq_one_letter_code
;MHCPFCRHPDSRVVDSRTTDDGTSIRRRRQCPDCSRRFTTVETCSLMVVKRSGVTEPFSRTKVINGVRKACQGRPVTEDA
LAQLGQRVEEAVRATGSAELTTHDVGLAILGPLQELDLVAYLRFASVYRAFDSLEDFEAAIAELRETTGHPGEEDDTGAG
SQENDRGPTGAGQVPEPAGAADKLAAALEHHHHHH
;
_entity_poly.pdbx_strand_id   A,E,I,C,G,K,B,F,J,D,H,L
#
loop_
_chem_comp.id
_chem_comp.type
_chem_comp.name
_chem_comp.formula
ATP non-polymer ADENOSINE-5'-TRIPHOSPHATE 'C10 H16 N5 O13 P3'
ZN non-polymer 'ZINC ION' 'Zn 2'
#
# COMPACT_ATOMS: atom_id res chain seq x y z
N MET A 1 20.25 -38.34 16.23
CA MET A 1 19.84 -38.99 15.00
C MET A 1 20.95 -39.88 14.44
N HIS A 2 20.57 -40.96 13.76
CA HIS A 2 21.54 -41.86 13.18
C HIS A 2 22.26 -41.19 12.01
N CYS A 3 23.57 -41.39 11.95
CA CYS A 3 24.36 -40.85 10.86
C CYS A 3 23.98 -41.55 9.55
N PRO A 4 23.70 -40.80 8.49
CA PRO A 4 23.28 -41.45 7.24
C PRO A 4 24.33 -42.36 6.63
N PHE A 5 25.62 -42.13 6.92
CA PHE A 5 26.70 -42.87 6.28
C PHE A 5 27.10 -44.11 7.07
N CYS A 6 27.30 -43.98 8.38
CA CYS A 6 27.80 -45.06 9.20
C CYS A 6 26.78 -45.58 10.21
N ARG A 7 25.57 -45.02 10.23
CA ARG A 7 24.49 -45.48 11.11
C ARG A 7 24.88 -45.44 12.59
N HIS A 8 25.64 -44.43 12.99
CA HIS A 8 26.01 -44.28 14.39
C HIS A 8 24.75 -43.97 15.22
N PRO A 9 24.67 -44.46 16.46
CA PRO A 9 23.44 -44.24 17.25
C PRO A 9 23.08 -42.79 17.47
N ASP A 10 24.05 -41.89 17.63
CA ASP A 10 23.76 -40.49 17.92
C ASP A 10 24.70 -39.58 17.16
N SER A 11 24.26 -38.34 16.96
CA SER A 11 25.07 -37.32 16.30
C SER A 11 24.88 -35.99 17.03
N ARG A 12 25.84 -35.09 16.84
CA ARG A 12 25.85 -33.80 17.48
C ARG A 12 25.41 -32.72 16.51
N VAL A 13 24.70 -31.72 17.02
CA VAL A 13 24.23 -30.60 16.22
C VAL A 13 25.27 -29.48 16.30
N VAL A 14 25.77 -29.06 15.15
CA VAL A 14 26.79 -28.01 15.10
C VAL A 14 26.29 -26.72 14.48
N ASP A 15 25.12 -26.72 13.83
CA ASP A 15 24.56 -25.49 13.29
C ASP A 15 23.05 -25.60 13.28
N SER A 16 22.38 -24.46 13.49
CA SER A 16 20.92 -24.40 13.45
C SER A 16 20.47 -23.01 13.06
N ARG A 17 19.50 -22.92 12.15
CA ARG A 17 18.94 -21.62 11.77
C ARG A 17 17.49 -21.78 11.37
N THR A 18 16.64 -20.89 11.90
CA THR A 18 15.25 -20.84 11.50
C THR A 18 15.12 -20.16 10.14
N THR A 19 14.26 -20.70 9.29
CA THR A 19 14.07 -20.16 7.95
C THR A 19 13.44 -18.77 8.03
N ASP A 20 13.64 -17.99 6.95
CA ASP A 20 13.14 -16.62 6.93
C ASP A 20 11.63 -16.57 7.08
N ASP A 21 10.91 -17.45 6.38
CA ASP A 21 9.47 -17.52 6.53
C ASP A 21 9.05 -18.16 7.85
N GLY A 22 9.97 -18.80 8.56
CA GLY A 22 9.68 -19.35 9.86
C GLY A 22 9.02 -20.72 9.86
N THR A 23 8.79 -21.32 8.70
CA THR A 23 8.11 -22.60 8.64
C THR A 23 9.03 -23.74 9.07
N SER A 24 10.29 -23.70 8.69
CA SER A 24 11.22 -24.80 8.90
C SER A 24 12.47 -24.32 9.60
N ILE A 25 13.17 -25.26 10.22
CA ILE A 25 14.48 -25.03 10.84
C ILE A 25 15.49 -25.93 10.16
N ARG A 26 16.56 -25.33 9.63
CA ARG A 26 17.62 -26.09 8.98
C ARG A 26 18.77 -26.28 9.96
N ARG A 27 19.13 -27.54 10.19
CA ARG A 27 20.23 -27.87 11.09
C ARG A 27 21.33 -28.59 10.32
N ARG A 28 22.56 -28.39 10.77
CA ARG A 28 23.71 -29.11 10.27
C ARG A 28 24.32 -29.89 11.43
N ARG A 29 24.44 -31.20 11.25
CA ARG A 29 24.91 -32.11 12.28
C ARG A 29 26.21 -32.77 11.84
N GLN A 30 27.01 -33.19 12.82
CA GLN A 30 28.27 -33.87 12.58
C GLN A 30 28.32 -35.15 13.39
N CYS A 31 28.70 -36.24 12.74
CA CYS A 31 28.80 -37.53 13.44
C CYS A 31 30.07 -37.58 14.27
N PRO A 32 29.98 -37.91 15.56
CA PRO A 32 31.19 -37.93 16.40
C PRO A 32 32.25 -38.91 15.94
N ASP A 33 31.86 -40.05 15.36
CA ASP A 33 32.84 -41.07 15.01
C ASP A 33 33.51 -40.79 13.67
N CYS A 34 32.73 -40.76 12.59
CA CYS A 34 33.29 -40.61 11.25
C CYS A 34 33.58 -39.16 10.88
N SER A 35 33.22 -38.21 11.76
CA SER A 35 33.42 -36.75 11.49
C SER A 35 32.85 -36.38 10.11
N ARG A 36 31.57 -36.66 9.88
CA ARG A 36 30.90 -36.32 8.59
C ARG A 36 29.73 -35.37 8.86
N ARG A 37 29.60 -34.30 8.06
CA ARG A 37 28.56 -33.27 8.35
C ARG A 37 27.39 -33.42 7.36
N PHE A 38 26.15 -33.47 7.87
CA PHE A 38 24.95 -33.70 7.03
C PHE A 38 23.85 -32.69 7.40
N THR A 39 22.96 -32.37 6.44
CA THR A 39 21.93 -31.31 6.68
C THR A 39 20.53 -31.91 6.88
N THR A 40 19.79 -31.43 7.89
CA THR A 40 18.43 -31.87 8.16
C THR A 40 17.50 -30.66 8.18
N VAL A 41 16.23 -30.91 7.87
CA VAL A 41 15.21 -29.86 7.87
C VAL A 41 14.05 -30.31 8.74
N GLU A 42 13.58 -29.43 9.63
CA GLU A 42 12.45 -29.69 10.49
C GLU A 42 11.28 -28.81 10.06
N THR A 43 10.14 -29.43 9.81
CA THR A 43 8.96 -28.74 9.28
C THR A 43 7.74 -29.08 10.13
N CYS A 44 6.69 -28.27 9.97
CA CYS A 44 5.40 -28.48 10.60
C CYS A 44 4.30 -28.41 9.55
N SER A 45 4.61 -28.81 8.32
CA SER A 45 3.65 -28.71 7.23
C SER A 45 2.50 -29.69 7.43
N LEU A 46 1.31 -29.26 7.01
CA LEU A 46 0.09 -30.04 7.11
C LEU A 46 -0.69 -29.94 5.81
N MET A 47 -1.21 -31.07 5.34
CA MET A 47 -1.90 -31.12 4.05
C MET A 47 -3.22 -31.86 4.20
N VAL A 48 -4.21 -31.41 3.43
CA VAL A 48 -5.51 -32.06 3.36
C VAL A 48 -5.71 -32.57 1.94
N VAL A 49 -6.20 -33.80 1.83
CA VAL A 49 -6.41 -34.46 0.55
C VAL A 49 -7.84 -34.22 0.12
N LYS A 50 -8.02 -33.46 -0.95
CA LYS A 50 -9.35 -33.20 -1.48
C LYS A 50 -9.94 -34.48 -2.06
N ARG A 51 -11.28 -34.55 -2.10
CA ARG A 51 -11.95 -35.71 -2.65
C ARG A 51 -11.66 -35.90 -4.14
N SER A 52 -11.17 -34.86 -4.81
CA SER A 52 -10.76 -34.96 -6.20
C SER A 52 -9.39 -35.58 -6.38
N GLY A 53 -8.67 -35.85 -5.29
CA GLY A 53 -7.36 -36.45 -5.36
C GLY A 53 -6.18 -35.51 -5.29
N VAL A 54 -6.40 -34.24 -4.99
CA VAL A 54 -5.34 -33.23 -4.91
C VAL A 54 -5.14 -32.85 -3.45
N THR A 55 -3.87 -32.77 -3.04
CA THR A 55 -3.51 -32.39 -1.68
C THR A 55 -3.14 -30.91 -1.65
N GLU A 56 -3.71 -30.18 -0.69
CA GLU A 56 -3.45 -28.75 -0.56
C GLU A 56 -3.18 -28.41 0.89
N PRO A 57 -2.43 -27.32 1.14
CA PRO A 57 -2.09 -26.98 2.53
C PRO A 57 -3.34 -26.69 3.36
N PHE A 58 -3.27 -27.05 4.63
CA PHE A 58 -4.38 -26.83 5.55
C PHE A 58 -4.62 -25.34 5.74
N SER A 59 -5.88 -24.95 5.76
CA SER A 59 -6.28 -23.56 5.92
C SER A 59 -7.38 -23.46 6.97
N ARG A 60 -7.16 -22.59 7.96
CA ARG A 60 -8.19 -22.34 8.97
C ARG A 60 -9.32 -21.49 8.42
N THR A 61 -9.03 -20.64 7.42
CA THR A 61 -10.05 -19.77 6.85
C THR A 61 -11.16 -20.59 6.18
N LYS A 62 -10.78 -21.66 5.47
CA LYS A 62 -11.79 -22.50 4.83
C LYS A 62 -12.67 -23.21 5.85
N VAL A 63 -12.08 -23.68 6.96
CA VAL A 63 -12.87 -24.30 8.01
C VAL A 63 -13.84 -23.29 8.61
N ILE A 64 -13.37 -22.06 8.85
CA ILE A 64 -14.23 -21.03 9.40
C ILE A 64 -15.37 -20.71 8.44
N ASN A 65 -15.07 -20.60 7.15
CA ASN A 65 -16.11 -20.31 6.16
C ASN A 65 -17.14 -21.43 6.11
N GLY A 66 -16.68 -22.69 6.13
CA GLY A 66 -17.61 -23.81 6.08
C GLY A 66 -18.52 -23.84 7.29
N VAL A 67 -17.95 -23.67 8.49
CA VAL A 67 -18.80 -23.69 9.68
C VAL A 67 -19.72 -22.47 9.73
N ARG A 68 -19.28 -21.33 9.19
CA ARG A 68 -20.14 -20.16 9.12
C ARG A 68 -21.33 -20.39 8.21
N LYS A 69 -21.10 -21.00 7.04
CA LYS A 69 -22.20 -21.31 6.14
C LYS A 69 -23.13 -22.35 6.76
N ALA A 70 -22.57 -23.33 7.47
CA ALA A 70 -23.39 -24.33 8.14
C ALA A 70 -24.17 -23.74 9.31
N CYS A 71 -23.73 -22.61 9.86
CA CYS A 71 -24.40 -21.94 10.96
C CYS A 71 -25.32 -20.81 10.49
N GLN A 72 -25.72 -20.84 9.22
CA GLN A 72 -26.55 -19.77 8.68
C GLN A 72 -27.90 -19.70 9.39
N GLY A 73 -28.32 -18.49 9.74
CA GLY A 73 -29.56 -18.30 10.46
C GLY A 73 -29.48 -18.54 11.95
N ARG A 74 -28.30 -18.78 12.50
CA ARG A 74 -28.12 -19.05 13.91
C ARG A 74 -27.27 -17.97 14.57
N PRO A 75 -27.47 -17.72 15.86
CA PRO A 75 -26.67 -16.69 16.57
C PRO A 75 -25.25 -17.14 16.90
N VAL A 76 -24.37 -16.98 15.92
CA VAL A 76 -22.95 -17.33 16.07
C VAL A 76 -22.12 -16.08 15.82
N THR A 77 -21.17 -15.82 16.70
CA THR A 77 -20.30 -14.67 16.58
C THR A 77 -19.01 -15.02 15.84
N GLU A 78 -18.30 -14.00 15.39
CA GLU A 78 -17.04 -14.21 14.68
C GLU A 78 -15.93 -14.68 15.62
N ASP A 79 -15.93 -14.22 16.87
CA ASP A 79 -14.95 -14.71 17.83
C ASP A 79 -15.13 -16.20 18.08
N ALA A 80 -16.38 -16.65 18.21
CA ALA A 80 -16.64 -18.07 18.40
C ALA A 80 -16.18 -18.89 17.21
N LEU A 81 -16.42 -18.38 16.00
CA LEU A 81 -15.98 -19.10 14.80
C LEU A 81 -14.46 -19.18 14.73
N ALA A 82 -13.78 -18.08 15.05
CA ALA A 82 -12.32 -18.10 15.06
C ALA A 82 -11.78 -19.07 16.09
N GLN A 83 -12.39 -19.11 17.29
CA GLN A 83 -11.96 -20.05 18.31
C GLN A 83 -12.21 -21.48 17.87
N LEU A 84 -13.33 -21.74 17.22
CA LEU A 84 -13.60 -23.08 16.71
C LEU A 84 -12.58 -23.48 15.65
N GLY A 85 -12.21 -22.56 14.77
CA GLY A 85 -11.18 -22.87 13.79
C GLY A 85 -9.84 -23.17 14.44
N GLN A 86 -9.48 -22.39 15.45
CA GLN A 86 -8.24 -22.64 16.18
C GLN A 86 -8.27 -24.02 16.84
N ARG A 87 -9.39 -24.38 17.47
CA ARG A 87 -9.51 -25.69 18.10
C ARG A 87 -9.41 -26.81 17.08
N VAL A 88 -10.05 -26.64 15.92
CA VAL A 88 -9.99 -27.66 14.88
C VAL A 88 -8.56 -27.84 14.39
N GLU A 89 -7.87 -26.73 14.14
CA GLU A 89 -6.49 -26.82 13.67
C GLU A 89 -5.58 -27.48 14.71
N GLU A 90 -5.75 -27.12 15.98
CA GLU A 90 -4.94 -27.72 17.03
C GLU A 90 -5.20 -29.22 17.15
N ALA A 91 -6.47 -29.62 17.11
CA ALA A 91 -6.80 -31.03 17.22
C ALA A 91 -6.28 -31.83 16.01
N VAL A 92 -6.36 -31.24 14.83
CA VAL A 92 -5.84 -31.91 13.64
C VAL A 92 -4.32 -32.09 13.73
N ARG A 93 -3.61 -31.06 14.14
CA ARG A 93 -2.16 -31.15 14.23
C ARG A 93 -1.71 -32.07 15.35
N ALA A 94 -2.54 -32.28 16.37
CA ALA A 94 -2.15 -33.14 17.49
C ALA A 94 -1.96 -34.59 17.08
N THR A 95 -2.58 -35.02 15.98
CA THR A 95 -2.43 -36.41 15.55
C THR A 95 -1.03 -36.72 15.07
N GLY A 96 -0.33 -35.72 14.53
CA GLY A 96 1.01 -35.91 14.04
C GLY A 96 1.13 -36.30 12.59
N SER A 97 0.02 -36.59 11.92
CA SER A 97 0.06 -36.97 10.51
C SER A 97 0.33 -35.76 9.64
N ALA A 98 1.18 -35.94 8.64
CA ALA A 98 1.50 -34.84 7.73
C ALA A 98 0.33 -34.53 6.79
N GLU A 99 -0.37 -35.57 6.34
CA GLU A 99 -1.51 -35.41 5.45
C GLU A 99 -2.72 -36.15 6.01
N LEU A 100 -3.90 -35.56 5.83
CA LEU A 100 -5.14 -36.17 6.27
C LEU A 100 -6.24 -35.87 5.28
N THR A 101 -7.31 -36.66 5.33
CA THR A 101 -8.44 -36.49 4.44
C THR A 101 -9.42 -35.47 4.99
N THR A 102 -10.18 -34.84 4.08
CA THR A 102 -11.17 -33.86 4.49
C THR A 102 -12.29 -34.48 5.31
N HIS A 103 -12.55 -35.78 5.16
CA HIS A 103 -13.52 -36.44 6.02
C HIS A 103 -13.09 -36.39 7.48
N ASP A 104 -11.80 -36.61 7.73
CA ASP A 104 -11.28 -36.47 9.09
C ASP A 104 -11.36 -35.03 9.57
N VAL A 105 -11.20 -34.06 8.66
CA VAL A 105 -11.37 -32.66 9.03
C VAL A 105 -12.81 -32.40 9.49
N GLY A 106 -13.78 -32.93 8.75
CA GLY A 106 -15.16 -32.79 9.16
C GLY A 106 -15.46 -33.49 10.48
N LEU A 107 -14.87 -34.67 10.68
CA LEU A 107 -15.04 -35.37 11.95
C LEU A 107 -14.48 -34.55 13.10
N ALA A 108 -13.33 -33.89 12.89
CA ALA A 108 -12.77 -33.02 13.91
C ALA A 108 -13.68 -31.82 14.15
N ILE A 109 -14.28 -31.28 13.09
CA ILE A 109 -15.19 -30.14 13.25
C ILE A 109 -16.42 -30.55 14.05
N LEU A 110 -16.85 -31.80 13.92
CA LEU A 110 -18.07 -32.26 14.58
C LEU A 110 -18.02 -32.08 16.10
N GLY A 111 -16.84 -32.05 16.70
CA GLY A 111 -16.72 -31.92 18.12
C GLY A 111 -17.13 -30.55 18.65
N PRO A 112 -16.32 -29.53 18.34
CA PRO A 112 -16.67 -28.17 18.80
C PRO A 112 -17.99 -27.64 18.25
N LEU A 113 -18.38 -28.07 17.06
CA LEU A 113 -19.61 -27.56 16.45
C LEU A 113 -20.83 -27.92 17.29
N GLN A 114 -20.83 -29.11 17.91
CA GLN A 114 -21.93 -29.48 18.79
C GLN A 114 -22.03 -28.53 19.97
N GLU A 115 -20.89 -28.14 20.55
CA GLU A 115 -20.91 -27.16 21.63
C GLU A 115 -21.30 -25.77 21.13
N LEU A 116 -21.06 -25.49 19.85
CA LEU A 116 -21.39 -24.17 19.31
C LEU A 116 -22.89 -24.03 19.10
N ASP A 117 -23.47 -24.86 18.24
CA ASP A 117 -24.89 -24.78 17.93
C ASP A 117 -25.39 -26.17 17.56
N LEU A 118 -26.57 -26.52 18.08
CA LEU A 118 -27.11 -27.86 17.89
C LEU A 118 -27.69 -28.03 16.48
N VAL A 119 -28.35 -27.00 15.95
CA VAL A 119 -28.94 -27.11 14.62
C VAL A 119 -27.86 -27.26 13.56
N ALA A 120 -26.81 -26.44 13.65
CA ALA A 120 -25.70 -26.57 12.71
C ALA A 120 -25.00 -27.91 12.85
N TYR A 121 -24.83 -28.37 14.09
CA TYR A 121 -24.22 -29.68 14.30
C TYR A 121 -25.05 -30.79 13.66
N LEU A 122 -26.37 -30.72 13.80
CA LEU A 122 -27.23 -31.74 13.19
C LEU A 122 -27.14 -31.70 11.68
N ARG A 123 -27.25 -30.52 11.09
CA ARG A 123 -27.20 -30.41 9.62
C ARG A 123 -25.81 -30.64 9.05
N PHE A 124 -24.77 -30.66 9.90
CA PHE A 124 -23.41 -30.96 9.47
C PHE A 124 -23.10 -32.45 9.61
N ALA A 125 -23.56 -33.07 10.71
CA ALA A 125 -23.38 -34.50 10.90
C ALA A 125 -24.28 -35.31 9.98
N SER A 126 -25.42 -34.73 9.55
CA SER A 126 -26.24 -35.42 8.56
C SER A 126 -25.48 -35.65 7.26
N VAL A 127 -24.43 -34.89 7.01
CA VAL A 127 -23.56 -35.09 5.86
C VAL A 127 -22.31 -35.88 6.23
N TYR A 128 -21.66 -35.54 7.35
CA TYR A 128 -20.38 -36.16 7.66
C TYR A 128 -20.50 -37.41 8.53
N ARG A 129 -21.70 -37.74 9.03
CA ARG A 129 -21.93 -39.03 9.67
C ARG A 129 -22.78 -39.96 8.81
N ALA A 130 -23.12 -39.53 7.59
CA ALA A 130 -23.82 -40.36 6.61
C ALA A 130 -25.16 -40.88 7.14
N PHE A 131 -26.05 -39.94 7.45
CA PHE A 131 -27.41 -40.30 7.79
C PHE A 131 -28.15 -40.78 6.56
N ASP A 132 -28.95 -41.84 6.72
CA ASP A 132 -29.63 -42.47 5.60
C ASP A 132 -31.13 -42.28 5.60
N SER A 133 -31.77 -42.26 6.76
CA SER A 133 -33.23 -42.12 6.84
C SER A 133 -33.57 -41.21 8.02
N LEU A 134 -34.86 -40.93 8.19
CA LEU A 134 -35.32 -40.04 9.29
C LEU A 134 -34.98 -40.65 10.66
N GLU A 135 -34.89 -41.98 10.73
CA GLU A 135 -34.61 -42.67 12.01
C GLU A 135 -33.22 -42.25 12.53
N ASP A 136 -32.24 -42.14 11.62
CA ASP A 136 -30.86 -41.73 12.00
C ASP A 136 -30.89 -40.31 12.57
N PHE A 137 -31.66 -39.40 11.96
CA PHE A 137 -31.79 -38.03 12.51
C PHE A 137 -32.43 -38.05 13.89
N GLU A 138 -33.47 -38.87 14.08
CA GLU A 138 -34.19 -38.92 15.38
C GLU A 138 -33.24 -39.43 16.46
N ALA A 139 -32.43 -40.44 16.14
CA ALA A 139 -31.46 -40.99 17.12
C ALA A 139 -30.44 -39.92 17.51
N ALA A 140 -29.98 -39.13 16.53
CA ALA A 140 -29.01 -38.05 16.81
C ALA A 140 -29.62 -36.99 17.74
N ILE A 141 -30.90 -36.65 17.52
CA ILE A 141 -31.58 -35.64 18.39
C ILE A 141 -31.65 -36.18 19.81
N ALA A 142 -31.81 -37.51 19.93
CA ALA A 142 -31.86 -38.18 21.26
C ALA A 142 -30.49 -38.17 21.94
N GLU A 143 -29.41 -38.39 21.18
CA GLU A 143 -28.04 -38.36 21.74
C GLU A 143 -27.74 -36.95 22.27
N LEU A 144 -28.17 -35.92 21.54
CA LEU A 144 -27.95 -34.51 21.98
C LEU A 144 -28.71 -34.25 23.28
N ARG A 145 -29.94 -34.76 23.45
CA ARG A 145 -30.67 -34.58 24.73
C ARG A 145 -29.93 -35.31 25.85
N GLU A 146 -29.41 -36.52 25.58
CA GLU A 146 -28.63 -37.28 26.59
C GLU A 146 -27.36 -36.51 26.97
N THR A 147 -26.70 -35.89 25.98
CA THR A 147 -25.47 -35.10 26.25
C THR A 147 -25.85 -33.64 26.51
N MET B 1 -43.27 -6.92 15.11
CA MET B 1 -43.65 -5.77 14.29
C MET B 1 -44.96 -6.04 13.57
N HIS B 2 -45.73 -4.97 13.33
CA HIS B 2 -46.99 -5.10 12.62
C HIS B 2 -46.76 -5.45 11.15
N CYS B 3 -47.57 -6.37 10.64
CA CYS B 3 -47.47 -6.74 9.24
C CYS B 3 -47.91 -5.57 8.37
N PRO B 4 -47.12 -5.20 7.36
CA PRO B 4 -47.50 -4.04 6.53
C PRO B 4 -48.82 -4.22 5.79
N PHE B 5 -49.21 -5.46 5.49
CA PHE B 5 -50.38 -5.71 4.67
C PHE B 5 -51.67 -5.85 5.49
N CYS B 6 -51.63 -6.64 6.56
CA CYS B 6 -52.82 -6.93 7.35
C CYS B 6 -52.78 -6.35 8.75
N ARG B 7 -51.71 -5.64 9.12
CA ARG B 7 -51.60 -4.99 10.42
C ARG B 7 -51.75 -5.96 11.58
N HIS B 8 -51.21 -7.17 11.44
CA HIS B 8 -51.24 -8.13 12.53
C HIS B 8 -50.36 -7.65 13.68
N PRO B 9 -50.75 -7.93 14.93
CA PRO B 9 -49.97 -7.38 16.07
C PRO B 9 -48.51 -7.81 16.09
N ASP B 10 -48.19 -9.03 15.66
CA ASP B 10 -46.81 -9.52 15.74
C ASP B 10 -46.48 -10.33 14.50
N SER B 11 -45.17 -10.42 14.21
CA SER B 11 -44.66 -11.19 13.10
C SER B 11 -43.40 -11.93 13.54
N ARG B 12 -43.08 -13.00 12.80
CA ARG B 12 -41.94 -13.85 13.10
C ARG B 12 -40.79 -13.52 12.16
N VAL B 13 -39.57 -13.61 12.68
CA VAL B 13 -38.37 -13.36 11.89
C VAL B 13 -37.88 -14.69 11.33
N VAL B 14 -37.75 -14.77 10.01
CA VAL B 14 -37.31 -16.00 9.35
C VAL B 14 -35.94 -15.87 8.70
N ASP B 15 -35.40 -14.66 8.58
CA ASP B 15 -34.05 -14.51 8.04
C ASP B 15 -33.42 -13.26 8.63
N SER B 16 -32.10 -13.31 8.83
CA SER B 16 -31.36 -12.16 9.35
C SER B 16 -29.92 -12.23 8.86
N ARG B 17 -29.39 -11.10 8.41
CA ARG B 17 -27.98 -11.05 7.99
C ARG B 17 -27.43 -9.66 8.24
N THR B 18 -26.23 -9.60 8.83
CA THR B 18 -25.53 -8.34 9.00
C THR B 18 -24.88 -7.93 7.68
N THR B 19 -24.95 -6.64 7.37
CA THR B 19 -24.40 -6.14 6.11
C THR B 19 -22.88 -6.27 6.12
N ASP B 20 -22.30 -6.29 4.92
CA ASP B 20 -20.85 -6.46 4.79
C ASP B 20 -20.08 -5.35 5.50
N ASP B 21 -20.53 -4.10 5.33
CA ASP B 21 -19.89 -2.99 6.04
C ASP B 21 -20.24 -2.97 7.52
N GLY B 22 -21.24 -3.74 7.95
CA GLY B 22 -21.59 -3.86 9.35
C GLY B 22 -22.47 -2.75 9.90
N THR B 23 -22.89 -1.80 9.06
CA THR B 23 -23.70 -0.69 9.55
C THR B 23 -25.14 -1.12 9.84
N SER B 24 -25.70 -1.97 8.99
CA SER B 24 -27.11 -2.32 9.07
C SER B 24 -27.28 -3.83 9.11
N ILE B 25 -28.44 -4.25 9.60
CA ILE B 25 -28.84 -5.65 9.61
C ILE B 25 -30.13 -5.77 8.80
N ARG B 26 -30.13 -6.64 7.80
CA ARG B 26 -31.30 -6.87 6.95
C ARG B 26 -32.01 -8.12 7.43
N ARG B 27 -33.28 -7.99 7.78
CA ARG B 27 -34.09 -9.10 8.24
C ARG B 27 -35.25 -9.33 7.29
N ARG B 28 -35.66 -10.59 7.17
CA ARG B 28 -36.85 -10.98 6.43
C ARG B 28 -37.81 -11.63 7.41
N ARG B 29 -39.03 -11.09 7.48
CA ARG B 29 -40.05 -11.52 8.42
C ARG B 29 -41.25 -12.08 7.67
N GLN B 30 -41.99 -12.95 8.34
CA GLN B 30 -43.19 -13.56 7.78
C GLN B 30 -44.33 -13.41 8.77
N CYS B 31 -45.48 -12.96 8.28
CA CYS B 31 -46.65 -12.80 9.13
C CYS B 31 -47.30 -14.15 9.40
N PRO B 32 -47.54 -14.50 10.67
CA PRO B 32 -48.12 -15.82 10.96
C PRO B 32 -49.50 -16.04 10.36
N ASP B 33 -50.31 -14.98 10.23
CA ASP B 33 -51.68 -15.17 9.77
C ASP B 33 -51.76 -15.24 8.24
N CYS B 34 -51.37 -14.16 7.56
CA CYS B 34 -51.52 -14.08 6.12
C CYS B 34 -50.39 -14.76 5.35
N SER B 35 -49.37 -15.27 6.07
CA SER B 35 -48.19 -15.92 5.45
C SER B 35 -47.60 -15.03 4.34
N ARG B 36 -47.23 -13.79 4.69
CA ARG B 36 -46.62 -12.84 3.71
C ARG B 36 -45.22 -12.44 4.20
N ARG B 37 -44.23 -12.45 3.30
CA ARG B 37 -42.83 -12.17 3.73
C ARG B 37 -42.41 -10.76 3.34
N PHE B 38 -41.87 -9.99 4.28
CA PHE B 38 -41.49 -8.56 4.04
C PHE B 38 -40.08 -8.29 4.56
N THR B 39 -39.38 -7.30 3.99
CA THR B 39 -37.96 -7.04 4.36
C THR B 39 -37.81 -5.77 5.21
N THR B 40 -37.03 -5.83 6.31
CA THR B 40 -36.77 -4.68 7.15
C THR B 40 -35.26 -4.48 7.29
N VAL B 41 -34.87 -3.24 7.54
CA VAL B 41 -33.47 -2.87 7.70
C VAL B 41 -33.31 -2.14 9.03
N GLU B 42 -32.30 -2.54 9.81
CA GLU B 42 -31.97 -1.91 11.08
C GLU B 42 -30.65 -1.18 10.94
N THR B 43 -30.65 0.10 11.29
CA THR B 43 -29.49 0.97 11.13
C THR B 43 -29.20 1.72 12.43
N CYS B 44 -27.99 2.25 12.51
CA CYS B 44 -27.55 3.10 13.62
C CYS B 44 -26.97 4.40 13.09
N SER B 45 -27.47 4.86 11.96
CA SER B 45 -26.94 6.06 11.32
C SER B 45 -27.25 7.30 12.15
N LEU B 46 -26.30 8.24 12.14
CA LEU B 46 -26.41 9.49 12.87
C LEU B 46 -25.96 10.64 11.98
N MET B 47 -26.71 11.74 11.99
CA MET B 47 -26.44 12.86 11.11
C MET B 47 -26.45 14.17 11.91
N VAL B 48 -25.59 15.10 11.51
CA VAL B 48 -25.53 16.43 12.08
C VAL B 48 -25.90 17.43 11.00
N VAL B 49 -26.75 18.39 11.36
CA VAL B 49 -27.24 19.40 10.42
C VAL B 49 -26.35 20.63 10.54
N LYS B 50 -25.60 20.91 9.48
CA LYS B 50 -24.75 22.09 9.45
C LYS B 50 -25.60 23.35 9.44
N ARG B 51 -25.01 24.45 9.93
CA ARG B 51 -25.72 25.72 9.95
C ARG B 51 -26.03 26.22 8.54
N SER B 52 -25.36 25.69 7.53
CA SER B 52 -25.65 26.03 6.14
C SER B 52 -26.85 25.29 5.58
N GLY B 53 -27.42 24.34 6.34
CA GLY B 53 -28.57 23.60 5.91
C GLY B 53 -28.31 22.24 5.32
N VAL B 54 -27.08 21.74 5.40
CA VAL B 54 -26.71 20.44 4.84
C VAL B 54 -26.46 19.47 5.99
N THR B 55 -26.99 18.26 5.86
CA THR B 55 -26.82 17.21 6.86
C THR B 55 -25.70 16.27 6.43
N GLU B 56 -24.78 15.99 7.35
CA GLU B 56 -23.64 15.12 7.06
C GLU B 56 -23.46 14.12 8.18
N PRO B 57 -22.86 12.96 7.89
CA PRO B 57 -22.70 11.93 8.93
C PRO B 57 -21.85 12.43 10.09
N PHE B 58 -22.20 11.96 11.28
CA PHE B 58 -21.48 12.34 12.48
C PHE B 58 -20.05 11.81 12.43
N SER B 59 -19.10 12.64 12.86
CA SER B 59 -17.68 12.30 12.85
C SER B 59 -17.07 12.65 14.19
N ARG B 60 -16.40 11.68 14.80
CA ARG B 60 -15.68 11.93 16.05
C ARG B 60 -14.40 12.71 15.80
N THR B 61 -13.80 12.55 14.62
CA THR B 61 -12.55 13.25 14.31
C THR B 61 -12.75 14.76 14.31
N LYS B 62 -13.88 15.24 13.76
CA LYS B 62 -14.14 16.68 13.76
C LYS B 62 -14.33 17.22 15.16
N VAL B 63 -15.01 16.47 16.02
CA VAL B 63 -15.18 16.89 17.42
C VAL B 63 -13.82 16.97 18.11
N ILE B 64 -12.96 15.97 17.88
CA ILE B 64 -11.64 15.96 18.48
C ILE B 64 -10.82 17.15 17.98
N ASN B 65 -10.88 17.43 16.68
CA ASN B 65 -10.15 18.57 16.14
C ASN B 65 -10.63 19.89 16.72
N GLY B 66 -11.95 20.05 16.84
CA GLY B 66 -12.49 21.28 17.40
C GLY B 66 -12.08 21.48 18.84
N VAL B 67 -12.19 20.43 19.66
CA VAL B 67 -11.80 20.58 21.06
C VAL B 67 -10.29 20.77 21.18
N ARG B 68 -9.51 20.17 20.29
CA ARG B 68 -8.06 20.38 20.30
C ARG B 68 -7.70 21.83 20.00
N LYS B 69 -8.36 22.42 18.98
CA LYS B 69 -8.11 23.82 18.67
C LYS B 69 -8.58 24.72 19.80
N ALA B 70 -9.71 24.39 20.43
CA ALA B 70 -10.18 25.17 21.57
C ALA B 70 -9.28 25.01 22.80
N CYS B 71 -8.50 23.94 22.87
CA CYS B 71 -7.57 23.71 23.98
C CYS B 71 -6.16 24.16 23.66
N GLN B 72 -5.98 25.05 22.68
CA GLN B 72 -4.65 25.49 22.28
C GLN B 72 -3.96 26.20 23.42
N GLY B 73 -2.69 25.86 23.65
CA GLY B 73 -1.92 26.45 24.72
C GLY B 73 -2.16 25.84 26.09
N ARG B 74 -2.93 24.76 26.17
CA ARG B 74 -3.24 24.11 27.43
C ARG B 74 -2.69 22.70 27.46
N PRO B 75 -2.37 22.17 28.65
CA PRO B 75 -1.83 20.79 28.75
C PRO B 75 -2.90 19.72 28.60
N VAL B 76 -3.21 19.38 27.35
CA VAL B 76 -4.18 18.35 27.02
C VAL B 76 -3.48 17.27 26.19
N THR B 77 -3.71 16.02 26.57
CA THR B 77 -3.11 14.89 25.88
C THR B 77 -4.05 14.35 24.80
N GLU B 78 -3.48 13.55 23.90
CA GLU B 78 -4.28 12.96 22.82
C GLU B 78 -5.21 11.87 23.34
N ASP B 79 -4.79 11.13 24.36
CA ASP B 79 -5.68 10.13 24.96
C ASP B 79 -6.91 10.80 25.58
N ALA B 80 -6.71 11.92 26.26
CA ALA B 80 -7.83 12.64 26.85
C ALA B 80 -8.77 13.16 25.77
N LEU B 81 -8.23 13.67 24.67
CA LEU B 81 -9.07 14.14 23.58
C LEU B 81 -9.86 13.01 22.95
N ALA B 82 -9.22 11.86 22.75
CA ALA B 82 -9.93 10.70 22.20
C ALA B 82 -11.05 10.24 23.13
N GLN B 83 -10.77 10.21 24.43
CA GLN B 83 -11.80 9.82 25.40
C GLN B 83 -12.95 10.83 25.40
N LEU B 84 -12.65 12.12 25.31
CA LEU B 84 -13.70 13.13 25.24
C LEU B 84 -14.54 12.95 23.98
N GLY B 85 -13.91 12.67 22.85
CA GLY B 85 -14.68 12.41 21.64
C GLY B 85 -15.57 11.19 21.77
N GLN B 86 -15.06 10.12 22.39
CA GLN B 86 -15.87 8.93 22.61
C GLN B 86 -17.07 9.25 23.51
N ARG B 87 -16.83 10.01 24.58
CA ARG B 87 -17.93 10.38 25.48
C ARG B 87 -18.97 11.23 24.77
N VAL B 88 -18.53 12.17 23.94
CA VAL B 88 -19.46 13.03 23.21
C VAL B 88 -20.30 12.19 22.25
N GLU B 89 -19.66 11.27 21.52
CA GLU B 89 -20.40 10.43 20.58
C GLU B 89 -21.40 9.54 21.31
N GLU B 90 -21.00 8.96 22.45
CA GLU B 90 -21.91 8.10 23.20
C GLU B 90 -23.09 8.90 23.74
N ALA B 91 -22.84 10.09 24.27
CA ALA B 91 -23.93 10.91 24.80
C ALA B 91 -24.88 11.36 23.69
N VAL B 92 -24.33 11.69 22.52
CA VAL B 92 -25.18 12.10 21.40
C VAL B 92 -26.07 10.94 20.95
N ARG B 93 -25.49 9.75 20.82
CA ARG B 93 -26.26 8.61 20.36
C ARG B 93 -27.28 8.15 21.39
N ALA B 94 -27.07 8.45 22.67
CA ALA B 94 -27.99 8.01 23.71
C ALA B 94 -29.37 8.66 23.58
N THR B 95 -29.45 9.82 22.92
CA THR B 95 -30.75 10.48 22.79
C THR B 95 -31.69 9.71 21.88
N GLY B 96 -31.15 8.97 20.91
CA GLY B 96 -31.96 8.20 19.99
C GLY B 96 -32.37 8.92 18.73
N SER B 97 -32.10 10.22 18.62
CA SER B 97 -32.46 10.97 17.43
C SER B 97 -31.53 10.62 16.28
N ALA B 98 -32.11 10.46 15.08
CA ALA B 98 -31.29 10.15 13.91
C ALA B 98 -30.48 11.36 13.46
N GLU B 99 -31.05 12.55 13.55
CA GLU B 99 -30.37 13.78 13.14
C GLU B 99 -30.44 14.79 14.27
N LEU B 100 -29.36 15.55 14.44
CA LEU B 100 -29.30 16.60 15.44
C LEU B 100 -28.51 17.79 14.91
N THR B 101 -28.71 18.93 15.53
CA THR B 101 -28.03 20.16 15.14
C THR B 101 -26.65 20.26 15.79
N THR B 102 -25.76 20.98 15.13
CA THR B 102 -24.41 21.17 15.65
C THR B 102 -24.41 21.96 16.96
N HIS B 103 -25.43 22.78 17.20
CA HIS B 103 -25.54 23.46 18.49
C HIS B 103 -25.70 22.45 19.63
N ASP B 104 -26.51 21.41 19.41
CA ASP B 104 -26.63 20.35 20.39
C ASP B 104 -25.31 19.59 20.55
N VAL B 105 -24.55 19.44 19.47
CA VAL B 105 -23.22 18.82 19.56
C VAL B 105 -22.32 19.64 20.46
N GLY B 106 -22.33 20.97 20.28
CA GLY B 106 -21.54 21.82 21.15
C GLY B 106 -22.00 21.77 22.59
N LEU B 107 -23.31 21.71 22.81
CA LEU B 107 -23.83 21.59 24.17
C LEU B 107 -23.38 20.28 24.81
N ALA B 108 -23.36 19.20 24.04
CA ALA B 108 -22.84 17.93 24.55
C ALA B 108 -21.35 18.03 24.87
N ILE B 109 -20.59 18.74 24.02
CA ILE B 109 -19.17 18.91 24.26
C ILE B 109 -18.94 19.69 25.55
N LEU B 110 -19.83 20.64 25.86
CA LEU B 110 -19.64 21.50 27.02
C LEU B 110 -19.50 20.73 28.33
N GLY B 111 -20.03 19.50 28.40
CA GLY B 111 -19.96 18.73 29.62
C GLY B 111 -18.56 18.23 29.94
N PRO B 112 -18.05 17.30 29.14
CA PRO B 112 -16.69 16.79 29.40
C PRO B 112 -15.60 17.85 29.29
N LEU B 113 -15.79 18.87 28.46
CA LEU B 113 -14.76 19.89 28.28
C LEU B 113 -14.49 20.64 29.58
N GLN B 114 -15.52 20.87 30.39
CA GLN B 114 -15.33 21.51 31.68
C GLN B 114 -14.44 20.67 32.58
N GLU B 115 -14.63 19.35 32.57
CA GLU B 115 -13.75 18.46 33.34
C GLU B 115 -12.35 18.41 32.74
N LEU B 116 -12.22 18.66 31.44
CA LEU B 116 -10.91 18.59 30.80
C LEU B 116 -10.07 19.81 31.16
N ASP B 117 -10.54 21.00 30.79
CA ASP B 117 -9.79 22.23 31.03
C ASP B 117 -10.77 23.38 31.20
N LEU B 118 -10.51 24.23 32.20
CA LEU B 118 -11.44 25.32 32.51
C LEU B 118 -11.33 26.47 31.51
N VAL B 119 -10.11 26.79 31.07
CA VAL B 119 -9.93 27.89 30.12
C VAL B 119 -10.59 27.57 28.78
N ALA B 120 -10.37 26.34 28.29
CA ALA B 120 -11.01 25.94 27.04
C ALA B 120 -12.52 25.88 27.20
N TYR B 121 -13.00 25.40 28.34
CA TYR B 121 -14.45 25.39 28.57
C TYR B 121 -15.02 26.79 28.55
N LEU B 122 -14.33 27.75 29.17
CA LEU B 122 -14.82 29.12 29.18
C LEU B 122 -14.84 29.71 27.78
N ARG B 123 -13.75 29.56 27.03
CA ARG B 123 -13.70 30.12 25.68
C ARG B 123 -14.56 29.35 24.68
N PHE B 124 -15.07 28.18 25.05
CA PHE B 124 -15.99 27.43 24.20
C PHE B 124 -17.45 27.75 24.54
N ALA B 125 -17.76 27.88 25.82
CA ALA B 125 -19.10 28.26 26.24
C ALA B 125 -19.38 29.73 25.94
N SER B 126 -18.35 30.57 25.86
CA SER B 126 -18.57 31.95 25.44
C SER B 126 -19.13 32.02 24.04
N VAL B 127 -18.98 30.97 23.24
CA VAL B 127 -19.57 30.89 21.92
C VAL B 127 -20.85 30.08 21.93
N TYR B 128 -20.86 28.93 22.61
CA TYR B 128 -22.02 28.05 22.55
C TYR B 128 -23.05 28.28 23.63
N ARG B 129 -22.76 29.14 24.61
CA ARG B 129 -23.79 29.59 25.55
C ARG B 129 -24.20 31.04 25.31
N ALA B 130 -23.67 31.67 24.26
CA ALA B 130 -24.07 33.00 23.82
C ALA B 130 -23.89 34.06 24.92
N PHE B 131 -22.63 34.21 25.34
CA PHE B 131 -22.29 35.29 26.26
C PHE B 131 -22.37 36.64 25.54
N ASP B 132 -22.92 37.64 26.22
CA ASP B 132 -23.17 38.94 25.60
C ASP B 132 -22.27 40.05 26.14
N SER B 133 -21.94 40.04 27.42
CA SER B 133 -21.12 41.09 28.03
C SER B 133 -20.16 40.46 29.01
N LEU B 134 -19.29 41.29 29.61
CA LEU B 134 -18.28 40.78 30.58
C LEU B 134 -18.97 40.17 31.80
N GLU B 135 -20.18 40.63 32.12
CA GLU B 135 -20.92 40.14 33.31
C GLU B 135 -21.20 38.63 33.15
N ASP B 136 -21.58 38.22 31.93
CA ASP B 136 -21.88 36.79 31.67
C ASP B 136 -20.62 35.95 31.88
N PHE B 137 -19.45 36.44 31.43
CA PHE B 137 -18.17 35.71 31.67
C PHE B 137 -17.88 35.62 33.16
N GLU B 138 -18.10 36.71 33.91
CA GLU B 138 -17.79 36.73 35.36
C GLU B 138 -18.68 35.71 36.08
N ALA B 139 -19.97 35.64 35.70
CA ALA B 139 -20.91 34.69 36.33
C ALA B 139 -20.45 33.26 36.05
N ALA B 140 -19.98 32.98 34.83
CA ALA B 140 -19.50 31.63 34.47
C ALA B 140 -18.27 31.26 35.32
N ILE B 141 -17.35 32.21 35.53
CA ILE B 141 -16.14 31.95 36.36
C ILE B 141 -16.57 31.60 37.78
N ALA B 142 -17.66 32.23 38.24
CA ALA B 142 -18.22 31.98 39.60
C ALA B 142 -18.86 30.59 39.67
N GLU B 143 -19.57 30.17 38.63
CA GLU B 143 -20.19 28.82 38.59
C GLU B 143 -19.09 27.76 38.65
N LEU B 144 -17.99 27.98 37.94
CA LEU B 144 -16.85 27.02 37.95
C LEU B 144 -16.25 26.92 39.35
N ARG B 145 -16.11 28.04 40.08
CA ARG B 145 -15.60 27.98 41.48
C ARG B 145 -16.59 27.21 42.36
N GLU B 146 -17.89 27.44 42.17
CA GLU B 146 -18.93 26.70 42.94
C GLU B 146 -18.86 25.20 42.63
N THR B 147 -18.63 24.85 41.36
CA THR B 147 -18.52 23.41 40.96
C THR B 147 -17.06 22.98 41.02
N MET C 1 14.53 30.52 31.66
CA MET C 1 15.72 30.69 30.82
C MET C 1 16.11 32.16 30.73
N HIS C 2 17.40 32.43 30.59
CA HIS C 2 17.88 33.79 30.46
C HIS C 2 17.46 34.40 29.13
N CYS C 3 17.02 35.65 29.18
CA CYS C 3 16.64 36.37 27.97
C CYS C 3 17.86 36.60 27.10
N PRO C 4 17.82 36.26 25.81
CA PRO C 4 19.02 36.44 24.96
C PRO C 4 19.47 37.88 24.84
N PHE C 5 18.57 38.85 25.00
CA PHE C 5 18.89 40.25 24.76
C PHE C 5 19.38 40.97 26.02
N CYS C 6 18.68 40.80 27.14
CA CYS C 6 18.99 41.52 28.37
C CYS C 6 19.48 40.62 29.49
N ARG C 7 19.61 39.31 29.26
CA ARG C 7 20.15 38.37 30.24
C ARG C 7 19.37 38.39 31.55
N HIS C 8 18.05 38.53 31.47
CA HIS C 8 17.22 38.48 32.67
C HIS C 8 17.25 37.08 33.26
N PRO C 9 17.20 36.93 34.59
CA PRO C 9 17.31 35.60 35.19
C PRO C 9 16.24 34.61 34.74
N ASP C 10 15.02 35.06 34.50
CA ASP C 10 13.93 34.15 34.15
C ASP C 10 13.06 34.76 33.07
N SER C 11 12.34 33.89 32.34
CA SER C 11 11.42 34.31 31.30
C SER C 11 10.17 33.43 31.38
N ARG C 12 9.08 33.94 30.82
CA ARG C 12 7.80 33.27 30.83
C ARG C 12 7.53 32.63 29.47
N VAL C 13 6.88 31.48 29.49
CA VAL C 13 6.52 30.77 28.27
C VAL C 13 5.11 31.19 27.87
N VAL C 14 4.97 31.70 26.64
CA VAL C 14 3.67 32.16 26.14
C VAL C 14 3.14 31.32 25.01
N ASP C 15 3.93 30.43 24.42
CA ASP C 15 3.43 29.53 23.40
C ASP C 15 4.24 28.24 23.41
N SER C 16 3.58 27.13 23.09
CA SER C 16 4.24 25.84 23.03
C SER C 16 3.49 24.94 22.05
N ARG C 17 4.24 24.24 21.19
CA ARG C 17 3.62 23.28 20.27
C ARG C 17 4.57 22.14 19.97
N THR C 18 4.07 20.92 20.04
CA THR C 18 4.85 19.75 19.65
C THR C 18 4.88 19.65 18.13
N THR C 19 6.05 19.30 17.60
CA THR C 19 6.22 19.21 16.15
C THR C 19 5.39 18.04 15.60
N ASP C 20 5.09 18.12 14.30
CA ASP C 20 4.24 17.12 13.67
C ASP C 20 4.88 15.73 13.76
N ASP C 21 6.18 15.62 13.51
CA ASP C 21 6.86 14.34 13.67
C ASP C 21 7.06 13.95 15.13
N GLY C 22 6.86 14.88 16.06
CA GLY C 22 6.93 14.59 17.48
C GLY C 22 8.32 14.58 18.07
N THR C 23 9.35 14.88 17.28
CA THR C 23 10.71 14.83 17.78
C THR C 23 11.02 16.02 18.69
N SER C 24 10.54 17.21 18.34
CA SER C 24 10.90 18.44 19.02
C SER C 24 9.65 19.19 19.45
N ILE C 25 9.83 20.07 20.43
CA ILE C 25 8.79 20.98 20.89
C ILE C 25 9.28 22.40 20.69
N ARG C 26 8.51 23.21 19.97
CA ARG C 26 8.85 24.61 19.71
C ARG C 26 8.08 25.48 20.69
N ARG C 27 8.81 26.28 21.46
CA ARG C 27 8.22 27.20 22.42
C ARG C 27 8.56 28.63 22.06
N ARG C 28 7.64 29.53 22.39
CA ARG C 28 7.86 30.97 22.27
C ARG C 28 7.75 31.57 23.66
N ARG C 29 8.80 32.29 24.07
CA ARG C 29 8.91 32.85 25.40
C ARG C 29 8.99 34.37 25.31
N GLN C 30 8.56 35.04 26.39
CA GLN C 30 8.59 36.49 26.47
C GLN C 30 9.27 36.89 27.77
N CYS C 31 10.20 37.83 27.68
CA CYS C 31 10.91 38.31 28.86
C CYS C 31 10.02 39.26 29.64
N PRO C 32 9.85 39.05 30.95
CA PRO C 32 8.96 39.94 31.72
C PRO C 32 9.42 41.39 31.75
N ASP C 33 10.72 41.65 31.73
CA ASP C 33 11.21 43.02 31.88
C ASP C 33 11.18 43.78 30.55
N CYS C 34 11.94 43.31 29.57
CA CYS C 34 12.07 44.04 28.31
C CYS C 34 10.93 43.76 27.33
N SER C 35 10.00 42.86 27.70
CA SER C 35 8.86 42.47 26.81
C SER C 35 9.36 42.11 25.41
N ARG C 36 10.28 41.15 25.31
CA ARG C 36 10.82 40.70 23.99
C ARG C 36 10.51 39.21 23.81
N ARG C 37 10.03 38.81 22.62
CA ARG C 37 9.61 37.40 22.41
C ARG C 37 10.66 36.65 21.58
N PHE C 38 11.08 35.47 22.06
CA PHE C 38 12.16 34.69 21.39
C PHE C 38 11.74 33.21 21.26
N THR C 39 12.27 32.50 20.26
CA THR C 39 11.83 31.10 19.99
C THR C 39 12.89 30.08 20.42
N THR C 40 12.48 29.00 21.12
CA THR C 40 13.36 27.93 21.53
C THR C 40 12.84 26.60 21.03
N VAL C 41 13.75 25.64 20.84
CA VAL C 41 13.41 24.31 20.37
C VAL C 41 13.99 23.28 21.33
N GLU C 42 13.16 22.32 21.73
CA GLU C 42 13.57 21.24 22.61
C GLU C 42 13.59 19.93 21.82
N THR C 43 14.73 19.23 21.87
CA THR C 43 14.93 18.03 21.08
C THR C 43 15.47 16.92 21.97
N CYS C 44 15.37 15.69 21.46
CA CYS C 44 15.91 14.50 22.11
C CYS C 44 16.78 13.72 21.13
N SER C 45 17.42 14.43 20.20
CA SER C 45 18.21 13.78 19.17
C SER C 45 19.46 13.13 19.77
N LEU C 46 19.84 12.00 19.19
CA LEU C 46 20.99 11.23 19.62
C LEU C 46 21.79 10.79 18.40
N MET C 47 23.11 10.91 18.46
CA MET C 47 23.97 10.60 17.33
C MET C 47 25.12 9.72 17.76
N VAL C 48 25.54 8.82 16.87
CA VAL C 48 26.70 7.96 17.07
C VAL C 48 27.73 8.30 16.03
N VAL C 49 28.99 8.42 16.47
CA VAL C 49 30.10 8.80 15.60
C VAL C 49 30.76 7.52 15.10
N LYS C 50 30.64 7.27 13.80
CA LYS C 50 31.27 6.10 13.20
C LYS C 50 32.79 6.25 13.24
N ARG C 51 33.48 5.11 13.22
CA ARG C 51 34.95 5.12 13.23
C ARG C 51 35.53 5.78 11.98
N SER C 52 34.72 5.93 10.93
CA SER C 52 35.15 6.62 9.72
C SER C 52 35.06 8.14 9.84
N GLY C 53 34.50 8.64 10.95
CA GLY C 53 34.40 10.07 11.16
C GLY C 53 33.07 10.70 10.82
N VAL C 54 32.04 9.90 10.54
CA VAL C 54 30.72 10.40 10.17
C VAL C 54 29.76 10.10 11.32
N THR C 55 28.93 11.08 11.66
CA THR C 55 27.94 10.94 12.72
C THR C 55 26.58 10.65 12.11
N GLU C 56 25.91 9.64 12.63
CA GLU C 56 24.61 9.23 12.12
C GLU C 56 23.63 9.01 13.27
N PRO C 57 22.34 9.16 13.03
CA PRO C 57 21.36 9.01 14.13
C PRO C 57 21.40 7.61 14.74
N PHE C 58 21.17 7.56 16.04
CA PHE C 58 21.17 6.29 16.76
C PHE C 58 20.02 5.40 16.27
N SER C 59 20.32 4.11 16.11
CA SER C 59 19.34 3.14 15.63
C SER C 59 19.37 1.91 16.52
N ARG C 60 18.21 1.52 17.02
CA ARG C 60 18.10 0.30 17.81
C ARG C 60 18.17 -0.95 16.93
N THR C 61 17.74 -0.82 15.67
CA THR C 61 17.77 -1.97 14.76
C THR C 61 19.19 -2.45 14.52
N LYS C 62 20.14 -1.52 14.36
CA LYS C 62 21.53 -1.91 14.14
C LYS C 62 22.11 -2.61 15.36
N VAL C 63 21.77 -2.13 16.56
CA VAL C 63 22.23 -2.80 17.78
C VAL C 63 21.66 -4.21 17.85
N ILE C 64 20.38 -4.36 17.53
CA ILE C 64 19.75 -5.68 17.57
C ILE C 64 20.41 -6.60 16.55
N ASN C 65 20.68 -6.11 15.35
CA ASN C 65 21.32 -6.92 14.32
C ASN C 65 22.72 -7.35 14.76
N GLY C 66 23.49 -6.42 15.34
CA GLY C 66 24.83 -6.76 15.78
C GLY C 66 24.83 -7.82 16.87
N VAL C 67 23.97 -7.65 17.87
CA VAL C 67 23.92 -8.63 18.95
C VAL C 67 23.38 -9.96 18.45
N ARG C 68 22.48 -9.95 17.46
CA ARG C 68 21.97 -11.18 16.87
C ARG C 68 23.07 -11.94 16.15
N LYS C 69 23.89 -11.23 15.37
CA LYS C 69 25.01 -11.87 14.69
C LYS C 69 26.03 -12.38 15.70
N ALA C 70 26.28 -11.63 16.77
CA ALA C 70 27.19 -12.09 17.80
C ALA C 70 26.64 -13.27 18.58
N CYS C 71 25.33 -13.46 18.58
CA CYS C 71 24.70 -14.58 19.27
C CYS C 71 24.42 -15.76 18.34
N GLN C 72 25.12 -15.83 17.20
CA GLN C 72 24.87 -16.90 16.25
C GLN C 72 25.18 -18.26 16.85
N GLY C 73 24.28 -19.21 16.63
CA GLY C 73 24.45 -20.55 17.17
C GLY C 73 24.03 -20.71 18.61
N ARG C 74 23.45 -19.68 19.23
CA ARG C 74 23.05 -19.71 20.61
C ARG C 74 21.53 -19.57 20.73
N PRO C 75 20.92 -20.12 21.79
CA PRO C 75 19.46 -20.02 21.97
C PRO C 75 19.01 -18.65 22.48
N VAL C 76 18.85 -17.71 21.54
CA VAL C 76 18.40 -16.35 21.85
C VAL C 76 17.12 -16.09 21.08
N THR C 77 16.12 -15.55 21.76
CA THR C 77 14.83 -15.25 21.15
C THR C 77 14.80 -13.81 20.66
N GLU C 78 13.82 -13.51 19.81
CA GLU C 78 13.66 -12.16 19.28
C GLU C 78 13.15 -11.18 20.33
N ASP C 79 12.30 -11.65 21.26
CA ASP C 79 11.85 -10.80 22.34
C ASP C 79 13.02 -10.38 23.23
N ALA C 80 13.92 -11.32 23.52
CA ALA C 80 15.10 -10.99 24.33
C ALA C 80 15.99 -9.98 23.62
N LEU C 81 16.17 -10.14 22.30
CA LEU C 81 16.99 -9.19 21.54
C LEU C 81 16.35 -7.81 21.52
N ALA C 82 15.03 -7.74 21.35
CA ALA C 82 14.35 -6.45 21.38
C ALA C 82 14.48 -5.78 22.74
N GLN C 83 14.33 -6.57 23.82
CA GLN C 83 14.48 -6.01 25.16
C GLN C 83 15.91 -5.53 25.39
N LEU C 84 16.91 -6.27 24.91
CA LEU C 84 18.29 -5.83 25.04
C LEU C 84 18.53 -4.53 24.28
N GLY C 85 17.96 -4.42 23.08
CA GLY C 85 18.08 -3.16 22.35
C GLY C 85 17.45 -2.00 23.06
N GLN C 86 16.27 -2.23 23.65
CA GLN C 86 15.60 -1.18 24.43
C GLN C 86 16.45 -0.77 25.62
N ARG C 87 17.02 -1.75 26.33
CA ARG C 87 17.87 -1.43 27.47
C ARG C 87 19.10 -0.64 27.05
N VAL C 88 19.73 -1.04 25.94
CA VAL C 88 20.91 -0.33 25.45
C VAL C 88 20.56 1.11 25.10
N GLU C 89 19.45 1.31 24.39
CA GLU C 89 19.05 2.66 24.02
C GLU C 89 18.74 3.52 25.25
N GLU C 90 18.05 2.94 26.23
CA GLU C 90 17.74 3.69 27.44
C GLU C 90 19.00 4.06 28.22
N ALA C 91 19.94 3.12 28.34
CA ALA C 91 21.18 3.40 29.06
C ALA C 91 22.01 4.45 28.33
N VAL C 92 22.04 4.40 27.01
CA VAL C 92 22.79 5.39 26.24
C VAL C 92 22.19 6.77 26.42
N ARG C 93 20.86 6.88 26.34
CA ARG C 93 20.21 8.18 26.47
C ARG C 93 20.30 8.74 27.89
N ALA C 94 20.47 7.86 28.89
CA ALA C 94 20.53 8.33 30.27
C ALA C 94 21.75 9.19 30.54
N THR C 95 22.81 9.07 29.75
CA THR C 95 24.01 9.87 29.98
C THR C 95 23.77 11.35 29.69
N GLY C 96 22.86 11.66 28.77
CA GLY C 96 22.55 13.03 28.43
C GLY C 96 23.37 13.61 27.29
N SER C 97 24.38 12.89 26.82
CA SER C 97 25.21 13.39 25.72
C SER C 97 24.44 13.31 24.40
N ALA C 98 24.57 14.35 23.59
CA ALA C 98 23.90 14.36 22.29
C ALA C 98 24.57 13.40 21.31
N GLU C 99 25.90 13.32 21.35
CA GLU C 99 26.65 12.44 20.47
C GLU C 99 27.59 11.57 21.29
N LEU C 100 27.75 10.32 20.86
CA LEU C 100 28.66 9.39 21.52
C LEU C 100 29.32 8.51 20.47
N THR C 101 30.43 7.89 20.86
CA THR C 101 31.19 7.02 19.97
C THR C 101 30.63 5.60 20.01
N THR C 102 30.84 4.87 18.91
CA THR C 102 30.36 3.49 18.83
C THR C 102 31.07 2.58 19.83
N HIS C 103 32.27 2.95 20.27
CA HIS C 103 32.94 2.18 21.31
C HIS C 103 32.14 2.23 22.61
N ASP C 104 31.60 3.41 22.95
CA ASP C 104 30.72 3.51 24.12
C ASP C 104 29.44 2.71 23.90
N VAL C 105 28.95 2.65 22.67
CA VAL C 105 27.76 1.83 22.38
C VAL C 105 28.07 0.37 22.67
N GLY C 106 29.23 -0.12 22.23
CA GLY C 106 29.62 -1.48 22.52
C GLY C 106 29.80 -1.73 24.00
N LEU C 107 30.38 -0.76 24.71
CA LEU C 107 30.53 -0.90 26.16
C LEU C 107 29.17 -0.99 26.84
N ALA C 108 28.19 -0.21 26.37
CA ALA C 108 26.84 -0.31 26.90
C ALA C 108 26.23 -1.66 26.60
N ILE C 109 26.49 -2.19 25.39
CA ILE C 109 25.97 -3.51 25.02
C ILE C 109 26.56 -4.59 25.92
N LEU C 110 27.81 -4.41 26.34
CA LEU C 110 28.50 -5.44 27.12
C LEU C 110 27.75 -5.80 28.41
N GLY C 111 26.93 -4.90 28.94
CA GLY C 111 26.22 -5.16 30.18
C GLY C 111 25.13 -6.21 30.03
N PRO C 112 24.06 -5.87 29.30
CA PRO C 112 22.97 -6.84 29.13
C PRO C 112 23.37 -8.10 28.39
N LEU C 113 24.37 -8.02 27.49
CA LEU C 113 24.77 -9.18 26.72
C LEU C 113 25.32 -10.29 27.61
N GLN C 114 26.01 -9.92 28.70
CA GLN C 114 26.50 -10.92 29.64
C GLN C 114 25.33 -11.67 30.29
N GLU C 115 24.27 -10.95 30.64
CA GLU C 115 23.08 -11.61 31.18
C GLU C 115 22.37 -12.43 30.12
N LEU C 116 22.51 -12.06 28.85
CA LEU C 116 21.83 -12.79 27.78
C LEU C 116 22.51 -14.14 27.51
N ASP C 117 23.78 -14.10 27.10
CA ASP C 117 24.51 -15.32 26.78
C ASP C 117 25.99 -15.10 27.05
N LEU C 118 26.62 -16.10 27.66
CA LEU C 118 28.02 -15.96 28.07
C LEU C 118 28.97 -16.11 26.88
N VAL C 119 28.68 -17.00 25.94
CA VAL C 119 29.54 -17.19 24.79
C VAL C 119 29.56 -15.95 23.92
N ALA C 120 28.38 -15.39 23.64
CA ALA C 120 28.31 -14.16 22.85
C ALA C 120 28.98 -13.01 23.59
N TYR C 121 28.81 -12.92 24.91
CA TYR C 121 29.47 -11.88 25.67
C TYR C 121 30.98 -12.00 25.58
N LEU C 122 31.50 -13.23 25.66
CA LEU C 122 32.95 -13.43 25.57
C LEU C 122 33.46 -13.03 24.19
N ARG C 123 32.79 -13.50 23.13
CA ARG C 123 33.26 -13.19 21.78
C ARG C 123 32.99 -11.74 21.38
N PHE C 124 32.20 -11.00 22.16
CA PHE C 124 31.96 -9.59 21.91
C PHE C 124 32.94 -8.72 22.71
N ALA C 125 33.21 -9.10 23.95
CA ALA C 125 34.19 -8.37 24.76
C ALA C 125 35.61 -8.64 24.29
N SER C 126 35.86 -9.77 23.63
CA SER C 126 37.17 -10.00 23.03
C SER C 126 37.50 -8.96 21.98
N VAL C 127 36.49 -8.30 21.43
CA VAL C 127 36.68 -7.20 20.49
C VAL C 127 36.58 -5.84 21.18
N TYR C 128 35.58 -5.66 22.04
CA TYR C 128 35.34 -4.33 22.61
C TYR C 128 36.05 -4.10 23.94
N ARG C 129 36.68 -5.12 24.52
CA ARG C 129 37.57 -4.92 25.65
C ARG C 129 39.04 -5.10 25.29
N ALA C 130 39.34 -5.32 24.00
CA ALA C 130 40.70 -5.37 23.48
C ALA C 130 41.54 -6.44 24.17
N PHE C 131 41.09 -7.69 24.02
CA PHE C 131 41.89 -8.82 24.48
C PHE C 131 43.10 -9.00 23.58
N ASP C 132 44.26 -9.29 24.18
CA ASP C 132 45.51 -9.38 23.45
C ASP C 132 46.07 -10.78 23.34
N SER C 133 45.91 -11.61 24.38
CA SER C 133 46.46 -12.96 24.38
C SER C 133 45.45 -13.90 25.03
N LEU C 134 45.78 -15.19 25.05
CA LEU C 134 44.86 -16.22 25.64
C LEU C 134 44.65 -15.95 27.13
N GLU C 135 45.64 -15.32 27.78
CA GLU C 135 45.56 -15.06 29.25
C GLU C 135 44.38 -14.13 29.54
N ASP C 136 44.18 -13.12 28.68
CA ASP C 136 43.05 -12.16 28.86
C ASP C 136 41.71 -12.90 28.74
N PHE C 137 41.60 -13.83 27.79
CA PHE C 137 40.35 -14.64 27.67
C PHE C 137 40.15 -15.49 28.92
N GLU C 138 41.22 -16.10 29.43
CA GLU C 138 41.09 -17.01 30.61
C GLU C 138 40.64 -16.18 31.82
N ALA C 139 41.17 -14.97 31.98
CA ALA C 139 40.79 -14.10 33.12
C ALA C 139 39.30 -13.74 33.01
N ALA C 140 38.83 -13.45 31.79
CA ALA C 140 37.40 -13.11 31.57
C ALA C 140 36.51 -14.30 31.94
N ILE C 141 36.92 -15.52 31.57
CA ILE C 141 36.10 -16.73 31.89
C ILE C 141 36.03 -16.88 33.42
N ALA C 142 37.10 -16.48 34.11
CA ALA C 142 37.16 -16.53 35.59
C ALA C 142 36.24 -15.48 36.22
N GLU C 143 36.20 -14.26 35.64
CA GLU C 143 35.30 -13.20 36.14
C GLU C 143 33.85 -13.64 36.00
N LEU C 144 33.51 -14.30 34.89
CA LEU C 144 32.12 -14.79 34.67
C LEU C 144 31.77 -15.85 35.72
N ARG C 145 32.68 -16.76 36.07
CA ARG C 145 32.41 -17.75 37.15
C ARG C 145 32.21 -17.04 38.48
N GLU C 146 33.02 -16.01 38.77
CA GLU C 146 32.87 -15.21 40.01
C GLU C 146 31.51 -14.51 40.03
N THR C 147 31.08 -13.97 38.88
CA THR C 147 29.77 -13.28 38.78
C THR C 147 28.69 -14.29 38.38
N MET D 1 -36.43 -4.03 -28.35
CA MET D 1 -36.73 -5.28 -27.66
C MET D 1 -38.22 -5.41 -27.40
N HIS D 2 -38.72 -6.64 -27.38
CA HIS D 2 -40.13 -6.88 -27.12
C HIS D 2 -40.48 -6.56 -25.67
N CYS D 3 -41.62 -5.90 -25.48
CA CYS D 3 -42.07 -5.58 -24.13
C CYS D 3 -42.45 -6.87 -23.40
N PRO D 4 -41.95 -7.08 -22.18
CA PRO D 4 -42.25 -8.33 -21.47
C PRO D 4 -43.73 -8.53 -21.19
N PHE D 5 -44.52 -7.45 -21.10
CA PHE D 5 -45.91 -7.56 -20.70
C PHE D 5 -46.86 -7.72 -21.89
N CYS D 6 -46.69 -6.90 -22.92
CA CYS D 6 -47.61 -6.90 -24.05
C CYS D 6 -46.97 -7.38 -25.35
N ARG D 7 -45.69 -7.76 -25.33
CA ARG D 7 -44.99 -8.30 -26.50
C ARG D 7 -45.02 -7.35 -27.69
N HIS D 8 -44.89 -6.05 -27.43
CA HIS D 8 -44.84 -5.08 -28.51
C HIS D 8 -43.54 -5.26 -29.30
N PRO D 9 -43.56 -5.04 -30.62
CA PRO D 9 -42.35 -5.30 -31.41
C PRO D 9 -41.13 -4.50 -31.00
N ASP D 10 -41.28 -3.26 -30.53
CA ASP D 10 -40.14 -2.43 -30.20
C ASP D 10 -40.43 -1.62 -28.93
N SER D 11 -39.36 -1.20 -28.27
CA SER D 11 -39.46 -0.37 -27.07
C SER D 11 -38.37 0.68 -27.11
N ARG D 12 -38.59 1.76 -26.36
CA ARG D 12 -37.67 2.89 -26.31
C ARG D 12 -36.84 2.84 -25.04
N VAL D 13 -35.58 3.27 -25.14
CA VAL D 13 -34.68 3.31 -24.01
C VAL D 13 -34.76 4.69 -23.38
N VAL D 14 -35.08 4.74 -22.09
CA VAL D 14 -35.22 6.00 -21.37
C VAL D 14 -34.15 6.21 -20.32
N ASP D 15 -33.38 5.19 -19.97
CA ASP D 15 -32.28 5.37 -19.04
C ASP D 15 -31.18 4.36 -19.33
N SER D 16 -29.94 4.76 -19.10
CA SER D 16 -28.79 3.87 -19.31
C SER D 16 -27.65 4.29 -18.40
N ARG D 17 -27.01 3.32 -17.75
CA ARG D 17 -25.85 3.61 -16.91
C ARG D 17 -24.90 2.43 -16.91
N THR D 18 -23.62 2.71 -17.09
CA THR D 18 -22.58 1.69 -16.96
C THR D 18 -22.30 1.41 -15.50
N THR D 19 -22.13 0.13 -15.17
CA THR D 19 -21.90 -0.27 -13.79
C THR D 19 -20.54 0.26 -13.32
N ASP D 20 -20.40 0.37 -11.99
CA ASP D 20 -19.17 0.92 -11.42
C ASP D 20 -17.95 0.07 -11.79
N ASP D 21 -18.08 -1.26 -11.73
CA ASP D 21 -16.98 -2.12 -12.15
C ASP D 21 -16.83 -2.16 -13.67
N GLY D 22 -17.81 -1.67 -14.42
CA GLY D 22 -17.71 -1.58 -15.86
C GLY D 22 -18.04 -2.84 -16.62
N THR D 23 -18.45 -3.92 -15.92
CA THR D 23 -18.73 -5.18 -16.60
C THR D 23 -20.06 -5.12 -17.34
N SER D 24 -21.07 -4.49 -16.76
CA SER D 24 -22.42 -4.52 -17.30
C SER D 24 -22.96 -3.11 -17.45
N ILE D 25 -23.98 -2.98 -18.31
CA ILE D 25 -24.71 -1.73 -18.49
C ILE D 25 -26.17 -2.00 -18.15
N ARG D 26 -26.71 -1.20 -17.23
CA ARG D 26 -28.10 -1.33 -16.81
C ARG D 26 -28.93 -0.28 -17.55
N ARG D 27 -29.95 -0.73 -18.27
CA ARG D 27 -30.83 0.15 -19.01
C ARG D 27 -32.25 0.02 -18.48
N ARG D 28 -32.98 1.12 -18.56
CA ARG D 28 -34.41 1.15 -18.26
C ARG D 28 -35.15 1.57 -19.52
N ARG D 29 -36.10 0.73 -19.95
CA ARG D 29 -36.83 0.92 -21.18
C ARG D 29 -38.31 1.11 -20.88
N GLN D 30 -39.00 1.80 -21.78
CA GLN D 30 -40.43 2.05 -21.67
C GLN D 30 -41.12 1.64 -22.96
N CYS D 31 -42.21 0.89 -22.84
CA CYS D 31 -42.95 0.46 -24.02
C CYS D 31 -43.81 1.61 -24.53
N PRO D 32 -43.72 1.95 -25.83
CA PRO D 32 -44.51 3.08 -26.34
C PRO D 32 -46.01 2.90 -26.21
N ASP D 33 -46.52 1.67 -26.31
CA ASP D 33 -47.96 1.47 -26.32
C ASP D 33 -48.53 1.43 -24.91
N CYS D 34 -48.11 0.46 -24.10
CA CYS D 34 -48.69 0.28 -22.77
C CYS D 34 -48.07 1.19 -21.71
N SER D 35 -47.06 1.99 -22.10
CA SER D 35 -46.35 2.90 -21.14
C SER D 35 -45.93 2.13 -19.88
N ARG D 36 -45.16 1.06 -20.04
CA ARG D 36 -44.66 0.26 -18.88
C ARG D 36 -43.13 0.26 -18.88
N ARG D 37 -42.52 0.48 -17.72
CA ARG D 37 -41.04 0.61 -17.66
C ARG D 37 -40.40 -0.66 -17.09
N PHE D 38 -39.40 -1.22 -17.78
CA PHE D 38 -38.77 -2.50 -17.38
C PHE D 38 -37.23 -2.38 -17.41
N THR D 39 -36.52 -3.17 -16.60
CA THR D 39 -35.04 -3.03 -16.49
C THR D 39 -34.30 -4.18 -17.19
N THR D 40 -33.27 -3.87 -17.99
CA THR D 40 -32.45 -4.86 -18.66
C THR D 40 -30.99 -4.66 -18.29
N VAL D 41 -30.21 -5.74 -18.36
CA VAL D 41 -28.79 -5.72 -18.05
C VAL D 41 -28.03 -6.32 -19.23
N GLU D 42 -26.98 -5.63 -19.66
CA GLU D 42 -26.10 -6.09 -20.73
C GLU D 42 -24.75 -6.46 -20.15
N THR D 43 -24.30 -7.68 -20.44
CA THR D 43 -23.07 -8.21 -19.87
C THR D 43 -22.20 -8.79 -20.98
N CYS D 44 -20.92 -9.00 -20.65
CA CYS D 44 -19.95 -9.65 -21.52
C CYS D 44 -19.24 -10.77 -20.79
N SER D 45 -19.95 -11.40 -19.85
CA SER D 45 -19.35 -12.45 -19.03
C SER D 45 -19.04 -13.69 -19.86
N LEU D 46 -17.93 -14.34 -19.51
CA LEU D 46 -17.47 -15.54 -20.18
C LEU D 46 -17.04 -16.57 -19.15
N MET D 47 -17.43 -17.82 -19.36
CA MET D 47 -17.16 -18.89 -18.40
C MET D 47 -16.58 -20.10 -19.10
N VAL D 48 -15.68 -20.80 -18.41
CA VAL D 48 -15.10 -22.04 -18.88
C VAL D 48 -15.52 -23.15 -17.92
N VAL D 49 -15.92 -24.28 -18.50
CA VAL D 49 -16.40 -25.43 -17.73
C VAL D 49 -15.23 -26.36 -17.50
N LYS D 50 -14.80 -26.50 -16.25
CA LYS D 50 -13.73 -27.40 -15.91
C LYS D 50 -14.17 -28.85 -16.11
N ARG D 51 -13.19 -29.73 -16.35
CA ARG D 51 -13.50 -31.14 -16.54
C ARG D 51 -14.10 -31.77 -15.29
N SER D 52 -13.95 -31.13 -14.13
CA SER D 52 -14.57 -31.60 -12.90
C SER D 52 -16.03 -31.22 -12.78
N GLY D 53 -16.55 -30.43 -13.72
CA GLY D 53 -17.95 -30.04 -13.71
C GLY D 53 -18.25 -28.68 -13.13
N VAL D 54 -17.24 -27.87 -12.83
CA VAL D 54 -17.41 -26.55 -12.23
C VAL D 54 -17.09 -25.50 -13.29
N THR D 55 -17.91 -24.47 -13.37
CA THR D 55 -17.72 -23.37 -14.31
C THR D 55 -17.09 -22.19 -13.59
N GLU D 56 -16.03 -21.64 -14.17
CA GLU D 56 -15.32 -20.52 -13.58
C GLU D 56 -15.06 -19.44 -14.61
N PRO D 57 -14.91 -18.19 -14.20
CA PRO D 57 -14.71 -17.11 -15.17
C PRO D 57 -13.44 -17.30 -15.97
N PHE D 58 -13.50 -16.90 -17.25
CA PHE D 58 -12.35 -17.02 -18.13
C PHE D 58 -11.20 -16.14 -17.64
N SER D 59 -9.99 -16.67 -17.70
CA SER D 59 -8.79 -15.97 -17.26
C SER D 59 -7.71 -16.09 -18.32
N ARG D 60 -7.16 -14.94 -18.73
CA ARG D 60 -6.04 -14.94 -19.67
C ARG D 60 -4.74 -15.36 -19.00
N THR D 61 -4.61 -15.11 -17.69
CA THR D 61 -3.40 -15.48 -16.98
C THR D 61 -3.18 -16.98 -16.98
N LYS D 62 -4.26 -17.75 -16.80
CA LYS D 62 -4.12 -19.22 -16.81
C LYS D 62 -3.71 -19.73 -18.18
N VAL D 63 -4.25 -19.13 -19.26
CA VAL D 63 -3.84 -19.51 -20.61
C VAL D 63 -2.36 -19.21 -20.81
N ILE D 64 -1.93 -18.03 -20.37
CA ILE D 64 -0.53 -17.65 -20.52
C ILE D 64 0.37 -18.60 -19.75
N ASN D 65 -0.02 -18.95 -18.51
CA ASN D 65 0.77 -19.88 -17.71
C ASN D 65 0.86 -21.26 -18.38
N GLY D 66 -0.27 -21.75 -18.90
CA GLY D 66 -0.26 -23.04 -19.55
C GLY D 66 0.63 -23.07 -20.77
N VAL D 67 0.52 -22.04 -21.63
CA VAL D 67 1.36 -22.02 -22.82
C VAL D 67 2.82 -21.81 -22.46
N ARG D 68 3.10 -21.07 -21.38
CA ARG D 68 4.48 -20.89 -20.92
C ARG D 68 5.08 -22.21 -20.46
N LYS D 69 4.32 -22.99 -19.69
CA LYS D 69 4.81 -24.29 -19.26
C LYS D 69 4.99 -25.23 -20.44
N ALA D 70 4.07 -25.18 -21.42
CA ALA D 70 4.21 -26.00 -22.61
C ALA D 70 5.37 -25.56 -23.49
N CYS D 71 5.83 -24.31 -23.35
CA CYS D 71 6.96 -23.80 -24.12
C CYS D 71 8.28 -23.87 -23.34
N GLN D 72 8.35 -24.73 -22.33
CA GLN D 72 9.55 -24.81 -21.50
C GLN D 72 10.74 -25.27 -22.34
N GLY D 73 11.87 -24.61 -22.15
CA GLY D 73 13.07 -24.92 -22.91
C GLY D 73 13.13 -24.33 -24.29
N ARG D 74 12.17 -23.49 -24.66
CA ARG D 74 12.11 -22.90 -25.99
C ARG D 74 12.24 -21.38 -25.89
N PRO D 75 12.79 -20.74 -26.93
CA PRO D 75 12.95 -19.26 -26.92
C PRO D 75 11.64 -18.51 -27.16
N VAL D 76 10.87 -18.32 -26.08
CA VAL D 76 9.61 -17.60 -26.12
C VAL D 76 9.69 -16.42 -25.17
N THR D 77 9.28 -15.25 -25.64
CA THR D 77 9.32 -14.03 -24.84
C THR D 77 7.98 -13.81 -24.14
N GLU D 78 7.99 -12.93 -23.15
CA GLU D 78 6.77 -12.62 -22.41
C GLU D 78 5.79 -11.79 -23.24
N ASP D 79 6.30 -10.92 -24.10
CA ASP D 79 5.42 -10.16 -24.99
C ASP D 79 4.69 -11.09 -25.94
N ALA D 80 5.38 -12.10 -26.48
CA ALA D 80 4.73 -13.07 -27.37
C ALA D 80 3.66 -13.85 -26.63
N LEU D 81 3.95 -14.25 -25.38
CA LEU D 81 2.96 -15.00 -24.61
C LEU D 81 1.74 -14.13 -24.30
N ALA D 82 1.95 -12.86 -23.95
CA ALA D 82 0.82 -11.97 -23.71
C ALA D 82 -0.02 -11.77 -24.96
N GLN D 83 0.64 -11.60 -26.11
CA GLN D 83 -0.09 -11.45 -27.36
C GLN D 83 -0.87 -12.72 -27.70
N LEU D 84 -0.27 -13.89 -27.45
CA LEU D 84 -0.99 -15.14 -27.69
C LEU D 84 -2.21 -15.25 -26.78
N GLY D 85 -2.07 -14.87 -25.52
CA GLY D 85 -3.23 -14.87 -24.63
C GLY D 85 -4.33 -13.93 -25.09
N GLN D 86 -3.93 -12.73 -25.54
CA GLN D 86 -4.92 -11.79 -26.07
C GLN D 86 -5.64 -12.37 -27.29
N ARG D 87 -4.88 -12.99 -28.19
CA ARG D 87 -5.50 -13.59 -29.38
C ARG D 87 -6.45 -14.71 -29.01
N VAL D 88 -6.05 -15.55 -28.04
CA VAL D 88 -6.92 -16.65 -27.61
C VAL D 88 -8.21 -16.11 -27.01
N GLU D 89 -8.10 -15.09 -26.15
CA GLU D 89 -9.29 -14.51 -25.54
C GLU D 89 -10.20 -13.89 -26.58
N GLU D 90 -9.62 -13.17 -27.54
CA GLU D 90 -10.44 -12.55 -28.59
C GLU D 90 -11.14 -13.60 -29.43
N ALA D 91 -10.43 -14.66 -29.82
CA ALA D 91 -11.04 -15.71 -30.63
C ALA D 91 -12.14 -16.44 -29.87
N VAL D 92 -11.93 -16.67 -28.57
CA VAL D 92 -12.94 -17.34 -27.77
C VAL D 92 -14.20 -16.48 -27.66
N ARG D 93 -14.03 -15.18 -27.41
CA ARG D 93 -15.19 -14.30 -27.26
C ARG D 93 -15.90 -14.07 -28.59
N ALA D 94 -15.22 -14.25 -29.72
CA ALA D 94 -15.85 -14.02 -31.01
C ALA D 94 -16.97 -15.02 -31.31
N THR D 95 -16.96 -16.19 -30.67
CA THR D 95 -18.00 -17.17 -30.93
C THR D 95 -19.35 -16.72 -30.39
N GLY D 96 -19.37 -15.92 -29.33
CA GLY D 96 -20.60 -15.42 -28.76
C GLY D 96 -21.19 -16.28 -27.66
N SER D 97 -20.63 -17.47 -27.42
CA SER D 97 -21.15 -18.34 -26.38
C SER D 97 -20.75 -17.82 -25.00
N ALA D 98 -21.69 -17.87 -24.06
CA ALA D 98 -21.42 -17.41 -22.71
C ALA D 98 -20.49 -18.38 -21.97
N GLU D 99 -20.67 -19.68 -22.18
CA GLU D 99 -19.87 -20.70 -21.53
C GLU D 99 -19.30 -21.64 -22.59
N LEU D 100 -18.06 -22.08 -22.36
CA LEU D 100 -17.42 -23.03 -23.27
C LEU D 100 -16.56 -23.99 -22.45
N THR D 101 -16.23 -25.13 -23.06
CA THR D 101 -15.42 -26.14 -22.42
C THR D 101 -13.93 -25.85 -22.59
N THR D 102 -13.14 -26.35 -21.64
CA THR D 102 -11.69 -26.15 -21.71
C THR D 102 -11.06 -26.84 -22.91
N HIS D 103 -11.71 -27.89 -23.44
CA HIS D 103 -11.22 -28.51 -24.66
C HIS D 103 -11.27 -27.54 -25.82
N ASP D 104 -12.34 -26.76 -25.92
CA ASP D 104 -12.42 -25.71 -26.94
C ASP D 104 -11.37 -24.63 -26.70
N VAL D 105 -11.05 -24.34 -25.43
CA VAL D 105 -9.99 -23.39 -25.12
C VAL D 105 -8.65 -23.91 -25.65
N GLY D 106 -8.37 -25.19 -25.43
CA GLY D 106 -7.15 -25.76 -25.97
C GLY D 106 -7.12 -25.77 -27.48
N LEU D 107 -8.27 -26.05 -28.11
CA LEU D 107 -8.34 -26.01 -29.57
C LEU D 107 -8.07 -24.60 -30.09
N ALA D 108 -8.57 -23.58 -29.39
CA ALA D 108 -8.28 -22.20 -29.76
C ALA D 108 -6.81 -21.89 -29.58
N ILE D 109 -6.20 -22.41 -28.51
CA ILE D 109 -4.77 -22.20 -28.27
C ILE D 109 -3.94 -22.83 -29.39
N LEU D 110 -4.41 -23.96 -29.93
CA LEU D 110 -3.65 -24.69 -30.94
C LEU D 110 -3.30 -23.84 -32.16
N GLY D 111 -4.08 -22.81 -32.45
CA GLY D 111 -3.83 -21.97 -33.61
C GLY D 111 -2.59 -21.12 -33.49
N PRO D 112 -2.62 -20.13 -32.60
CA PRO D 112 -1.44 -19.26 -32.43
C PRO D 112 -0.20 -20.00 -31.94
N LEU D 113 -0.37 -21.08 -31.17
CA LEU D 113 0.78 -21.80 -30.64
C LEU D 113 1.63 -22.39 -31.75
N GLN D 114 1.01 -22.84 -32.84
CA GLN D 114 1.78 -23.35 -33.98
C GLN D 114 2.65 -22.26 -34.58
N GLU D 115 2.13 -21.04 -34.68
CA GLU D 115 2.93 -19.93 -35.16
C GLU D 115 4.00 -19.53 -34.16
N LEU D 116 3.77 -19.79 -32.87
CA LEU D 116 4.75 -19.42 -31.86
C LEU D 116 5.95 -20.36 -31.86
N ASP D 117 5.72 -21.65 -31.62
CA ASP D 117 6.80 -22.62 -31.56
C ASP D 117 6.26 -23.98 -31.98
N LEU D 118 7.04 -24.69 -32.82
CA LEU D 118 6.58 -25.96 -33.36
C LEU D 118 6.68 -27.08 -32.34
N VAL D 119 7.72 -27.10 -31.50
CA VAL D 119 7.87 -28.15 -30.51
C VAL D 119 6.76 -28.07 -29.47
N ALA D 120 6.48 -26.87 -28.97
CA ALA D 120 5.39 -26.69 -28.02
C ALA D 120 4.05 -27.04 -28.65
N TYR D 121 3.85 -26.65 -29.91
CA TYR D 121 2.61 -27.00 -30.59
C TYR D 121 2.44 -28.51 -30.70
N LEU D 122 3.52 -29.22 -31.02
CA LEU D 122 3.44 -30.67 -31.14
C LEU D 122 3.12 -31.31 -29.79
N ARG D 123 3.84 -30.90 -28.73
CA ARG D 123 3.61 -31.50 -27.43
C ARG D 123 2.31 -31.03 -26.78
N PHE D 124 1.65 -30.01 -27.34
CA PHE D 124 0.35 -29.58 -26.86
C PHE D 124 -0.79 -30.25 -27.63
N ALA D 125 -0.63 -30.40 -28.95
CA ALA D 125 -1.62 -31.11 -29.75
C ALA D 125 -1.58 -32.60 -29.50
N SER D 126 -0.45 -33.14 -29.05
CA SER D 126 -0.41 -34.55 -28.66
C SER D 126 -1.37 -34.84 -27.51
N VAL D 127 -1.74 -33.82 -26.75
CA VAL D 127 -2.73 -33.95 -25.69
C VAL D 127 -4.12 -33.50 -26.16
N TYR D 128 -4.20 -32.38 -26.85
CA TYR D 128 -5.51 -31.83 -27.18
C TYR D 128 -6.04 -32.27 -28.55
N ARG D 129 -5.24 -32.98 -29.33
CA ARG D 129 -5.75 -33.64 -30.53
C ARG D 129 -5.83 -35.15 -30.38
N ALA D 130 -5.51 -35.68 -29.19
CA ALA D 130 -5.67 -37.09 -28.85
C ALA D 130 -4.87 -37.99 -29.79
N PHE D 131 -3.55 -37.81 -29.78
CA PHE D 131 -2.67 -38.72 -30.50
C PHE D 131 -2.62 -40.06 -29.78
N ASP D 132 -2.64 -41.14 -30.55
CA ASP D 132 -2.72 -42.49 -30.00
C ASP D 132 -1.45 -43.30 -30.18
N SER D 133 -0.74 -43.14 -31.29
CA SER D 133 0.48 -43.91 -31.57
C SER D 133 1.51 -43.00 -32.22
N LEU D 134 2.70 -43.55 -32.47
CA LEU D 134 3.80 -42.75 -33.08
C LEU D 134 3.40 -42.28 -34.48
N GLU D 135 2.51 -43.02 -35.16
CA GLU D 135 2.10 -42.68 -36.54
C GLU D 135 1.39 -41.33 -36.53
N ASP D 136 0.55 -41.07 -35.53
CA ASP D 136 -0.18 -39.78 -35.42
C ASP D 136 0.82 -38.64 -35.25
N PHE D 137 1.87 -38.83 -34.44
CA PHE D 137 2.90 -37.78 -34.29
C PHE D 137 3.62 -37.54 -35.61
N GLU D 138 3.95 -38.62 -36.34
CA GLU D 138 4.70 -38.49 -37.62
C GLU D 138 3.85 -37.71 -38.63
N ALA D 139 2.55 -38.00 -38.68
CA ALA D 139 1.64 -37.29 -39.61
C ALA D 139 1.59 -35.80 -39.27
N ALA D 140 1.56 -35.47 -37.97
CA ALA D 140 1.52 -34.06 -37.53
C ALA D 140 2.81 -33.34 -37.95
N ILE D 141 3.96 -34.01 -37.83
CA ILE D 141 5.26 -33.40 -38.23
C ILE D 141 5.23 -33.12 -39.73
N ALA D 142 4.56 -33.99 -40.48
CA ALA D 142 4.41 -33.83 -41.96
C ALA D 142 3.49 -32.65 -42.29
N GLU D 143 2.40 -32.48 -41.55
CA GLU D 143 1.47 -31.35 -41.77
C GLU D 143 2.21 -30.04 -41.52
N LEU D 144 3.04 -29.99 -40.48
CA LEU D 144 3.82 -28.76 -40.17
C LEU D 144 4.80 -28.45 -41.31
N ARG D 145 5.45 -29.45 -41.90
CA ARG D 145 6.34 -29.20 -43.07
C ARG D 145 5.52 -28.67 -44.25
N GLU D 146 4.33 -29.24 -44.48
CA GLU D 146 3.44 -28.77 -45.57
C GLU D 146 3.02 -27.32 -45.31
N THR D 147 2.72 -26.98 -44.05
CA THR D 147 2.31 -25.59 -43.70
C THR D 147 3.55 -24.78 -43.31
N MET E 1 13.51 43.01 -10.56
CA MET E 1 12.58 43.46 -9.55
C MET E 1 13.18 44.59 -8.71
N HIS E 2 12.33 45.49 -8.24
CA HIS E 2 12.79 46.59 -7.40
C HIS E 2 13.26 46.09 -6.04
N CYS E 3 14.37 46.62 -5.57
CA CYS E 3 14.89 46.26 -4.26
C CYS E 3 13.95 46.77 -3.18
N PRO E 4 13.53 45.92 -2.23
CA PRO E 4 12.59 46.38 -1.20
C PRO E 4 13.12 47.52 -0.34
N PHE E 5 14.44 47.63 -0.19
CA PHE E 5 15.02 48.60 0.73
C PHE E 5 15.32 49.94 0.06
N CYS E 6 15.95 49.93 -1.11
CA CYS E 6 16.37 51.15 -1.78
C CYS E 6 15.64 51.42 -3.08
N ARG E 7 14.69 50.57 -3.47
CA ARG E 7 13.87 50.76 -4.66
C ARG E 7 14.71 50.90 -5.93
N HIS E 8 15.79 50.14 -6.02
CA HIS E 8 16.61 50.15 -7.24
C HIS E 8 15.82 49.56 -8.40
N PRO E 9 16.01 50.07 -9.63
CA PRO E 9 15.19 49.57 -10.75
C PRO E 9 15.31 48.08 -11.02
N ASP E 10 16.49 47.49 -10.81
CA ASP E 10 16.68 46.08 -11.13
C ASP E 10 17.54 45.41 -10.06
N SER E 11 17.41 44.09 -9.97
CA SER E 11 18.19 43.29 -9.05
C SER E 11 18.60 42.00 -9.73
N ARG E 12 19.66 41.38 -9.21
CA ARG E 12 20.22 40.15 -9.77
C ARG E 12 19.79 38.95 -8.94
N VAL E 13 19.57 37.82 -9.61
CA VAL E 13 19.17 36.59 -8.95
C VAL E 13 20.44 35.79 -8.65
N VAL E 14 20.65 35.45 -7.38
CA VAL E 14 21.83 34.71 -6.96
C VAL E 14 21.51 33.30 -6.48
N ASP E 15 20.24 32.98 -6.24
CA ASP E 15 19.89 31.62 -5.86
C ASP E 15 18.47 31.32 -6.32
N SER E 16 18.23 30.06 -6.68
CA SER E 16 16.91 29.63 -7.12
C SER E 16 16.75 28.14 -6.83
N ARG E 17 15.59 27.76 -6.28
CA ARG E 17 15.30 26.35 -6.03
C ARG E 17 13.81 26.09 -6.14
N THR E 18 13.45 25.04 -6.87
CA THR E 18 12.06 24.60 -6.93
C THR E 18 11.69 23.85 -5.66
N THR E 19 10.49 24.11 -5.15
CA THR E 19 10.04 23.48 -3.91
C THR E 19 9.86 21.98 -4.13
N ASP E 20 9.91 21.23 -3.02
CA ASP E 20 9.80 19.77 -3.10
C ASP E 20 8.49 19.34 -3.72
N ASP E 21 7.37 19.97 -3.32
CA ASP E 21 6.09 19.66 -3.92
C ASP E 21 5.96 20.22 -5.34
N GLY E 22 6.86 21.12 -5.75
CA GLY E 22 6.87 21.64 -7.09
C GLY E 22 5.91 22.78 -7.36
N THR E 23 5.17 23.24 -6.36
CA THR E 23 4.19 24.29 -6.57
C THR E 23 4.86 25.66 -6.74
N SER E 24 5.90 25.93 -5.97
CA SER E 24 6.51 27.25 -5.92
C SER E 24 8.01 27.15 -6.17
N ILE E 25 8.61 28.27 -6.56
CA ILE E 25 10.05 28.41 -6.73
C ILE E 25 10.52 29.51 -5.80
N ARG E 26 11.48 29.20 -4.93
CA ARG E 26 12.03 30.17 -4.01
C ARG E 26 13.34 30.70 -4.58
N ARG E 27 13.43 32.02 -4.73
CA ARG E 27 14.61 32.67 -5.25
C ARG E 27 15.18 33.61 -4.20
N ARG E 28 16.50 33.76 -4.23
CA ARG E 28 17.21 34.74 -3.42
C ARG E 28 17.92 35.71 -4.36
N ARG E 29 17.63 37.00 -4.20
CA ARG E 29 18.14 38.05 -5.06
C ARG E 29 19.01 39.00 -4.26
N GLN E 30 19.93 39.66 -4.95
CA GLN E 30 20.84 40.63 -4.35
C GLN E 30 20.80 41.92 -5.16
N CYS E 31 20.65 43.04 -4.47
CA CYS E 31 20.62 44.33 -5.15
C CYS E 31 22.04 44.75 -5.53
N PRO E 32 22.27 45.11 -6.79
CA PRO E 32 23.64 45.49 -7.21
C PRO E 32 24.20 46.69 -6.47
N ASP E 33 23.36 47.66 -6.10
CA ASP E 33 23.87 48.89 -5.50
C ASP E 33 24.13 48.73 -4.00
N CYS E 34 23.08 48.45 -3.24
CA CYS E 34 23.22 48.39 -1.78
C CYS E 34 23.73 47.05 -1.27
N SER E 35 23.94 46.08 -2.18
CA SER E 35 24.41 44.71 -1.79
C SER E 35 23.56 44.15 -0.65
N ARG E 36 22.24 44.07 -0.86
CA ARG E 36 21.31 43.51 0.17
C ARG E 36 20.59 42.29 -0.42
N ARG E 37 20.50 41.19 0.33
CA ARG E 37 19.90 39.95 -0.23
C ARG E 37 18.48 39.73 0.33
N PHE E 38 17.51 39.48 -0.55
CA PHE E 38 16.08 39.34 -0.14
C PHE E 38 15.47 38.09 -0.80
N THR E 39 14.45 37.50 -0.17
CA THR E 39 13.86 36.23 -0.68
C THR E 39 12.49 36.45 -1.34
N THR E 40 12.26 35.84 -2.52
CA THR E 40 10.98 35.92 -3.22
C THR E 40 10.48 34.52 -3.49
N VAL E 41 9.15 34.39 -3.62
CA VAL E 41 8.49 33.13 -3.89
C VAL E 41 7.60 33.30 -5.10
N GLU E 42 7.69 32.36 -6.04
CA GLU E 42 6.86 32.34 -7.25
C GLU E 42 5.89 31.17 -7.17
N THR E 43 4.60 31.45 -7.32
CA THR E 43 3.55 30.46 -7.17
C THR E 43 2.62 30.51 -8.37
N CYS E 44 1.83 29.44 -8.52
CA CYS E 44 0.80 29.34 -9.53
C CYS E 44 -0.53 28.93 -8.91
N SER E 45 -0.73 29.34 -7.66
CA SER E 45 -1.93 28.95 -6.92
C SER E 45 -3.17 29.60 -7.52
N LEU E 46 -4.28 28.85 -7.48
CA LEU E 46 -5.56 29.28 -8.01
C LEU E 46 -6.66 28.92 -7.02
N MET E 47 -7.58 29.86 -6.77
CA MET E 47 -8.63 29.67 -5.79
C MET E 47 -9.99 30.04 -6.37
N VAL E 48 -11.01 29.31 -5.94
CA VAL E 48 -12.39 29.58 -6.31
C VAL E 48 -13.16 29.96 -5.06
N VAL E 49 -13.96 31.01 -5.17
CA VAL E 49 -14.73 31.54 -4.04
C VAL E 49 -16.11 30.91 -4.09
N LYS E 50 -16.42 30.08 -3.10
CA LYS E 50 -17.73 29.46 -3.01
C LYS E 50 -18.79 30.52 -2.70
N ARG E 51 -20.03 30.22 -3.10
CA ARG E 51 -21.13 31.15 -2.84
C ARG E 51 -21.39 31.33 -1.35
N SER E 52 -20.88 30.43 -0.51
CA SER E 52 -20.98 30.57 0.93
C SER E 52 -19.95 31.52 1.52
N GLY E 53 -19.01 32.01 0.71
CA GLY E 53 -18.01 32.94 1.16
C GLY E 53 -16.67 32.34 1.51
N VAL E 54 -16.43 31.07 1.20
CA VAL E 54 -15.18 30.39 1.52
C VAL E 54 -14.42 30.14 0.22
N THR E 55 -13.12 30.41 0.23
CA THR E 55 -12.27 30.20 -0.93
C THR E 55 -11.52 28.89 -0.78
N GLU E 56 -11.54 28.07 -1.83
CA GLU E 56 -10.89 26.77 -1.81
C GLU E 56 -10.09 26.57 -3.09
N PRO E 57 -9.04 25.73 -3.04
CA PRO E 57 -8.20 25.54 -4.23
C PRO E 57 -8.99 24.98 -5.40
N PHE E 58 -8.62 25.42 -6.60
CA PHE E 58 -9.28 24.95 -7.81
C PHE E 58 -9.04 23.46 -8.00
N SER E 59 -10.10 22.76 -8.41
CA SER E 59 -10.03 21.31 -8.63
C SER E 59 -10.67 20.97 -9.97
N ARG E 60 -9.94 20.23 -10.80
CA ARG E 60 -10.47 19.77 -12.07
C ARG E 60 -11.46 18.63 -11.88
N THR E 61 -11.29 17.84 -10.81
CA THR E 61 -12.18 16.72 -10.55
C THR E 61 -13.61 17.18 -10.31
N LYS E 62 -13.78 18.28 -9.56
CA LYS E 62 -15.11 18.80 -9.31
C LYS E 62 -15.78 19.29 -10.59
N VAL E 63 -15.01 19.94 -11.46
CA VAL E 63 -15.56 20.39 -12.75
C VAL E 63 -15.99 19.18 -13.58
N ILE E 64 -15.16 18.13 -13.60
CA ILE E 64 -15.50 16.93 -14.36
C ILE E 64 -16.76 16.28 -13.79
N ASN E 65 -16.86 16.20 -12.47
CA ASN E 65 -18.06 15.61 -11.86
C ASN E 65 -19.30 16.42 -12.17
N GLY E 66 -19.20 17.75 -12.11
CA GLY E 66 -20.36 18.58 -12.41
C GLY E 66 -20.82 18.43 -13.85
N VAL E 67 -19.88 18.46 -14.80
CA VAL E 67 -20.26 18.31 -16.19
C VAL E 67 -20.77 16.91 -16.47
N ARG E 68 -20.24 15.90 -15.77
CA ARG E 68 -20.73 14.53 -15.94
C ARG E 68 -22.17 14.41 -15.47
N LYS E 69 -22.49 15.00 -14.30
CA LYS E 69 -23.87 14.97 -13.82
C LYS E 69 -24.79 15.76 -14.74
N ALA E 70 -24.32 16.89 -15.29
CA ALA E 70 -25.12 17.65 -16.23
C ALA E 70 -25.29 16.93 -17.56
N CYS E 71 -24.41 15.98 -17.88
CA CYS E 71 -24.50 15.22 -19.11
C CYS E 71 -25.19 13.87 -18.91
N GLN E 72 -25.97 13.72 -17.84
CA GLN E 72 -26.61 12.45 -17.54
C GLN E 72 -27.58 12.07 -18.65
N GLY E 73 -27.54 10.80 -19.07
CA GLY E 73 -28.39 10.32 -20.13
C GLY E 73 -27.92 10.64 -21.53
N ARG E 74 -26.72 11.22 -21.68
CA ARG E 74 -26.19 11.59 -22.97
C ARG E 74 -24.92 10.80 -23.28
N PRO E 75 -24.62 10.56 -24.56
CA PRO E 75 -23.40 9.80 -24.92
C PRO E 75 -22.12 10.62 -24.81
N VAL E 76 -21.58 10.68 -23.58
CA VAL E 76 -20.34 11.38 -23.29
C VAL E 76 -19.33 10.40 -22.74
N THR E 77 -18.11 10.43 -23.26
CA THR E 77 -17.05 9.54 -22.82
C THR E 77 -16.22 10.19 -21.72
N GLU E 78 -15.44 9.36 -21.02
CA GLU E 78 -14.58 9.87 -19.96
C GLU E 78 -13.39 10.66 -20.51
N ASP E 79 -12.88 10.27 -21.67
CA ASP E 79 -11.80 11.05 -22.30
C ASP E 79 -12.27 12.44 -22.67
N ALA E 80 -13.50 12.56 -23.20
CA ALA E 80 -14.04 13.87 -23.52
C ALA E 80 -14.22 14.72 -22.28
N LEU E 81 -14.70 14.11 -21.19
CA LEU E 81 -14.86 14.86 -19.95
C LEU E 81 -13.52 15.33 -19.39
N ALA E 82 -12.50 14.47 -19.44
CA ALA E 82 -11.18 14.87 -18.98
C ALA E 82 -10.61 16.00 -19.83
N GLN E 83 -10.79 15.92 -21.15
CA GLN E 83 -10.33 17.00 -22.03
C GLN E 83 -11.07 18.30 -21.76
N LEU E 84 -12.38 18.22 -21.50
CA LEU E 84 -13.14 19.42 -21.16
C LEU E 84 -12.64 20.03 -19.85
N GLY E 85 -12.36 19.19 -18.86
CA GLY E 85 -11.81 19.71 -17.62
C GLY E 85 -10.46 20.38 -17.81
N GLN E 86 -9.60 19.77 -18.63
CA GLN E 86 -8.30 20.38 -18.94
C GLN E 86 -8.49 21.73 -19.62
N ARG E 87 -9.40 21.80 -20.58
CA ARG E 87 -9.65 23.06 -21.28
C ARG E 87 -10.18 24.13 -20.32
N VAL E 88 -11.09 23.74 -19.43
CA VAL E 88 -11.64 24.70 -18.48
C VAL E 88 -10.54 25.23 -17.56
N GLU E 89 -9.69 24.33 -17.05
CA GLU E 89 -8.61 24.76 -16.16
C GLU E 89 -7.63 25.67 -16.90
N GLU E 90 -7.28 25.34 -18.14
CA GLU E 90 -6.37 26.18 -18.90
C GLU E 90 -6.96 27.55 -19.16
N ALA E 91 -8.24 27.61 -19.54
CA ALA E 91 -8.88 28.89 -19.81
C ALA E 91 -9.00 29.73 -18.55
N VAL E 92 -9.29 29.09 -17.41
CA VAL E 92 -9.37 29.83 -16.15
C VAL E 92 -8.02 30.41 -15.76
N ARG E 93 -6.96 29.60 -15.88
CA ARG E 93 -5.63 30.09 -15.50
C ARG E 93 -5.10 31.14 -16.46
N ALA E 94 -5.59 31.18 -17.70
CA ALA E 94 -5.11 32.15 -18.67
C ALA E 94 -5.45 33.59 -18.28
N THR E 95 -6.48 33.79 -17.46
CA THR E 95 -6.85 35.15 -17.08
C THR E 95 -5.80 35.79 -16.17
N GLY E 96 -5.07 34.99 -15.39
CA GLY E 96 -4.05 35.50 -14.52
C GLY E 96 -4.52 35.84 -13.12
N SER E 97 -5.82 35.79 -12.86
CA SER E 97 -6.33 36.12 -11.52
C SER E 97 -6.04 34.97 -10.57
N ALA E 98 -5.63 35.32 -9.34
CA ALA E 98 -5.34 34.31 -8.34
C ALA E 98 -6.63 33.66 -7.82
N GLU E 99 -7.69 34.45 -7.65
CA GLU E 99 -8.97 33.97 -7.16
C GLU E 99 -10.08 34.38 -8.12
N LEU E 100 -11.05 33.49 -8.30
CA LEU E 100 -12.20 33.78 -9.14
C LEU E 100 -13.45 33.15 -8.53
N THR E 101 -14.60 33.64 -8.96
CA THR E 101 -15.88 33.14 -8.47
C THR E 101 -16.33 31.92 -9.26
N THR E 102 -17.14 31.08 -8.61
CA THR E 102 -17.66 29.88 -9.27
C THR E 102 -18.57 30.22 -10.43
N HIS E 103 -19.20 31.40 -10.42
CA HIS E 103 -19.98 31.82 -11.58
C HIS E 103 -19.11 31.96 -12.82
N ASP E 104 -17.91 32.53 -12.66
CA ASP E 104 -16.98 32.59 -13.77
C ASP E 104 -16.52 31.19 -14.20
N VAL E 105 -16.41 30.27 -13.24
CA VAL E 105 -16.08 28.88 -13.58
C VAL E 105 -17.17 28.28 -14.46
N GLY E 106 -18.43 28.50 -14.09
CA GLY E 106 -19.52 28.02 -14.92
C GLY E 106 -19.55 28.67 -16.28
N LEU E 107 -19.27 29.97 -16.35
CA LEU E 107 -19.20 30.66 -17.64
C LEU E 107 -18.10 30.08 -18.51
N ALA E 108 -16.96 29.74 -17.91
CA ALA E 108 -15.89 29.08 -18.66
C ALA E 108 -16.32 27.70 -19.14
N ILE E 109 -17.05 26.97 -18.30
CA ILE E 109 -17.55 25.65 -18.69
C ILE E 109 -18.51 25.76 -19.87
N LEU E 110 -19.28 26.84 -19.92
CA LEU E 110 -20.30 26.99 -20.96
C LEU E 110 -19.73 26.90 -22.37
N GLY E 111 -18.45 27.21 -22.56
CA GLY E 111 -17.85 27.18 -23.88
C GLY E 111 -17.70 25.77 -24.44
N PRO E 112 -16.80 24.98 -23.84
CA PRO E 112 -16.60 23.61 -24.33
C PRO E 112 -17.83 22.72 -24.21
N LEU E 113 -18.70 22.98 -23.22
CA LEU E 113 -19.86 22.14 -23.03
C LEU E 113 -20.81 22.20 -24.23
N GLN E 114 -20.92 23.37 -24.85
CA GLN E 114 -21.74 23.48 -26.06
C GLN E 114 -21.21 22.59 -27.17
N GLU E 115 -19.88 22.55 -27.33
CA GLU E 115 -19.29 21.65 -28.32
C GLU E 115 -19.45 20.19 -27.91
N LEU E 116 -19.56 19.91 -26.62
CA LEU E 116 -19.68 18.53 -26.16
C LEU E 116 -21.09 17.99 -26.44
N ASP E 117 -22.11 18.60 -25.84
CA ASP E 117 -23.48 18.14 -25.99
C ASP E 117 -24.42 19.33 -25.86
N LEU E 118 -25.42 19.38 -26.75
CA LEU E 118 -26.33 20.52 -26.78
C LEU E 118 -27.35 20.47 -25.65
N VAL E 119 -27.84 19.29 -25.32
CA VAL E 119 -28.83 19.17 -24.24
C VAL E 119 -28.23 19.55 -22.90
N ALA E 120 -27.02 19.04 -22.61
CA ALA E 120 -26.34 19.40 -21.38
C ALA E 120 -26.02 20.89 -21.35
N TYR E 121 -25.59 21.44 -22.49
CA TYR E 121 -25.31 22.87 -22.55
C TYR E 121 -26.55 23.69 -22.25
N LEU E 122 -27.70 23.28 -22.80
CA LEU E 122 -28.94 24.01 -22.55
C LEU E 122 -29.33 23.94 -21.08
N ARG E 123 -29.31 22.74 -20.50
CA ARG E 123 -29.71 22.59 -19.10
C ARG E 123 -28.67 23.14 -18.13
N PHE E 124 -27.47 23.47 -18.60
CA PHE E 124 -26.46 24.11 -17.77
C PHE E 124 -26.51 25.62 -17.87
N ALA E 125 -26.74 26.14 -19.08
CA ALA E 125 -26.90 27.59 -19.27
C ALA E 125 -28.23 28.09 -18.73
N SER E 126 -29.24 27.22 -18.64
CA SER E 126 -30.48 27.61 -18.00
C SER E 126 -30.28 27.98 -16.54
N VAL E 127 -29.19 27.51 -15.93
CA VAL E 127 -28.83 27.88 -14.58
C VAL E 127 -27.78 28.99 -14.56
N TYR E 128 -26.75 28.88 -15.40
CA TYR E 128 -25.64 29.83 -15.32
C TYR E 128 -25.80 31.04 -16.23
N ARG E 129 -26.82 31.06 -17.09
CA ARG E 129 -27.16 32.27 -17.82
C ARG E 129 -28.46 32.91 -17.32
N ALA E 130 -29.06 32.35 -16.27
CA ALA E 130 -30.21 32.92 -15.58
C ALA E 130 -31.39 33.10 -16.54
N PHE E 131 -31.86 31.97 -17.08
CA PHE E 131 -33.09 31.97 -17.86
C PHE E 131 -34.28 32.19 -16.95
N ASP E 132 -35.24 33.00 -17.40
CA ASP E 132 -36.38 33.39 -16.58
C ASP E 132 -37.70 32.80 -17.04
N SER E 133 -37.91 32.67 -18.35
CA SER E 133 -39.16 32.16 -18.89
C SER E 133 -38.87 31.25 -20.07
N LEU E 134 -39.92 30.64 -20.63
CA LEU E 134 -39.75 29.71 -21.79
C LEU E 134 -39.16 30.45 -22.99
N GLU E 135 -39.40 31.76 -23.09
CA GLU E 135 -38.91 32.55 -24.24
C GLU E 135 -37.38 32.54 -24.27
N ASP E 136 -36.75 32.65 -23.09
CA ASP E 136 -35.27 32.64 -23.00
C ASP E 136 -34.73 31.29 -23.49
N PHE E 137 -35.40 30.18 -23.12
CA PHE E 137 -34.97 28.84 -23.62
C PHE E 137 -35.12 28.77 -25.14
N GLU E 138 -36.23 29.28 -25.67
CA GLU E 138 -36.48 29.20 -27.13
C GLU E 138 -35.40 29.98 -27.88
N ALA E 139 -35.03 31.17 -27.37
CA ALA E 139 -33.99 32.00 -28.00
C ALA E 139 -32.66 31.25 -28.00
N ALA E 140 -32.34 30.56 -26.90
CA ALA E 140 -31.08 29.79 -26.81
C ALA E 140 -31.07 28.67 -27.84
N ILE E 141 -32.20 27.98 -28.02
CA ILE E 141 -32.28 26.86 -29.02
C ILE E 141 -32.03 27.44 -30.41
N ALA E 142 -32.48 28.68 -30.64
CA ALA E 142 -32.29 29.38 -31.94
C ALA E 142 -30.82 29.76 -32.14
N GLU E 143 -30.14 30.22 -31.08
CA GLU E 143 -28.70 30.57 -31.18
C GLU E 143 -27.90 29.31 -31.52
N LEU E 144 -28.24 28.17 -30.92
CA LEU E 144 -27.53 26.90 -31.21
C LEU E 144 -27.74 26.50 -32.68
N ARG E 145 -28.93 26.68 -33.25
CA ARG E 145 -29.15 26.38 -34.69
C ARG E 145 -28.31 27.33 -35.54
N GLU E 146 -28.25 28.61 -35.17
CA GLU E 146 -27.42 29.60 -35.92
C GLU E 146 -25.94 29.20 -35.83
N THR E 147 -25.49 28.74 -34.67
CA THR E 147 -24.07 28.31 -34.48
C THR E 147 -23.95 26.82 -34.80
N MET F 1 31.35 -24.22 -24.02
CA MET F 1 32.21 -24.12 -22.85
C MET F 1 32.92 -25.43 -22.56
N HIS F 2 34.13 -25.36 -22.01
CA HIS F 2 34.89 -26.55 -21.68
C HIS F 2 34.24 -27.31 -20.53
N CYS F 3 34.18 -28.62 -20.66
CA CYS F 3 33.63 -29.46 -19.60
C CYS F 3 34.54 -29.40 -18.37
N PRO F 4 33.99 -29.15 -17.18
CA PRO F 4 34.85 -29.04 -15.99
C PRO F 4 35.61 -30.32 -15.67
N PHE F 5 35.09 -31.48 -16.07
CA PHE F 5 35.68 -32.75 -15.68
C PHE F 5 36.72 -33.26 -16.68
N CYS F 6 36.38 -33.24 -17.97
CA CYS F 6 37.26 -33.79 -19.00
C CYS F 6 37.83 -32.75 -19.94
N ARG F 7 37.52 -31.46 -19.74
CA ARG F 7 38.08 -30.37 -20.54
C ARG F 7 37.80 -30.54 -22.03
N HIS F 8 36.61 -31.03 -22.37
CA HIS F 8 36.22 -31.14 -23.77
C HIS F 8 36.06 -29.76 -24.38
N PRO F 9 36.41 -29.59 -25.66
CA PRO F 9 36.35 -28.24 -26.26
C PRO F 9 34.97 -27.58 -26.22
N ASP F 10 33.89 -28.35 -26.35
CA ASP F 10 32.56 -27.77 -26.41
C ASP F 10 31.57 -28.64 -25.64
N SER F 11 30.48 -28.02 -25.21
CA SER F 11 29.40 -28.71 -24.51
C SER F 11 28.06 -28.18 -25.01
N ARG F 12 27.02 -29.00 -24.82
CA ARG F 12 25.67 -28.68 -25.26
C ARG F 12 24.83 -28.20 -24.09
N VAL F 13 23.93 -27.25 -24.36
CA VAL F 13 23.04 -26.71 -23.35
C VAL F 13 21.74 -27.50 -23.40
N VAL F 14 21.36 -28.09 -22.26
CA VAL F 14 20.14 -28.90 -22.19
C VAL F 14 19.06 -28.27 -21.33
N ASP F 15 19.38 -27.23 -20.55
CA ASP F 15 18.35 -26.55 -19.78
C ASP F 15 18.75 -25.09 -19.60
N SER F 16 17.75 -24.20 -19.55
CA SER F 16 18.00 -22.78 -19.34
C SER F 16 16.77 -22.16 -18.69
N ARG F 17 16.99 -21.32 -17.68
CA ARG F 17 15.89 -20.61 -17.04
C ARG F 17 16.36 -19.27 -16.50
N THR F 18 15.60 -18.22 -16.79
CA THR F 18 15.88 -16.91 -16.22
C THR F 18 15.40 -16.86 -14.77
N THR F 19 16.20 -16.24 -13.91
CA THR F 19 15.87 -16.17 -12.49
C THR F 19 14.63 -15.30 -12.29
N ASP F 20 13.96 -15.50 -11.15
CA ASP F 20 12.73 -14.78 -10.87
C ASP F 20 12.97 -13.27 -10.82
N ASP F 21 14.05 -12.84 -10.17
CA ASP F 21 14.38 -11.42 -10.16
C ASP F 21 14.93 -10.93 -11.50
N GLY F 22 15.28 -11.84 -12.40
CA GLY F 22 15.73 -11.48 -13.73
C GLY F 22 17.18 -11.07 -13.84
N THR F 23 17.95 -11.12 -12.76
CA THR F 23 19.34 -10.70 -12.80
C THR F 23 20.22 -11.73 -13.51
N SER F 24 19.97 -13.02 -13.27
CA SER F 24 20.84 -14.08 -13.76
C SER F 24 20.04 -15.11 -14.53
N ILE F 25 20.74 -15.88 -15.36
CA ILE F 25 20.18 -17.00 -16.09
C ILE F 25 20.94 -18.25 -15.67
N ARG F 26 20.22 -19.27 -15.20
CA ARG F 26 20.82 -20.53 -14.79
C ARG F 26 20.66 -21.53 -15.92
N ARG F 27 21.79 -22.09 -16.38
CA ARG F 27 21.78 -23.08 -17.44
C ARG F 27 22.36 -24.38 -16.93
N ARG F 28 21.86 -25.49 -17.49
CA ARG F 28 22.40 -26.82 -17.24
C ARG F 28 22.91 -27.37 -18.56
N ARG F 29 24.17 -27.76 -18.59
CA ARG F 29 24.85 -28.22 -19.78
C ARG F 29 25.29 -29.67 -19.61
N GLN F 30 25.42 -30.37 -20.73
CA GLN F 30 25.85 -31.76 -20.74
C GLN F 30 27.00 -31.91 -21.73
N CYS F 31 28.07 -32.58 -21.30
CA CYS F 31 29.21 -32.80 -22.17
C CYS F 31 28.91 -33.93 -23.16
N PRO F 32 29.10 -33.71 -24.47
CA PRO F 32 28.78 -34.76 -25.44
C PRO F 32 29.58 -36.04 -25.26
N ASP F 33 30.83 -35.95 -24.80
CA ASP F 33 31.68 -37.14 -24.73
C ASP F 33 31.43 -37.93 -23.46
N CYS F 34 31.68 -37.33 -22.30
CA CYS F 34 31.59 -38.04 -21.03
C CYS F 34 30.17 -38.12 -20.48
N SER F 35 29.20 -37.48 -21.16
CA SER F 35 27.79 -37.45 -20.71
C SER F 35 27.70 -37.03 -19.23
N ARG F 36 28.25 -35.86 -18.89
CA ARG F 36 28.20 -35.34 -17.50
C ARG F 36 27.47 -34.00 -17.49
N ARG F 37 26.56 -33.79 -16.54
CA ARG F 37 25.73 -32.55 -16.53
C ARG F 37 26.22 -31.58 -15.44
N PHE F 38 26.45 -30.31 -15.81
CA PHE F 38 27.01 -29.31 -14.87
C PHE F 38 26.21 -28.01 -14.94
N THR F 39 26.18 -27.22 -13.86
CA THR F 39 25.32 -26.00 -13.82
C THR F 39 26.16 -24.71 -13.93
N THR F 40 25.72 -23.76 -14.76
CA THR F 40 26.39 -22.48 -14.92
C THR F 40 25.39 -21.35 -14.66
N VAL F 41 25.91 -20.21 -14.24
CA VAL F 41 25.09 -19.02 -13.96
C VAL F 41 25.67 -17.84 -14.74
N GLU F 42 24.79 -17.11 -15.42
CA GLU F 42 25.15 -15.92 -16.17
C GLU F 42 24.58 -14.69 -15.47
N THR F 43 25.44 -13.71 -15.19
CA THR F 43 25.06 -12.54 -14.43
C THR F 43 25.54 -11.28 -15.16
N CYS F 44 24.97 -10.15 -14.76
CA CYS F 44 25.36 -8.84 -15.25
C CYS F 44 25.64 -7.89 -14.08
N SER F 45 26.10 -8.45 -12.98
CA SER F 45 26.33 -7.67 -11.77
C SER F 45 27.49 -6.69 -11.97
N LEU F 46 27.35 -5.52 -11.36
CA LEU F 46 28.34 -4.46 -11.43
C LEU F 46 28.55 -3.87 -10.03
N MET F 47 29.81 -3.63 -9.67
CA MET F 47 30.15 -3.16 -8.33
C MET F 47 31.11 -1.99 -8.42
N VAL F 48 30.96 -1.05 -7.49
CA VAL F 48 31.85 0.09 -7.35
C VAL F 48 32.56 -0.02 -6.00
N VAL F 49 33.87 0.23 -6.02
CA VAL F 49 34.70 0.11 -4.84
C VAL F 49 34.80 1.50 -4.21
N LYS F 50 34.22 1.65 -3.02
CA LYS F 50 34.30 2.91 -2.30
C LYS F 50 35.74 3.17 -1.84
N ARG F 51 36.06 4.45 -1.66
CA ARG F 51 37.40 4.81 -1.20
C ARG F 51 37.70 4.29 0.20
N SER F 52 36.67 3.90 0.94
CA SER F 52 36.86 3.29 2.25
C SER F 52 37.21 1.81 2.17
N GLY F 53 37.19 1.22 0.98
CA GLY F 53 37.54 -0.18 0.79
C GLY F 53 36.38 -1.14 0.72
N VAL F 54 35.14 -0.65 0.64
CA VAL F 54 33.95 -1.50 0.58
C VAL F 54 33.37 -1.41 -0.82
N THR F 55 32.99 -2.56 -1.37
CA THR F 55 32.39 -2.65 -2.69
C THR F 55 30.87 -2.75 -2.55
N GLU F 56 30.16 -1.92 -3.31
CA GLU F 56 28.71 -1.89 -3.26
C GLU F 56 28.13 -1.89 -4.68
N PRO F 57 26.91 -2.38 -4.85
CA PRO F 57 26.33 -2.45 -6.21
C PRO F 57 26.19 -1.06 -6.84
N PHE F 58 26.40 -1.02 -8.15
CA PHE F 58 26.29 0.24 -8.88
C PHE F 58 24.86 0.77 -8.82
N SER F 59 24.73 2.08 -8.63
CA SER F 59 23.44 2.74 -8.54
C SER F 59 23.42 3.97 -9.42
N ARG F 60 22.42 4.06 -10.29
CA ARG F 60 22.25 5.25 -11.12
C ARG F 60 21.71 6.43 -10.32
N THR F 61 20.94 6.14 -9.26
CA THR F 61 20.38 7.21 -8.44
C THR F 61 21.47 8.04 -7.78
N LYS F 62 22.52 7.39 -7.28
CA LYS F 62 23.62 8.12 -6.65
C LYS F 62 24.36 9.00 -7.65
N VAL F 63 24.55 8.50 -8.87
CA VAL F 63 25.19 9.32 -9.91
C VAL F 63 24.34 10.53 -10.23
N ILE F 64 23.01 10.33 -10.34
CA ILE F 64 22.10 11.43 -10.64
C ILE F 64 22.14 12.46 -9.50
N ASN F 65 22.13 11.99 -8.25
CA ASN F 65 22.18 12.90 -7.12
C ASN F 65 23.48 13.70 -7.10
N GLY F 66 24.61 13.03 -7.36
CA GLY F 66 25.88 13.73 -7.37
C GLY F 66 25.95 14.80 -8.46
N VAL F 67 25.52 14.45 -9.67
CA VAL F 67 25.58 15.44 -10.74
C VAL F 67 24.56 16.55 -10.50
N ARG F 68 23.44 16.25 -9.85
CA ARG F 68 22.47 17.29 -9.52
C ARG F 68 23.04 18.27 -8.52
N LYS F 69 23.72 17.77 -7.48
CA LYS F 69 24.35 18.66 -6.51
C LYS F 69 25.47 19.46 -7.15
N ALA F 70 26.23 18.84 -8.06
CA ALA F 70 27.28 19.57 -8.77
C ALA F 70 26.72 20.60 -9.74
N CYS F 71 25.47 20.44 -10.17
CA CYS F 71 24.82 21.39 -11.06
C CYS F 71 23.95 22.41 -10.33
N GLN F 72 24.21 22.62 -9.04
CA GLN F 72 23.40 23.53 -8.24
C GLN F 72 23.52 24.96 -8.78
N GLY F 73 22.38 25.64 -8.90
CA GLY F 73 22.35 26.98 -9.43
C GLY F 73 22.39 27.09 -10.93
N ARG F 74 22.32 25.97 -11.65
CA ARG F 74 22.39 25.96 -13.09
C ARG F 74 21.09 25.41 -13.68
N PRO F 75 20.72 25.85 -14.90
CA PRO F 75 19.48 25.36 -15.53
C PRO F 75 19.59 23.94 -16.10
N VAL F 76 19.40 22.96 -15.23
CA VAL F 76 19.44 21.55 -15.59
C VAL F 76 18.09 20.93 -15.26
N THR F 77 17.54 20.17 -16.20
CA THR F 77 16.26 19.52 -16.02
C THR F 77 16.45 18.09 -15.50
N GLU F 78 15.35 17.52 -15.00
CA GLU F 78 15.41 16.15 -14.48
C GLU F 78 15.53 15.12 -15.60
N ASP F 79 14.92 15.39 -16.77
CA ASP F 79 15.09 14.50 -17.90
C ASP F 79 16.55 14.44 -18.35
N ALA F 80 17.22 15.59 -18.38
CA ALA F 80 18.63 15.62 -18.76
C ALA F 80 19.48 14.85 -17.75
N LEU F 81 19.19 14.99 -16.46
CA LEU F 81 19.93 14.27 -15.44
C LEU F 81 19.71 12.76 -15.56
N ALA F 82 18.47 12.34 -15.81
CA ALA F 82 18.20 10.92 -16.00
C ALA F 82 18.93 10.37 -17.22
N GLN F 83 18.93 11.14 -18.31
CA GLN F 83 19.64 10.69 -19.51
C GLN F 83 21.15 10.61 -19.27
N LEU F 84 21.70 11.57 -18.51
CA LEU F 84 23.12 11.52 -18.18
C LEU F 84 23.43 10.30 -17.32
N GLY F 85 22.56 9.98 -16.37
CA GLY F 85 22.78 8.77 -15.58
C GLY F 85 22.73 7.51 -16.41
N GLN F 86 21.77 7.45 -17.35
CA GLN F 86 21.69 6.31 -18.25
C GLN F 86 22.96 6.18 -19.08
N ARG F 87 23.45 7.29 -19.62
CA ARG F 87 24.67 7.27 -20.42
C ARG F 87 25.86 6.82 -19.59
N VAL F 88 25.97 7.31 -18.35
CA VAL F 88 27.08 6.91 -17.49
C VAL F 88 27.03 5.42 -17.20
N GLU F 89 25.84 4.91 -16.88
CA GLU F 89 25.72 3.48 -16.59
C GLU F 89 26.05 2.64 -17.82
N GLU F 90 25.59 3.05 -19.00
CA GLU F 90 25.88 2.30 -20.22
C GLU F 90 27.38 2.31 -20.52
N ALA F 91 28.02 3.46 -20.38
CA ALA F 91 29.45 3.55 -20.66
C ALA F 91 30.26 2.73 -19.65
N VAL F 92 29.84 2.73 -18.39
CA VAL F 92 30.54 1.93 -17.38
C VAL F 92 30.42 0.45 -17.68
N ARG F 93 29.21 -0.01 -18.03
CA ARG F 93 29.00 -1.43 -18.29
C ARG F 93 29.68 -1.87 -19.59
N ALA F 94 29.93 -0.95 -20.52
CA ALA F 94 30.54 -1.32 -21.79
C ALA F 94 31.97 -1.82 -21.62
N THR F 95 32.65 -1.46 -20.54
CA THR F 95 34.03 -1.90 -20.33
C THR F 95 34.10 -3.40 -20.07
N GLY F 96 33.06 -3.98 -19.48
CA GLY F 96 33.03 -5.39 -19.18
C GLY F 96 33.57 -5.79 -17.83
N SER F 97 34.15 -4.85 -17.08
CA SER F 97 34.68 -5.17 -15.77
C SER F 97 33.55 -5.34 -14.76
N ALA F 98 33.68 -6.35 -13.90
CA ALA F 98 32.66 -6.59 -12.89
C ALA F 98 32.71 -5.54 -11.79
N GLU F 99 33.91 -5.10 -11.41
CA GLU F 99 34.08 -4.10 -10.37
C GLU F 99 34.96 -2.97 -10.88
N LEU F 100 34.64 -1.74 -10.48
CA LEU F 100 35.43 -0.58 -10.86
C LEU F 100 35.47 0.40 -9.70
N THR F 101 36.45 1.30 -9.74
CA THR F 101 36.63 2.30 -8.71
C THR F 101 35.75 3.52 -8.98
N THR F 102 35.40 4.23 -7.91
CA THR F 102 34.58 5.43 -8.04
C THR F 102 35.31 6.54 -8.81
N HIS F 103 36.64 6.52 -8.82
CA HIS F 103 37.37 7.49 -9.63
C HIS F 103 37.07 7.28 -11.11
N ASP F 104 37.01 6.03 -11.55
CA ASP F 104 36.60 5.74 -12.92
C ASP F 104 35.16 6.16 -13.17
N VAL F 105 34.29 6.04 -12.17
CA VAL F 105 32.92 6.52 -12.30
C VAL F 105 32.89 8.01 -12.54
N GLY F 106 33.69 8.76 -11.77
CA GLY F 106 33.78 10.19 -11.98
C GLY F 106 34.35 10.55 -13.34
N LEU F 107 35.35 9.79 -13.79
CA LEU F 107 35.92 10.02 -15.12
C LEU F 107 34.87 9.79 -16.20
N ALA F 108 34.04 8.76 -16.04
CA ALA F 108 32.95 8.52 -16.98
C ALA F 108 31.94 9.66 -16.94
N ILE F 109 31.65 10.18 -15.74
CA ILE F 109 30.71 11.30 -15.62
C ILE F 109 31.25 12.52 -16.32
N LEU F 110 32.57 12.70 -16.31
CA LEU F 110 33.18 13.91 -16.89
C LEU F 110 32.82 14.12 -18.36
N GLY F 111 32.48 13.06 -19.09
CA GLY F 111 32.15 13.17 -20.48
C GLY F 111 30.85 13.89 -20.75
N PRO F 112 29.73 13.25 -20.39
CA PRO F 112 28.42 13.89 -20.61
C PRO F 112 28.23 15.18 -19.83
N LEU F 113 28.87 15.32 -18.67
CA LEU F 113 28.69 16.52 -17.86
C LEU F 113 29.17 17.77 -18.58
N GLN F 114 30.25 17.64 -19.36
CA GLN F 114 30.73 18.77 -20.15
C GLN F 114 29.68 19.22 -21.16
N GLU F 115 29.01 18.27 -21.81
CA GLU F 115 27.93 18.61 -22.72
C GLU F 115 26.72 19.17 -21.99
N LEU F 116 26.54 18.79 -20.72
CA LEU F 116 25.39 19.28 -19.96
C LEU F 116 25.57 20.74 -19.55
N ASP F 117 26.60 21.02 -18.76
CA ASP F 117 26.84 22.37 -18.26
C ASP F 117 28.34 22.56 -18.05
N LEU F 118 28.85 23.72 -18.47
CA LEU F 118 30.28 23.98 -18.39
C LEU F 118 30.74 24.30 -16.98
N VAL F 119 29.93 25.06 -16.23
CA VAL F 119 30.31 25.42 -14.86
C VAL F 119 30.36 24.18 -13.98
N ALA F 120 29.35 23.32 -14.07
CA ALA F 120 29.36 22.08 -13.30
C ALA F 120 30.52 21.18 -13.72
N TYR F 121 30.79 21.11 -15.02
CA TYR F 121 31.91 20.31 -15.49
C TYR F 121 33.23 20.83 -14.92
N LEU F 122 33.41 22.15 -14.88
CA LEU F 122 34.64 22.71 -14.35
C LEU F 122 34.77 22.41 -12.86
N ARG F 123 33.71 22.64 -12.09
CA ARG F 123 33.78 22.40 -10.65
C ARG F 123 33.79 20.92 -10.29
N PHE F 124 33.50 20.04 -11.25
CA PHE F 124 33.58 18.60 -11.04
C PHE F 124 34.95 18.04 -11.43
N ALA F 125 35.50 18.54 -12.54
CA ALA F 125 36.85 18.13 -12.95
C ALA F 125 37.92 18.74 -12.07
N SER F 126 37.63 19.88 -11.42
CA SER F 126 38.58 20.41 -10.46
C SER F 126 38.81 19.45 -9.30
N VAL F 127 37.90 18.52 -9.08
CA VAL F 127 38.06 17.47 -8.08
C VAL F 127 38.54 16.17 -8.69
N TYR F 128 37.96 15.76 -9.82
CA TYR F 128 38.27 14.45 -10.38
C TYR F 128 39.39 14.47 -11.40
N ARG F 129 39.88 15.65 -11.80
CA ARG F 129 41.11 15.74 -12.58
C ARG F 129 42.28 16.28 -11.77
N ALA F 130 42.08 16.51 -10.47
CA ALA F 130 43.15 16.89 -9.54
C ALA F 130 43.85 18.18 -9.98
N PHE F 131 43.08 19.25 -10.04
CA PHE F 131 43.66 20.57 -10.27
C PHE F 131 44.42 21.02 -9.03
N ASP F 132 45.59 21.64 -9.25
CA ASP F 132 46.48 22.02 -8.16
C ASP F 132 46.58 23.52 -7.95
N SER F 133 46.54 24.32 -9.01
CA SER F 133 46.69 25.76 -8.90
C SER F 133 45.73 26.43 -9.88
N LEU F 134 45.70 27.77 -9.85
CA LEU F 134 44.78 28.54 -10.75
C LEU F 134 45.14 28.29 -12.21
N GLU F 135 46.41 27.97 -12.48
CA GLU F 135 46.88 27.76 -13.89
C GLU F 135 46.14 26.56 -14.49
N ASP F 136 45.94 25.49 -13.70
CA ASP F 136 45.22 24.29 -14.19
C ASP F 136 43.78 24.65 -14.54
N PHE F 137 43.12 25.48 -13.71
CA PHE F 137 41.74 25.92 -14.03
C PHE F 137 41.72 26.74 -15.32
N GLU F 138 42.70 27.64 -15.48
CA GLU F 138 42.73 28.52 -16.69
C GLU F 138 42.91 27.66 -17.95
N ALA F 139 43.77 26.64 -17.88
CA ALA F 139 44.01 25.75 -19.03
C ALA F 139 42.72 25.00 -19.38
N ALA F 140 41.97 24.55 -18.36
CA ALA F 140 40.70 23.84 -18.59
C ALA F 140 39.68 24.76 -19.29
N ILE F 141 39.62 26.03 -18.87
CA ILE F 141 38.67 27.00 -19.48
C ILE F 141 39.05 27.19 -20.96
N ALA F 142 40.36 27.12 -21.25
CA ALA F 142 40.86 27.24 -22.64
C ALA F 142 40.50 26.01 -23.48
N GLU F 143 40.59 24.81 -22.89
CA GLU F 143 40.22 23.56 -23.60
C GLU F 143 38.73 23.60 -23.95
N LEU F 144 37.90 24.09 -23.04
CA LEU F 144 36.43 24.20 -23.29
C LEU F 144 36.17 25.18 -24.44
N ARG F 145 36.88 26.30 -24.53
CA ARG F 145 36.71 27.24 -25.68
C ARG F 145 37.14 26.55 -26.97
N GLU F 146 38.24 25.79 -26.94
CA GLU F 146 38.72 25.04 -28.13
C GLU F 146 37.66 24.00 -28.55
N THR F 147 37.04 23.32 -27.57
CA THR F 147 36.00 22.30 -27.87
C THR F 147 34.62 22.97 -27.87
N MET G 1 -19.19 0.40 -22.08
CA MET G 1 -18.77 -0.76 -21.31
C MET G 1 -17.25 -0.91 -21.33
N HIS G 2 -16.69 -1.25 -20.17
CA HIS G 2 -15.24 -1.41 -20.08
C HIS G 2 -14.75 -2.57 -20.94
N CYS G 3 -13.64 -2.34 -21.64
CA CYS G 3 -13.08 -3.35 -22.51
C CYS G 3 -12.58 -4.53 -21.69
N PRO G 4 -12.88 -5.77 -22.08
CA PRO G 4 -12.39 -6.92 -21.30
C PRO G 4 -10.89 -7.12 -21.37
N PHE G 5 -10.22 -6.56 -22.37
CA PHE G 5 -8.79 -6.77 -22.55
C PHE G 5 -7.95 -5.71 -21.83
N CYS G 6 -8.13 -4.45 -22.19
CA CYS G 6 -7.31 -3.36 -21.65
C CYS G 6 -8.05 -2.48 -20.66
N ARG G 7 -9.30 -2.81 -20.33
CA ARG G 7 -10.08 -2.08 -19.31
C ARG G 7 -10.27 -0.61 -19.66
N HIS G 8 -10.42 -0.30 -20.94
CA HIS G 8 -10.72 1.07 -21.34
C HIS G 8 -12.16 1.40 -20.96
N PRO G 9 -12.43 2.58 -20.39
CA PRO G 9 -13.75 2.83 -19.79
C PRO G 9 -14.92 2.74 -20.78
N ASP G 10 -14.73 3.16 -22.02
CA ASP G 10 -15.83 3.27 -22.97
C ASP G 10 -15.55 2.43 -24.20
N SER G 11 -16.60 1.81 -24.74
CA SER G 11 -16.51 0.97 -25.93
C SER G 11 -17.63 1.31 -26.91
N ARG G 12 -17.29 1.40 -28.19
CA ARG G 12 -18.28 1.65 -29.21
C ARG G 12 -19.11 0.40 -29.46
N VAL G 13 -20.16 0.54 -30.28
CA VAL G 13 -21.03 -0.56 -30.66
C VAL G 13 -20.90 -0.74 -32.17
N VAL G 14 -20.26 -1.83 -32.59
CA VAL G 14 -20.08 -2.07 -34.01
C VAL G 14 -21.42 -2.40 -34.67
N ASP G 15 -22.20 -3.28 -34.05
CA ASP G 15 -23.49 -3.62 -34.63
C ASP G 15 -24.39 -4.22 -33.55
N SER G 16 -25.68 -4.27 -33.85
CA SER G 16 -26.68 -4.83 -32.96
C SER G 16 -27.65 -5.69 -33.74
N ARG G 17 -28.25 -6.67 -33.07
CA ARG G 17 -29.20 -7.57 -33.71
C ARG G 17 -30.21 -8.06 -32.68
N THR G 18 -31.49 -8.01 -33.04
CA THR G 18 -32.54 -8.53 -32.19
C THR G 18 -32.82 -9.98 -32.55
N THR G 19 -32.87 -10.84 -31.53
CA THR G 19 -33.08 -12.25 -31.77
C THR G 19 -34.51 -12.52 -32.23
N ASP G 20 -34.71 -13.71 -32.80
CA ASP G 20 -36.04 -14.06 -33.31
C ASP G 20 -37.07 -14.13 -32.19
N ASP G 21 -36.68 -14.66 -31.03
CA ASP G 21 -37.58 -14.71 -29.89
C ASP G 21 -37.96 -13.30 -29.42
N GLY G 22 -37.02 -12.36 -29.46
CA GLY G 22 -37.28 -10.98 -29.13
C GLY G 22 -36.96 -10.60 -27.69
N THR G 23 -36.61 -11.56 -26.85
CA THR G 23 -36.28 -11.28 -25.46
C THR G 23 -34.80 -10.99 -25.25
N SER G 24 -34.00 -10.98 -26.31
CA SER G 24 -32.57 -10.76 -26.19
C SER G 24 -32.10 -9.86 -27.32
N ILE G 25 -31.01 -9.14 -27.06
CA ILE G 25 -30.33 -8.32 -28.07
C ILE G 25 -28.85 -8.66 -28.02
N ARG G 26 -28.27 -8.98 -29.18
CA ARG G 26 -26.87 -9.34 -29.28
C ARG G 26 -26.13 -8.23 -30.01
N ARG G 27 -25.11 -7.67 -29.36
CA ARG G 27 -24.33 -6.58 -29.92
C ARG G 27 -22.87 -6.98 -30.06
N ARG G 28 -22.24 -6.50 -31.13
CA ARG G 28 -20.81 -6.59 -31.31
C ARG G 28 -20.20 -5.22 -31.08
N ARG G 29 -19.21 -5.16 -30.20
CA ARG G 29 -18.58 -3.92 -29.76
C ARG G 29 -17.10 -3.97 -30.06
N GLN G 30 -16.49 -2.78 -30.17
CA GLN G 30 -15.06 -2.65 -30.40
C GLN G 30 -14.50 -1.59 -29.48
N CYS G 31 -13.35 -1.89 -28.88
CA CYS G 31 -12.69 -0.93 -28.00
C CYS G 31 -11.96 0.13 -28.84
N PRO G 32 -12.18 1.42 -28.56
CA PRO G 32 -11.47 2.45 -29.33
C PRO G 32 -9.97 2.40 -29.18
N ASP G 33 -9.47 1.96 -28.02
CA ASP G 33 -8.03 2.01 -27.75
C ASP G 33 -7.30 0.86 -28.43
N CYS G 34 -7.62 -0.37 -28.06
CA CYS G 34 -6.91 -1.55 -28.58
C CYS G 34 -7.51 -2.10 -29.86
N SER G 35 -8.68 -1.62 -30.29
CA SER G 35 -9.32 -2.06 -31.53
C SER G 35 -9.55 -3.58 -31.53
N ARG G 36 -9.92 -4.12 -30.38
CA ARG G 36 -10.22 -5.54 -30.24
C ARG G 36 -11.72 -5.68 -29.97
N ARG G 37 -12.39 -6.49 -30.79
CA ARG G 37 -13.84 -6.60 -30.73
C ARG G 37 -14.26 -7.72 -29.78
N PHE G 38 -15.46 -7.57 -29.22
CA PHE G 38 -16.08 -8.58 -28.38
C PHE G 38 -17.59 -8.51 -28.56
N THR G 39 -18.31 -9.36 -27.84
CA THR G 39 -19.75 -9.47 -28.00
C THR G 39 -20.43 -9.38 -26.64
N THR G 40 -21.65 -8.84 -26.65
CA THR G 40 -22.47 -8.69 -25.46
C THR G 40 -23.90 -9.10 -25.75
N VAL G 41 -24.60 -9.55 -24.71
CA VAL G 41 -26.00 -9.93 -24.81
C VAL G 41 -26.78 -9.20 -23.72
N GLU G 42 -27.92 -8.63 -24.10
CA GLU G 42 -28.79 -7.91 -23.19
C GLU G 42 -30.13 -8.61 -23.14
N THR G 43 -30.57 -8.99 -21.93
CA THR G 43 -31.83 -9.66 -21.72
C THR G 43 -32.55 -9.04 -20.54
N CYS G 44 -33.88 -9.06 -20.58
CA CYS G 44 -34.70 -8.64 -19.45
C CYS G 44 -34.82 -9.83 -18.50
N SER G 45 -33.73 -10.09 -17.77
CA SER G 45 -33.65 -11.26 -16.91
C SER G 45 -34.31 -10.99 -15.57
N LEU G 46 -34.86 -12.06 -14.98
CA LEU G 46 -35.50 -11.97 -13.68
C LEU G 46 -34.43 -11.92 -12.59
N MET G 47 -34.48 -10.87 -11.77
CA MET G 47 -33.51 -10.66 -10.72
C MET G 47 -34.05 -11.13 -9.37
N VAL G 48 -33.16 -11.63 -8.53
CA VAL G 48 -33.50 -12.06 -7.18
C VAL G 48 -32.64 -11.26 -6.21
N VAL G 49 -33.27 -10.77 -5.14
CA VAL G 49 -32.56 -10.01 -4.12
C VAL G 49 -31.90 -11.00 -3.16
N LYS G 50 -30.59 -10.90 -3.02
CA LYS G 50 -29.84 -11.82 -2.16
C LYS G 50 -30.10 -11.47 -0.70
N ARG G 51 -29.41 -12.16 0.20
CA ARG G 51 -29.53 -11.85 1.63
C ARG G 51 -28.99 -10.46 1.95
N SER G 52 -28.11 -9.93 1.12
CA SER G 52 -27.68 -8.54 1.20
C SER G 52 -28.57 -7.69 0.29
N GLY G 53 -28.18 -6.45 0.04
CA GLY G 53 -28.91 -5.62 -0.89
C GLY G 53 -28.61 -5.85 -2.34
N VAL G 54 -27.67 -6.75 -2.64
CA VAL G 54 -27.24 -6.98 -4.01
C VAL G 54 -28.26 -7.86 -4.72
N THR G 55 -28.66 -7.45 -5.93
CA THR G 55 -29.56 -8.24 -6.76
C THR G 55 -28.74 -9.03 -7.78
N GLU G 56 -29.11 -10.28 -7.98
CA GLU G 56 -28.37 -11.19 -8.85
C GLU G 56 -29.32 -11.81 -9.86
N PRO G 57 -28.87 -12.01 -11.10
CA PRO G 57 -29.72 -12.69 -12.09
C PRO G 57 -30.06 -14.11 -11.65
N PHE G 58 -31.29 -14.51 -11.95
CA PHE G 58 -31.74 -15.87 -11.62
C PHE G 58 -31.02 -16.88 -12.49
N SER G 59 -30.59 -17.98 -11.89
CA SER G 59 -29.87 -19.03 -12.61
C SER G 59 -30.29 -20.38 -12.03
N ARG G 60 -30.83 -21.25 -12.87
CA ARG G 60 -31.18 -22.60 -12.42
C ARG G 60 -29.93 -23.39 -12.06
N THR G 61 -28.78 -23.04 -12.63
CA THR G 61 -27.55 -23.75 -12.34
C THR G 61 -27.18 -23.64 -10.87
N LYS G 62 -27.33 -22.46 -10.28
CA LYS G 62 -27.02 -22.29 -8.86
C LYS G 62 -27.96 -23.11 -7.99
N VAL G 63 -29.24 -23.14 -8.33
CA VAL G 63 -30.20 -23.94 -7.56
C VAL G 63 -29.85 -25.41 -7.63
N ILE G 64 -29.52 -25.90 -8.83
CA ILE G 64 -29.17 -27.31 -8.99
C ILE G 64 -27.88 -27.63 -8.23
N ASN G 65 -26.89 -26.75 -8.31
CA ASN G 65 -25.65 -26.99 -7.57
C ASN G 65 -25.88 -27.02 -6.07
N GLY G 66 -26.69 -26.09 -5.56
CA GLY G 66 -26.97 -26.08 -4.13
C GLY G 66 -27.71 -27.33 -3.67
N VAL G 67 -28.72 -27.75 -4.43
CA VAL G 67 -29.48 -28.94 -4.03
C VAL G 67 -28.62 -30.19 -4.17
N ARG G 68 -27.75 -30.23 -5.17
CA ARG G 68 -26.84 -31.37 -5.32
C ARG G 68 -25.86 -31.44 -4.16
N LYS G 69 -25.30 -30.30 -3.75
CA LYS G 69 -24.44 -30.28 -2.57
C LYS G 69 -25.21 -30.66 -1.33
N ALA G 70 -26.51 -30.37 -1.29
CA ALA G 70 -27.35 -30.86 -0.20
C ALA G 70 -27.68 -32.34 -0.36
N CYS G 71 -27.68 -32.84 -1.59
CA CYS G 71 -28.02 -34.23 -1.88
C CYS G 71 -26.81 -35.14 -1.94
N GLN G 72 -25.62 -34.64 -1.60
CA GLN G 72 -24.43 -35.47 -1.66
C GLN G 72 -24.53 -36.62 -0.65
N GLY G 73 -24.06 -37.79 -1.06
CA GLY G 73 -24.19 -38.97 -0.24
C GLY G 73 -25.55 -39.62 -0.27
N ARG G 74 -26.42 -39.23 -1.22
CA ARG G 74 -27.77 -39.75 -1.32
C ARG G 74 -28.02 -40.24 -2.74
N PRO G 75 -28.87 -41.26 -2.89
CA PRO G 75 -29.17 -41.80 -4.23
C PRO G 75 -30.12 -40.91 -5.02
N VAL G 76 -29.61 -39.79 -5.50
CA VAL G 76 -30.37 -38.84 -6.30
C VAL G 76 -29.68 -38.71 -7.65
N THR G 77 -30.44 -38.98 -8.72
CA THR G 77 -29.89 -38.91 -10.06
C THR G 77 -29.91 -37.46 -10.57
N GLU G 78 -29.12 -37.23 -11.63
CA GLU G 78 -29.04 -35.89 -12.20
C GLU G 78 -30.33 -35.50 -12.90
N ASP G 79 -31.06 -36.46 -13.47
CA ASP G 79 -32.32 -36.15 -14.12
C ASP G 79 -33.34 -35.63 -13.12
N ALA G 80 -33.39 -36.23 -11.93
CA ALA G 80 -34.29 -35.74 -10.89
C ALA G 80 -33.93 -34.33 -10.46
N LEU G 81 -32.63 -34.03 -10.35
CA LEU G 81 -32.20 -32.68 -9.99
C LEU G 81 -32.59 -31.68 -11.07
N ALA G 82 -32.43 -32.06 -12.34
CA ALA G 82 -32.83 -31.17 -13.43
C ALA G 82 -34.33 -30.92 -13.42
N GLN G 83 -35.12 -31.97 -13.17
CA GLN G 83 -36.57 -31.78 -13.07
C GLN G 83 -36.93 -30.87 -11.90
N LEU G 84 -36.25 -31.05 -10.76
CA LEU G 84 -36.51 -30.18 -9.61
C LEU G 84 -36.17 -28.74 -9.93
N GLY G 85 -35.04 -28.49 -10.58
CA GLY G 85 -34.68 -27.13 -10.95
C GLY G 85 -35.68 -26.51 -11.92
N GLN G 86 -36.13 -27.30 -12.91
CA GLN G 86 -37.13 -26.81 -13.84
C GLN G 86 -38.43 -26.46 -13.12
N ARG G 87 -38.86 -27.32 -12.20
CA ARG G 87 -40.09 -27.06 -11.46
C ARG G 87 -39.95 -25.80 -10.60
N VAL G 88 -38.80 -25.62 -9.95
CA VAL G 88 -38.60 -24.45 -9.11
C VAL G 88 -38.61 -23.18 -9.95
N GLU G 89 -37.93 -23.19 -11.09
CA GLU G 89 -37.92 -22.02 -11.96
C GLU G 89 -39.32 -21.73 -12.48
N GLU G 90 -40.07 -22.76 -12.86
CA GLU G 90 -41.43 -22.56 -13.33
C GLU G 90 -42.31 -21.98 -12.23
N ALA G 91 -42.16 -22.46 -11.00
CA ALA G 91 -42.96 -21.94 -9.90
C ALA G 91 -42.64 -20.47 -9.62
N VAL G 92 -41.35 -20.12 -9.58
CA VAL G 92 -41.00 -18.74 -9.28
C VAL G 92 -41.40 -17.82 -10.42
N ARG G 93 -41.42 -18.32 -11.66
CA ARG G 93 -41.91 -17.50 -12.76
C ARG G 93 -43.42 -17.34 -12.72
N ALA G 94 -44.13 -18.40 -12.30
CA ALA G 94 -45.59 -18.36 -12.29
C ALA G 94 -46.15 -17.53 -11.14
N THR G 95 -45.48 -17.51 -9.99
CA THR G 95 -45.97 -16.70 -8.87
C THR G 95 -45.98 -15.22 -9.22
N GLY G 96 -44.93 -14.75 -9.89
CA GLY G 96 -44.86 -13.35 -10.26
C GLY G 96 -44.83 -12.40 -9.07
N SER G 97 -44.00 -12.71 -8.08
CA SER G 97 -43.93 -11.88 -6.88
C SER G 97 -43.41 -10.49 -7.22
N ALA G 98 -43.92 -9.49 -6.48
CA ALA G 98 -43.50 -8.12 -6.71
C ALA G 98 -42.03 -7.94 -6.40
N GLU G 99 -41.55 -8.55 -5.32
CA GLU G 99 -40.16 -8.45 -4.89
C GLU G 99 -39.67 -9.84 -4.55
N LEU G 100 -38.93 -10.47 -5.47
CA LEU G 100 -38.50 -11.84 -5.31
C LEU G 100 -37.12 -11.88 -4.66
N THR G 101 -37.02 -12.57 -3.53
CA THR G 101 -35.76 -12.74 -2.82
C THR G 101 -35.26 -14.17 -2.96
N THR G 102 -33.99 -14.38 -2.63
CA THR G 102 -33.44 -15.72 -2.65
C THR G 102 -34.03 -16.61 -1.57
N HIS G 103 -34.61 -16.03 -0.52
CA HIS G 103 -35.33 -16.84 0.47
C HIS G 103 -36.55 -17.50 -0.14
N ASP G 104 -37.29 -16.77 -0.98
CA ASP G 104 -38.43 -17.37 -1.67
C ASP G 104 -37.99 -18.42 -2.66
N VAL G 105 -36.84 -18.22 -3.31
CA VAL G 105 -36.28 -19.24 -4.19
C VAL G 105 -35.93 -20.50 -3.40
N GLY G 106 -35.39 -20.35 -2.20
CA GLY G 106 -35.09 -21.49 -1.37
C GLY G 106 -36.33 -22.16 -0.83
N LEU G 107 -37.43 -21.40 -0.72
CA LEU G 107 -38.70 -21.97 -0.29
C LEU G 107 -39.37 -22.77 -1.41
N ALA G 108 -39.19 -22.35 -2.66
CA ALA G 108 -39.78 -23.07 -3.78
C ALA G 108 -39.15 -24.43 -4.03
N ILE G 109 -38.00 -24.71 -3.41
CA ILE G 109 -37.32 -25.99 -3.61
C ILE G 109 -37.82 -27.06 -2.64
N LEU G 110 -38.38 -26.67 -1.49
CA LEU G 110 -38.77 -27.64 -0.47
C LEU G 110 -39.84 -28.59 -1.01
N GLY G 111 -40.82 -28.06 -1.74
CA GLY G 111 -41.88 -28.86 -2.30
C GLY G 111 -41.38 -29.99 -3.17
N PRO G 112 -40.74 -29.66 -4.29
CA PRO G 112 -40.16 -30.72 -5.14
C PRO G 112 -39.13 -31.58 -4.43
N LEU G 113 -38.37 -31.01 -3.49
CA LEU G 113 -37.32 -31.77 -2.84
C LEU G 113 -37.89 -32.82 -1.88
N GLN G 114 -39.08 -32.56 -1.33
CA GLN G 114 -39.69 -33.54 -0.43
C GLN G 114 -39.93 -34.88 -1.13
N GLU G 115 -40.34 -34.84 -2.40
CA GLU G 115 -40.58 -36.08 -3.14
C GLU G 115 -39.28 -36.79 -3.47
N LEU G 116 -38.24 -36.04 -3.83
CA LEU G 116 -36.99 -36.65 -4.26
C LEU G 116 -36.30 -37.39 -3.11
N ASP G 117 -36.14 -36.72 -1.97
CA ASP G 117 -35.44 -37.30 -0.84
C ASP G 117 -35.96 -36.69 0.44
N LEU G 118 -35.70 -37.38 1.56
CA LEU G 118 -36.10 -36.90 2.87
C LEU G 118 -34.93 -36.35 3.69
N VAL G 119 -33.75 -36.97 3.59
CA VAL G 119 -32.58 -36.45 4.28
C VAL G 119 -32.16 -35.11 3.69
N ALA G 120 -32.06 -35.03 2.36
CA ALA G 120 -31.70 -33.79 1.71
C ALA G 120 -32.76 -32.72 1.93
N TYR G 121 -34.04 -33.10 1.89
CA TYR G 121 -35.10 -32.14 2.16
C TYR G 121 -35.01 -31.61 3.58
N LEU G 122 -34.74 -32.49 4.55
CA LEU G 122 -34.65 -32.04 5.93
C LEU G 122 -33.47 -31.10 6.13
N ARG G 123 -32.32 -31.40 5.48
CA ARG G 123 -31.19 -30.50 5.54
C ARG G 123 -31.54 -29.14 4.94
N PHE G 124 -32.14 -29.13 3.75
CA PHE G 124 -32.42 -27.87 3.06
C PHE G 124 -33.51 -27.08 3.77
N ALA G 125 -34.55 -27.76 4.25
CA ALA G 125 -35.65 -27.08 4.93
C ALA G 125 -35.31 -26.66 6.34
N SER G 126 -34.21 -27.16 6.91
CA SER G 126 -33.79 -26.69 8.23
C SER G 126 -33.31 -25.25 8.20
N VAL G 127 -33.02 -24.72 7.01
CA VAL G 127 -32.48 -23.37 6.88
C VAL G 127 -33.61 -22.40 6.60
N TYR G 128 -34.34 -22.61 5.51
CA TYR G 128 -35.31 -21.64 5.02
C TYR G 128 -36.65 -21.71 5.73
N ARG G 129 -36.86 -22.73 6.54
CA ARG G 129 -38.04 -22.73 7.44
C ARG G 129 -37.49 -22.24 8.79
N ALA G 130 -36.28 -21.69 8.79
CA ALA G 130 -35.69 -21.04 10.00
C ALA G 130 -35.64 -21.91 11.26
N PHE G 131 -35.21 -23.16 11.15
CA PHE G 131 -35.25 -24.02 12.35
C PHE G 131 -34.46 -23.43 13.51
N ASP G 132 -35.11 -23.12 14.61
CA ASP G 132 -34.50 -22.67 15.89
C ASP G 132 -34.17 -23.85 16.81
N SER G 133 -35.02 -24.88 16.88
CA SER G 133 -34.85 -25.94 17.91
C SER G 133 -34.89 -27.38 17.37
N LEU G 134 -34.37 -28.34 18.16
CA LEU G 134 -34.38 -29.78 17.79
C LEU G 134 -35.83 -30.24 17.67
N GLU G 135 -36.72 -29.72 18.51
CA GLU G 135 -38.16 -30.08 18.48
C GLU G 135 -38.74 -29.69 17.11
N ASP G 136 -38.30 -28.56 16.53
CA ASP G 136 -38.75 -28.16 15.18
C ASP G 136 -38.32 -29.23 14.16
N PHE G 137 -37.10 -29.78 14.30
CA PHE G 137 -36.67 -30.88 13.40
C PHE G 137 -37.60 -32.09 13.59
N GLU G 138 -37.96 -32.41 14.83
CA GLU G 138 -38.82 -33.58 15.12
C GLU G 138 -40.19 -33.38 14.47
N ALA G 139 -40.74 -32.16 14.54
CA ALA G 139 -42.06 -31.87 13.93
C ALA G 139 -41.99 -32.08 12.42
N ALA G 140 -40.89 -31.66 11.79
CA ALA G 140 -40.72 -31.88 10.33
C ALA G 140 -40.58 -33.37 10.04
N ILE G 141 -39.87 -34.11 10.90
CA ILE G 141 -39.73 -35.59 10.71
C ILE G 141 -41.11 -36.23 10.81
N ALA G 142 -41.95 -35.80 11.76
CA ALA G 142 -43.33 -36.32 11.87
C ALA G 142 -44.13 -35.99 10.61
N GLU G 143 -43.97 -34.76 10.09
CA GLU G 143 -44.70 -34.34 8.86
C GLU G 143 -44.25 -35.22 7.69
N LEU G 144 -42.95 -35.50 7.59
CA LEU G 144 -42.41 -36.35 6.50
C LEU G 144 -42.99 -37.77 6.60
N ARG G 145 -43.10 -38.30 7.82
CA ARG G 145 -43.72 -39.65 8.02
C ARG G 145 -45.18 -39.61 7.56
N GLU G 146 -45.91 -38.54 7.89
CA GLU G 146 -47.32 -38.39 7.42
C GLU G 146 -47.36 -38.32 5.89
N THR G 147 -46.41 -37.61 5.27
CA THR G 147 -46.38 -37.44 3.79
C THR G 147 -45.44 -38.48 3.17
N MET H 1 9.25 24.68 -12.51
CA MET H 1 8.03 24.51 -11.73
C MET H 1 7.19 23.37 -12.29
N HIS H 2 6.62 22.56 -11.41
CA HIS H 2 5.79 21.43 -11.83
C HIS H 2 4.53 21.93 -12.54
N CYS H 3 4.20 21.26 -13.64
CA CYS H 3 3.03 21.63 -14.43
C CYS H 3 1.76 21.37 -13.62
N PRO H 4 0.81 22.31 -13.58
CA PRO H 4 -0.42 22.07 -12.82
C PRO H 4 -1.32 21.00 -13.42
N PHE H 5 -1.15 20.67 -14.70
CA PHE H 5 -2.02 19.71 -15.36
C PHE H 5 -1.49 18.28 -15.26
N CYS H 6 -0.29 18.04 -15.79
CA CYS H 6 0.28 16.70 -15.86
C CYS H 6 1.42 16.46 -14.88
N ARG H 7 1.73 17.45 -14.02
CA ARG H 7 2.75 17.31 -12.98
C ARG H 7 4.13 16.99 -13.54
N HIS H 8 4.46 17.54 -14.70
CA HIS H 8 5.80 17.37 -15.24
C HIS H 8 6.78 18.21 -14.42
N PRO H 9 7.95 17.66 -14.05
CA PRO H 9 8.81 18.34 -13.07
C PRO H 9 9.28 19.73 -13.49
N ASP H 10 9.55 19.96 -14.77
CA ASP H 10 10.15 21.20 -15.22
C ASP H 10 9.27 21.87 -16.26
N SER H 11 9.23 23.21 -16.21
CA SER H 11 8.44 24.01 -17.12
C SER H 11 9.26 25.18 -17.64
N ARG H 12 9.15 25.45 -18.94
CA ARG H 12 9.84 26.57 -19.53
C ARG H 12 9.14 27.88 -19.16
N VAL H 13 9.75 29.00 -19.53
CA VAL H 13 9.20 30.32 -19.30
C VAL H 13 8.97 30.95 -20.67
N VAL H 14 7.70 31.10 -21.05
CA VAL H 14 7.38 31.70 -22.34
C VAL H 14 7.74 33.18 -22.34
N ASP H 15 7.33 33.90 -21.30
CA ASP H 15 7.65 35.32 -21.24
C ASP H 15 7.56 35.81 -19.81
N SER H 16 8.13 36.99 -19.58
CA SER H 16 8.12 37.61 -18.26
C SER H 16 7.83 39.10 -18.41
N ARG H 17 7.26 39.69 -17.37
CA ARG H 17 6.92 41.11 -17.38
C ARG H 17 6.97 41.66 -15.96
N THR H 18 7.63 42.80 -15.80
CA THR H 18 7.68 43.49 -14.52
C THR H 18 6.53 44.47 -14.42
N THR H 19 5.81 44.43 -13.31
CA THR H 19 4.67 45.31 -13.13
C THR H 19 5.12 46.76 -12.93
N ASP H 20 4.16 47.67 -13.11
CA ASP H 20 4.48 49.10 -12.98
C ASP H 20 4.92 49.44 -11.56
N ASP H 21 4.28 48.84 -10.55
CA ASP H 21 4.68 49.08 -9.17
C ASP H 21 6.10 48.59 -8.92
N GLY H 22 6.48 47.45 -9.52
CA GLY H 22 7.81 46.92 -9.43
C GLY H 22 8.02 45.89 -8.35
N THR H 23 7.01 45.64 -7.50
CA THR H 23 7.13 44.64 -6.45
C THR H 23 6.67 43.26 -6.89
N SER H 24 6.27 43.09 -8.15
CA SER H 24 5.79 41.80 -8.64
C SER H 24 6.35 41.55 -10.04
N ILE H 25 6.46 40.27 -10.37
CA ILE H 25 6.85 39.83 -11.71
C ILE H 25 5.85 38.78 -12.18
N ARG H 26 5.28 38.98 -13.37
CA ARG H 26 4.29 38.06 -13.91
C ARG H 26 4.90 37.32 -15.09
N ARG H 27 4.91 36.00 -15.02
CA ARG H 27 5.50 35.17 -16.06
C ARG H 27 4.44 34.24 -16.66
N ARG H 28 4.55 34.01 -17.95
CA ARG H 28 3.78 32.99 -18.64
C ARG H 28 4.71 31.83 -18.98
N ARG H 29 4.29 30.63 -18.57
CA ARG H 29 5.08 29.42 -18.69
C ARG H 29 4.33 28.39 -19.53
N GLN H 30 5.09 27.47 -20.11
CA GLN H 30 4.51 26.38 -20.90
C GLN H 30 5.19 25.07 -20.52
N CYS H 31 4.38 24.03 -20.35
CA CYS H 31 4.92 22.71 -20.03
C CYS H 31 5.50 22.06 -21.29
N PRO H 32 6.73 21.57 -21.24
CA PRO H 32 7.29 20.90 -22.42
C PRO H 32 6.54 19.66 -22.85
N ASP H 33 5.92 18.94 -21.91
CA ASP H 33 5.28 17.67 -22.23
C ASP H 33 3.91 17.88 -22.87
N CYS H 34 2.98 18.50 -22.14
CA CYS H 34 1.61 18.66 -22.62
C CYS H 34 1.39 19.93 -23.43
N SER H 35 2.38 20.84 -23.47
CA SER H 35 2.28 22.08 -24.23
C SER H 35 1.06 22.91 -23.83
N ARG H 36 0.77 22.92 -22.53
CA ARG H 36 -0.33 23.72 -21.97
C ARG H 36 0.27 24.83 -21.13
N ARG H 37 -0.13 26.07 -21.43
CA ARG H 37 0.46 27.23 -20.80
C ARG H 37 -0.31 27.63 -19.54
N PHE H 38 0.39 28.26 -18.62
CA PHE H 38 -0.19 28.81 -17.41
C PHE H 38 0.60 30.05 -17.01
N THR H 39 0.20 30.67 -15.89
CA THR H 39 0.79 31.92 -15.45
C THR H 39 1.21 31.83 -13.99
N THR H 40 2.27 32.56 -13.65
CA THR H 40 2.79 32.62 -12.30
C THR H 40 3.11 34.05 -11.94
N VAL H 41 3.07 34.34 -10.63
CA VAL H 41 3.39 35.66 -10.10
C VAL H 41 4.42 35.49 -8.99
N GLU H 42 5.47 36.30 -9.02
CA GLU H 42 6.53 36.28 -8.02
C GLU H 42 6.55 37.63 -7.30
N THR H 43 6.44 37.59 -5.97
CA THR H 43 6.45 38.79 -5.15
C THR H 43 7.35 38.57 -3.95
N CYS H 44 7.95 39.65 -3.47
CA CYS H 44 8.73 39.62 -2.24
C CYS H 44 7.75 39.81 -1.08
N SER H 45 7.02 38.74 -0.79
CA SER H 45 5.95 38.78 0.21
C SER H 45 6.52 38.60 1.61
N LEU H 46 5.85 39.23 2.58
CA LEU H 46 6.26 39.13 3.98
C LEU H 46 5.80 37.78 4.53
N MET H 47 6.75 37.01 5.06
CA MET H 47 6.48 35.68 5.58
C MET H 47 6.35 35.72 7.11
N VAL H 48 5.48 34.86 7.63
CA VAL H 48 5.28 34.72 9.07
C VAL H 48 5.58 33.28 9.44
N VAL H 49 6.32 33.09 10.52
CA VAL H 49 6.66 31.75 11.01
C VAL H 49 5.48 31.23 11.83
N LYS H 50 4.94 30.09 11.43
CA LYS H 50 3.80 29.51 12.11
C LYS H 50 4.24 28.93 13.45
N ARG H 51 3.31 28.27 14.14
CA ARG H 51 3.65 27.61 15.39
C ARG H 51 4.61 26.45 15.17
N SER H 52 4.66 25.89 13.98
CA SER H 52 5.67 24.93 13.59
C SER H 52 6.83 25.67 12.93
N GLY H 53 7.73 24.95 12.29
CA GLY H 53 8.81 25.59 11.55
C GLY H 53 8.44 26.08 10.18
N VAL H 54 7.21 25.85 9.74
CA VAL H 54 6.79 26.22 8.40
C VAL H 54 6.49 27.71 8.35
N THR H 55 7.02 28.38 7.33
CA THR H 55 6.76 29.79 7.09
C THR H 55 5.66 29.93 6.03
N GLU H 56 4.73 30.84 6.28
CA GLU H 56 3.58 31.03 5.41
C GLU H 56 3.48 32.49 5.01
N PRO H 57 3.07 32.77 3.76
CA PRO H 57 2.88 34.16 3.35
C PRO H 57 1.79 34.85 4.17
N PHE H 58 2.02 36.12 4.46
CA PHE H 58 1.05 36.90 5.23
C PHE H 58 -0.19 37.15 4.39
N SER H 59 -1.36 37.01 5.01
CA SER H 59 -2.64 37.21 4.32
C SER H 59 -3.61 37.85 5.30
N ARG H 60 -4.13 39.02 4.93
CA ARG H 60 -5.14 39.67 5.76
C ARG H 60 -6.43 38.86 5.79
N THR H 61 -6.67 38.05 4.76
CA THR H 61 -7.89 37.25 4.69
C THR H 61 -7.96 36.27 5.87
N LYS H 62 -6.84 35.62 6.18
CA LYS H 62 -6.82 34.67 7.30
C LYS H 62 -7.09 35.38 8.62
N VAL H 63 -6.50 36.57 8.81
CA VAL H 63 -6.74 37.32 10.05
C VAL H 63 -8.21 37.70 10.17
N ILE H 64 -8.80 38.19 9.07
CA ILE H 64 -10.20 38.57 9.10
C ILE H 64 -11.09 37.36 9.36
N ASN H 65 -10.79 36.22 8.73
CA ASN H 65 -11.59 35.02 8.95
C ASN H 65 -11.49 34.57 10.40
N GLY H 66 -10.28 34.59 10.97
CA GLY H 66 -10.12 34.17 12.35
C GLY H 66 -10.87 35.08 13.32
N VAL H 67 -10.76 36.40 13.12
CA VAL H 67 -11.43 37.32 14.03
C VAL H 67 -12.95 37.24 13.86
N ARG H 68 -13.42 37.01 12.62
CA ARG H 68 -14.86 36.83 12.39
C ARG H 68 -15.38 35.58 13.08
N LYS H 69 -14.63 34.47 12.98
CA LYS H 69 -15.01 33.27 13.69
C LYS H 69 -14.97 33.49 15.20
N ALA H 70 -14.09 34.37 15.67
CA ALA H 70 -14.10 34.76 17.08
C ALA H 70 -15.25 35.72 17.38
N CYS H 71 -15.70 36.49 16.38
CA CYS H 71 -16.76 37.47 16.55
C CYS H 71 -18.14 36.93 16.24
N GLN H 72 -18.27 35.63 15.97
CA GLN H 72 -19.57 35.06 15.65
C GLN H 72 -20.52 35.19 16.85
N GLY H 73 -21.77 35.49 16.55
CA GLY H 73 -22.75 35.74 17.60
C GLY H 73 -22.66 37.10 18.23
N ARG H 74 -21.92 38.02 17.63
CA ARG H 74 -21.74 39.36 18.16
C ARG H 74 -22.06 40.40 17.10
N PRO H 75 -22.55 41.58 17.51
CA PRO H 75 -22.90 42.63 16.53
C PRO H 75 -21.67 43.36 16.00
N VAL H 76 -20.92 42.67 15.13
CA VAL H 76 -19.73 43.23 14.49
C VAL H 76 -19.97 43.23 12.99
N THR H 77 -19.86 44.41 12.37
CA THR H 77 -20.06 44.54 10.95
C THR H 77 -18.79 44.17 10.18
N GLU H 78 -18.96 43.91 8.88
CA GLU H 78 -17.84 43.54 8.04
C GLU H 78 -16.88 44.70 7.82
N ASP H 79 -17.39 45.93 7.80
CA ASP H 79 -16.51 47.08 7.64
C ASP H 79 -15.56 47.22 8.81
N ALA H 80 -16.06 46.99 10.03
CA ALA H 80 -15.18 47.04 11.20
C ALA H 80 -14.11 45.96 11.14
N LEU H 81 -14.48 44.76 10.68
CA LEU H 81 -13.49 43.69 10.54
C LEU H 81 -12.44 44.04 9.50
N ALA H 82 -12.86 44.64 8.38
CA ALA H 82 -11.90 45.06 7.36
C ALA H 82 -10.96 46.13 7.90
N GLN H 83 -11.49 47.09 8.65
CA GLN H 83 -10.64 48.11 9.26
C GLN H 83 -9.65 47.51 10.24
N LEU H 84 -10.12 46.54 11.05
CA LEU H 84 -9.23 45.86 11.98
C LEU H 84 -8.12 45.12 11.26
N GLY H 85 -8.45 44.42 10.18
CA GLY H 85 -7.43 43.72 9.42
C GLY H 85 -6.43 44.67 8.79
N GLN H 86 -6.91 45.79 8.26
CA GLN H 86 -6.00 46.79 7.69
C GLN H 86 -5.08 47.35 8.76
N ARG H 87 -5.61 47.66 9.94
CA ARG H 87 -4.79 48.18 11.02
C ARG H 87 -3.74 47.16 11.46
N VAL H 88 -4.13 45.90 11.57
CA VAL H 88 -3.19 44.86 11.99
C VAL H 88 -2.08 44.70 10.96
N GLU H 89 -2.42 44.67 9.67
CA GLU H 89 -1.40 44.56 8.64
C GLU H 89 -0.48 45.76 8.65
N GLU H 90 -1.04 46.96 8.80
CA GLU H 90 -0.22 48.17 8.87
C GLU H 90 0.73 48.13 10.06
N ALA H 91 0.24 47.67 11.21
CA ALA H 91 1.08 47.59 12.41
C ALA H 91 2.22 46.61 12.20
N VAL H 92 1.92 45.41 11.67
CA VAL H 92 2.98 44.41 11.52
C VAL H 92 3.97 44.84 10.44
N ARG H 93 3.52 45.61 9.44
CA ARG H 93 4.46 46.14 8.46
C ARG H 93 5.32 47.25 9.05
N ALA H 94 4.74 48.07 9.92
CA ALA H 94 5.47 49.21 10.48
C ALA H 94 6.48 48.78 11.55
N THR H 95 6.18 47.74 12.32
CA THR H 95 7.14 47.30 13.34
C THR H 95 8.44 46.83 12.71
N GLY H 96 8.35 46.09 11.60
CA GLY H 96 9.55 45.61 10.93
C GLY H 96 10.37 44.66 11.77
N SER H 97 9.71 43.70 12.42
CA SER H 97 10.42 42.76 13.29
C SER H 97 11.38 41.90 12.49
N ALA H 98 12.52 41.57 13.11
CA ALA H 98 13.52 40.75 12.45
C ALA H 98 12.98 39.36 12.12
N GLU H 99 12.22 38.78 13.05
CA GLU H 99 11.65 37.43 12.87
C GLU H 99 10.19 37.49 13.30
N LEU H 100 9.29 37.58 12.33
CA LEU H 100 7.87 37.76 12.61
C LEU H 100 7.19 36.39 12.67
N THR H 101 6.54 36.10 13.79
CA THR H 101 5.80 34.88 13.99
C THR H 101 4.30 35.16 13.98
N THR H 102 3.52 34.08 13.84
CA THR H 102 2.08 34.22 13.91
C THR H 102 1.59 34.60 15.29
N HIS H 103 2.38 34.36 16.33
CA HIS H 103 2.03 34.82 17.67
C HIS H 103 2.02 36.34 17.74
N ASP H 104 3.01 36.99 17.11
CA ASP H 104 3.03 38.45 17.06
C ASP H 104 1.87 38.98 16.22
N VAL H 105 1.50 38.28 15.16
CA VAL H 105 0.32 38.65 14.38
C VAL H 105 -0.94 38.56 15.22
N GLY H 106 -1.05 37.54 16.06
CA GLY H 106 -2.19 37.42 16.95
C GLY H 106 -2.18 38.45 18.05
N LEU H 107 -0.99 38.94 18.40
CA LEU H 107 -0.89 40.00 19.40
C LEU H 107 -1.28 41.36 18.83
N ALA H 108 -1.01 41.60 17.54
CA ALA H 108 -1.36 42.86 16.91
C ALA H 108 -2.86 43.05 16.76
N ILE H 109 -3.65 41.98 16.93
CA ILE H 109 -5.10 42.09 16.77
C ILE H 109 -5.80 42.50 18.07
N LEU H 110 -5.17 42.27 19.23
CA LEU H 110 -5.83 42.56 20.50
C LEU H 110 -6.16 44.04 20.64
N GLY H 111 -5.23 44.91 20.24
CA GLY H 111 -5.43 46.33 20.31
C GLY H 111 -6.68 46.80 19.59
N PRO H 112 -6.70 46.64 18.27
CA PRO H 112 -7.92 47.01 17.52
C PRO H 112 -9.16 46.25 17.94
N LEU H 113 -9.01 44.99 18.37
CA LEU H 113 -10.18 44.20 18.72
C LEU H 113 -10.81 44.67 20.03
N GLN H 114 -10.01 45.26 20.92
CA GLN H 114 -10.57 45.77 22.17
C GLN H 114 -11.63 46.83 21.93
N GLU H 115 -11.43 47.69 20.94
CA GLU H 115 -12.41 48.73 20.65
C GLU H 115 -13.66 48.17 20.00
N LEU H 116 -13.50 47.17 19.11
CA LEU H 116 -14.65 46.64 18.38
C LEU H 116 -15.60 45.90 19.31
N ASP H 117 -15.08 44.99 20.13
CA ASP H 117 -15.91 44.18 21.00
C ASP H 117 -15.11 43.76 22.22
N LEU H 118 -15.84 43.36 23.26
CA LEU H 118 -15.20 42.89 24.50
C LEU H 118 -15.28 41.38 24.65
N VAL H 119 -16.39 40.75 24.25
CA VAL H 119 -16.48 39.30 24.31
C VAL H 119 -15.50 38.66 23.33
N ALA H 120 -15.50 39.14 22.09
CA ALA H 120 -14.59 38.60 21.09
C ALA H 120 -13.14 38.90 21.46
N TYR H 121 -12.87 40.09 21.99
CA TYR H 121 -11.51 40.40 22.44
C TYR H 121 -11.08 39.47 23.55
N LEU H 122 -11.96 39.21 24.52
CA LEU H 122 -11.60 38.33 25.63
C LEU H 122 -11.33 36.91 25.14
N ARG H 123 -12.15 36.43 24.20
CA ARG H 123 -11.90 35.11 23.61
C ARG H 123 -10.54 35.07 22.91
N PHE H 124 -10.27 36.07 22.08
CA PHE H 124 -9.04 36.07 21.29
C PHE H 124 -7.81 36.27 22.17
N ALA H 125 -7.90 37.18 23.15
CA ALA H 125 -6.76 37.47 24.02
C ALA H 125 -6.55 36.40 25.09
N SER H 126 -7.52 35.49 25.28
CA SER H 126 -7.30 34.38 26.20
C SER H 126 -6.25 33.39 25.67
N VAL H 127 -5.94 33.45 24.37
CA VAL H 127 -5.01 32.52 23.76
C VAL H 127 -3.61 33.13 23.73
N TYR H 128 -3.46 34.28 23.08
CA TYR H 128 -2.15 34.85 22.79
C TYR H 128 -1.58 35.62 23.96
N ARG H 129 -2.36 35.87 24.99
CA ARG H 129 -1.79 36.40 26.25
C ARG H 129 -1.61 35.16 27.15
N ALA H 130 -1.69 33.95 26.57
CA ALA H 130 -1.39 32.69 27.28
C ALA H 130 -2.17 32.46 28.58
N PHE H 131 -3.47 32.70 28.59
CA PHE H 131 -4.20 32.58 29.88
C PHE H 131 -4.05 31.18 30.47
N ASP H 132 -3.46 31.10 31.65
CA ASP H 132 -3.35 29.85 32.46
C ASP H 132 -4.53 29.68 33.42
N SER H 133 -5.02 30.76 34.03
CA SER H 133 -6.03 30.63 35.13
C SER H 133 -7.28 31.50 34.97
N LEU H 134 -8.35 31.16 35.68
CA LEU H 134 -9.63 31.93 35.68
C LEU H 134 -9.35 33.34 36.22
N GLU H 135 -8.45 33.45 37.20
CA GLU H 135 -8.08 34.75 37.81
C GLU H 135 -7.47 35.64 36.71
N ASP H 136 -6.70 35.07 35.79
CA ASP H 136 -6.14 35.86 34.65
C ASP H 136 -7.29 36.42 33.81
N PHE H 137 -8.36 35.63 33.58
CA PHE H 137 -9.54 36.15 32.85
C PHE H 137 -10.16 37.31 33.63
N GLU H 138 -10.26 37.18 34.97
CA GLU H 138 -10.88 38.24 35.81
C GLU H 138 -10.04 39.52 35.71
N ALA H 139 -8.71 39.41 35.71
CA ALA H 139 -7.83 40.59 35.61
C ALA H 139 -8.07 41.30 34.27
N ALA H 140 -8.23 40.53 33.19
CA ALA H 140 -8.51 41.13 31.86
C ALA H 140 -9.90 41.78 31.87
N ILE H 141 -10.88 41.15 32.54
CA ILE H 141 -12.25 41.74 32.65
C ILE H 141 -12.15 43.08 33.40
N ALA H 142 -11.36 43.13 34.47
CA ALA H 142 -11.16 44.40 35.22
C ALA H 142 -10.50 45.44 34.31
N GLU H 143 -9.50 45.03 33.53
CA GLU H 143 -8.79 45.96 32.61
C GLU H 143 -9.78 46.51 31.57
N LEU H 144 -10.66 45.64 31.05
CA LEU H 144 -11.67 46.06 30.05
C LEU H 144 -12.64 47.07 30.68
N ARG H 145 -13.05 46.85 31.93
CA ARG H 145 -13.93 47.82 32.63
C ARG H 145 -13.21 49.16 32.78
N GLU H 146 -11.91 49.14 33.11
CA GLU H 146 -11.11 50.40 33.20
C GLU H 146 -11.05 51.07 31.83
N THR H 147 -10.87 50.29 30.76
CA THR H 147 -10.77 50.85 29.39
C THR H 147 -12.14 50.83 28.70
N MET I 1 17.24 -12.24 -20.16
CA MET I 1 17.68 -11.56 -18.96
C MET I 1 17.08 -10.15 -18.89
N HIS I 2 16.64 -9.75 -17.70
CA HIS I 2 16.04 -8.44 -17.53
C HIS I 2 17.05 -7.34 -17.79
N CYS I 3 16.61 -6.31 -18.50
CA CYS I 3 17.50 -5.20 -18.84
C CYS I 3 17.87 -4.43 -17.57
N PRO I 4 19.15 -4.09 -17.37
CA PRO I 4 19.53 -3.35 -16.16
C PRO I 4 19.01 -1.92 -16.12
N PHE I 5 18.62 -1.36 -17.27
CA PHE I 5 18.19 0.03 -17.32
C PHE I 5 16.68 0.17 -17.12
N CYS I 6 15.89 -0.44 -18.02
CA CYS I 6 14.44 -0.30 -18.00
C CYS I 6 13.71 -1.53 -17.51
N ARG I 7 14.42 -2.57 -17.08
CA ARG I 7 13.83 -3.77 -16.49
C ARG I 7 12.89 -4.49 -17.46
N HIS I 8 13.21 -4.47 -18.74
CA HIS I 8 12.42 -5.23 -19.71
C HIS I 8 12.70 -6.73 -19.53
N PRO I 9 11.67 -7.57 -19.54
CA PRO I 9 11.87 -8.98 -19.13
C PRO I 9 12.86 -9.76 -19.98
N ASP I 10 12.93 -9.50 -21.28
CA ASP I 10 13.74 -10.30 -22.19
C ASP I 10 14.74 -9.44 -22.92
N SER I 11 15.93 -9.99 -23.15
CA SER I 11 17.01 -9.29 -23.85
C SER I 11 17.63 -10.21 -24.87
N ARG I 12 17.90 -9.68 -26.06
CA ARG I 12 18.57 -10.43 -27.11
C ARG I 12 20.05 -10.59 -26.78
N VAL I 13 20.74 -11.38 -27.59
CA VAL I 13 22.17 -11.60 -27.46
C VAL I 13 22.83 -11.09 -28.73
N VAL I 14 23.55 -9.98 -28.62
CA VAL I 14 24.21 -9.40 -29.79
C VAL I 14 25.36 -10.31 -30.24
N ASP I 15 26.19 -10.75 -29.31
CA ASP I 15 27.29 -11.63 -29.69
C ASP I 15 27.77 -12.40 -28.47
N SER I 16 28.54 -13.45 -28.73
CA SER I 16 29.12 -14.29 -27.68
C SER I 16 30.56 -14.61 -28.03
N ARG I 17 31.36 -14.87 -27.00
CA ARG I 17 32.77 -15.20 -27.19
C ARG I 17 33.24 -16.10 -26.05
N THR I 18 33.94 -17.17 -26.40
CA THR I 18 34.53 -18.07 -25.42
C THR I 18 35.94 -17.61 -25.10
N THR I 19 36.26 -17.52 -23.81
CA THR I 19 37.57 -17.06 -23.41
C THR I 19 38.63 -18.11 -23.72
N ASP I 20 39.89 -17.67 -23.71
CA ASP I 20 41.00 -18.57 -24.02
C ASP I 20 41.10 -19.70 -23.00
N ASP I 21 40.89 -19.38 -21.71
CA ASP I 21 40.93 -20.41 -20.68
C ASP I 21 39.81 -21.43 -20.89
N GLY I 22 38.64 -20.99 -21.33
CA GLY I 22 37.53 -21.86 -21.64
C GLY I 22 36.54 -22.06 -20.53
N THR I 23 36.81 -21.53 -19.33
CA THR I 23 35.88 -21.66 -18.21
C THR I 23 34.87 -20.52 -18.14
N SER I 24 34.89 -19.59 -19.08
CA SER I 24 33.99 -18.45 -19.06
C SER I 24 33.50 -18.17 -20.47
N ILE I 25 32.31 -17.57 -20.54
CA ILE I 25 31.73 -17.10 -21.80
C ILE I 25 31.28 -15.66 -21.60
N ARG I 26 31.70 -14.76 -22.49
CA ARG I 26 31.36 -13.35 -22.40
C ARG I 26 30.42 -13.01 -23.54
N ARG I 27 29.24 -12.48 -23.20
CA ARG I 27 28.22 -12.15 -24.18
C ARG I 27 27.91 -10.66 -24.10
N ARG I 28 27.63 -10.08 -25.26
CA ARG I 28 27.10 -8.73 -25.37
C ARG I 28 25.64 -8.82 -25.77
N ARG I 29 24.78 -8.17 -25.00
CA ARG I 29 23.34 -8.23 -25.13
C ARG I 29 22.78 -6.83 -25.37
N GLN I 30 21.60 -6.78 -26.00
CA GLN I 30 20.91 -5.53 -26.24
C GLN I 30 19.44 -5.67 -25.87
N CYS I 31 18.91 -4.67 -25.20
CA CYS I 31 17.50 -4.68 -24.83
C CYS I 31 16.64 -4.30 -26.04
N PRO I 32 15.62 -5.11 -26.36
CA PRO I 32 14.75 -4.75 -27.50
C PRO I 32 14.01 -3.43 -27.32
N ASP I 33 13.69 -3.05 -26.09
CA ASP I 33 12.87 -1.87 -25.85
C ASP I 33 13.69 -0.59 -25.95
N CYS I 34 14.69 -0.43 -25.08
CA CYS I 34 15.47 0.79 -25.01
C CYS I 34 16.69 0.79 -25.93
N SER I 35 17.02 -0.36 -26.54
CA SER I 35 18.15 -0.47 -27.45
C SER I 35 19.46 -0.03 -26.80
N ARG I 36 19.63 -0.37 -25.52
CA ARG I 36 20.85 -0.09 -24.78
C ARG I 36 21.56 -1.39 -24.48
N ARG I 37 22.83 -1.48 -24.87
CA ARG I 37 23.59 -2.72 -24.77
C ARG I 37 24.31 -2.82 -23.45
N PHE I 38 24.54 -4.06 -23.01
CA PHE I 38 25.32 -4.36 -21.82
C PHE I 38 26.04 -5.69 -22.04
N THR I 39 26.77 -6.11 -21.02
CA THR I 39 27.61 -7.30 -21.12
C THR I 39 27.34 -8.24 -19.96
N THR I 40 27.49 -9.54 -20.21
CA THR I 40 27.29 -10.57 -19.20
C THR I 40 28.42 -11.60 -19.31
N VAL I 41 28.71 -12.25 -18.19
CA VAL I 41 29.71 -13.31 -18.13
C VAL I 41 29.08 -14.53 -17.47
N GLU I 42 29.30 -15.70 -18.08
CA GLU I 42 28.80 -16.97 -17.59
C GLU I 42 29.97 -17.87 -17.24
N THR I 43 30.00 -18.35 -16.00
CA THR I 43 31.06 -19.22 -15.53
C THR I 43 30.45 -20.37 -14.74
N CYS I 44 31.12 -21.53 -14.79
CA CYS I 44 30.74 -22.67 -13.96
C CYS I 44 31.37 -22.48 -12.59
N SER I 45 30.79 -21.58 -11.81
CA SER I 45 31.34 -21.19 -10.52
C SER I 45 30.92 -22.18 -9.43
N LEU I 46 31.80 -22.34 -8.45
CA LEU I 46 31.53 -23.23 -7.32
C LEU I 46 30.57 -22.54 -6.37
N MET I 47 29.45 -23.21 -6.08
CA MET I 47 28.41 -22.67 -5.22
C MET I 47 28.52 -23.24 -3.82
N VAL I 48 28.18 -22.43 -2.83
CA VAL I 48 28.16 -22.83 -1.43
C VAL I 48 26.75 -22.63 -0.90
N VAL I 49 26.24 -23.62 -0.16
CA VAL I 49 24.92 -23.53 0.42
C VAL I 49 25.02 -22.75 1.72
N LYS I 50 24.26 -21.66 1.82
CA LYS I 50 24.31 -20.80 3.00
C LYS I 50 23.59 -21.49 4.16
N ARG I 51 23.46 -20.79 5.28
CA ARG I 51 22.73 -21.33 6.41
C ARG I 51 21.25 -21.51 6.10
N SER I 52 20.73 -20.78 5.12
CA SER I 52 19.40 -21.00 4.59
C SER I 52 19.50 -21.95 3.39
N GLY I 53 18.42 -22.07 2.62
CA GLY I 53 18.47 -22.88 1.42
C GLY I 53 19.07 -22.18 0.22
N VAL I 54 19.45 -20.92 0.36
CA VAL I 54 19.96 -20.15 -0.77
C VAL I 54 21.41 -20.52 -1.02
N THR I 55 21.74 -20.78 -2.29
CA THR I 55 23.11 -21.06 -2.71
C THR I 55 23.74 -19.79 -3.27
N GLU I 56 24.98 -19.54 -2.89
CA GLU I 56 25.69 -18.32 -3.27
C GLU I 56 27.02 -18.67 -3.91
N PRO I 57 27.44 -17.93 -4.92
CA PRO I 57 28.76 -18.19 -5.52
C PRO I 57 29.88 -17.97 -4.51
N PHE I 58 30.90 -18.82 -4.61
CA PHE I 58 32.05 -18.71 -3.72
C PHE I 58 32.86 -17.46 -4.05
N SER I 59 33.29 -16.75 -3.02
CA SER I 59 34.06 -15.54 -3.19
C SER I 59 35.10 -15.45 -2.08
N ARG I 60 36.38 -15.39 -2.46
CA ARG I 60 37.44 -15.21 -1.47
C ARG I 60 37.33 -13.86 -0.77
N THR I 61 36.72 -12.88 -1.44
CA THR I 61 36.59 -11.56 -0.85
C THR I 61 35.78 -11.59 0.44
N LYS I 62 34.67 -12.35 0.43
CA LYS I 62 33.85 -12.46 1.63
C LYS I 62 34.60 -13.12 2.78
N VAL I 63 35.38 -14.17 2.47
CA VAL I 63 36.16 -14.85 3.49
C VAL I 63 37.19 -13.90 4.09
N ILE I 64 37.89 -13.15 3.23
CA ILE I 64 38.89 -12.21 3.70
C ILE I 64 38.26 -11.11 4.54
N ASN I 65 37.10 -10.59 4.10
CA ASN I 65 36.43 -9.55 4.87
C ASN I 65 35.99 -10.07 6.23
N GLY I 66 35.45 -11.29 6.27
CA GLY I 66 35.02 -11.84 7.55
C GLY I 66 36.18 -12.06 8.51
N VAL I 67 37.28 -12.62 8.00
CA VAL I 67 38.42 -12.87 8.87
C VAL I 67 39.06 -11.57 9.32
N ARG I 68 39.07 -10.55 8.44
CA ARG I 68 39.60 -9.24 8.81
C ARG I 68 38.75 -8.60 9.91
N LYS I 69 37.43 -8.68 9.77
CA LYS I 69 36.55 -8.18 10.82
C LYS I 69 36.73 -8.97 12.11
N ALA I 70 37.09 -10.25 12.00
CA ALA I 70 37.46 -11.01 13.19
C ALA I 70 38.86 -10.65 13.69
N CYS I 71 39.73 -10.17 12.80
CA CYS I 71 41.10 -9.83 13.16
C CYS I 71 41.28 -8.36 13.52
N GLN I 72 40.19 -7.60 13.60
CA GLN I 72 40.30 -6.18 13.94
C GLN I 72 40.87 -6.01 15.34
N GLY I 73 41.74 -5.01 15.51
CA GLY I 73 42.42 -4.81 16.76
C GLY I 73 43.60 -5.73 17.00
N ARG I 74 44.05 -6.45 15.98
CA ARG I 74 45.14 -7.40 16.10
C ARG I 74 46.20 -7.11 15.04
N PRO I 75 47.47 -7.40 15.34
CA PRO I 75 48.56 -7.14 14.38
C PRO I 75 48.61 -8.18 13.26
N VAL I 76 47.65 -8.10 12.35
CA VAL I 76 47.56 -9.00 11.19
C VAL I 76 47.67 -8.16 9.94
N THR I 77 48.64 -8.47 9.09
CA THR I 77 48.84 -7.73 7.86
C THR I 77 47.91 -8.24 6.76
N GLU I 78 47.75 -7.42 5.72
CA GLU I 78 46.87 -7.79 4.61
C GLU I 78 47.44 -8.95 3.80
N ASP I 79 48.77 -9.05 3.70
CA ASP I 79 49.37 -10.16 2.98
C ASP I 79 49.05 -11.50 3.64
N ALA I 80 49.08 -11.54 4.97
CA ALA I 80 48.73 -12.76 5.68
C ALA I 80 47.27 -13.13 5.44
N LEU I 81 46.39 -12.14 5.43
CA LEU I 81 44.97 -12.40 5.15
C LEU I 81 44.78 -12.93 3.74
N ALA I 82 45.50 -12.35 2.77
CA ALA I 82 45.39 -12.84 1.40
C ALA I 82 45.90 -14.27 1.28
N GLN I 83 47.01 -14.59 1.96
CA GLN I 83 47.51 -15.96 1.95
C GLN I 83 46.52 -16.91 2.60
N LEU I 84 45.89 -16.50 3.70
CA LEU I 84 44.88 -17.33 4.36
C LEU I 84 43.69 -17.58 3.43
N GLY I 85 43.22 -16.54 2.74
CA GLY I 85 42.12 -16.72 1.82
C GLY I 85 42.47 -17.64 0.67
N GLN I 86 43.68 -17.50 0.12
CA GLN I 86 44.13 -18.38 -0.94
C GLN I 86 44.20 -19.83 -0.46
N ARG I 87 44.73 -20.04 0.74
CA ARG I 87 44.81 -21.40 1.28
C ARG I 87 43.42 -22.00 1.50
N VAL I 88 42.48 -21.19 2.02
CA VAL I 88 41.13 -21.70 2.25
C VAL I 88 40.46 -22.06 0.94
N GLU I 89 40.58 -21.20 -0.08
CA GLU I 89 39.98 -21.50 -1.38
C GLU I 89 40.62 -22.75 -1.99
N GLU I 90 41.95 -22.89 -1.87
CA GLU I 90 42.61 -24.07 -2.40
C GLU I 90 42.14 -25.33 -1.68
N ALA I 91 41.97 -25.26 -0.36
CA ALA I 91 41.51 -26.42 0.39
C ALA I 91 40.10 -26.81 -0.01
N VAL I 92 39.19 -25.84 -0.10
CA VAL I 92 37.81 -26.19 -0.44
C VAL I 92 37.71 -26.67 -1.89
N ARG I 93 38.59 -26.20 -2.76
CA ARG I 93 38.60 -26.74 -4.13
C ARG I 93 39.18 -28.15 -4.17
N ALA I 94 40.18 -28.43 -3.33
CA ALA I 94 40.84 -29.73 -3.36
C ALA I 94 40.00 -30.83 -2.70
N THR I 95 39.23 -30.48 -1.67
CA THR I 95 38.39 -31.50 -1.02
C THR I 95 37.36 -32.05 -1.99
N GLY I 96 36.74 -31.19 -2.79
CA GLY I 96 35.74 -31.64 -3.74
C GLY I 96 34.53 -32.26 -3.10
N SER I 97 33.99 -31.62 -2.06
CA SER I 97 32.85 -32.16 -1.34
C SER I 97 31.63 -32.21 -2.25
N ALA I 98 30.80 -33.25 -2.05
CA ALA I 98 29.59 -33.41 -2.85
C ALA I 98 28.63 -32.25 -2.63
N GLU I 99 28.47 -31.80 -1.39
CA GLU I 99 27.57 -30.72 -1.05
C GLU I 99 28.32 -29.77 -0.11
N LEU I 100 28.82 -28.67 -0.66
CA LEU I 100 29.65 -27.74 0.10
C LEU I 100 28.77 -26.65 0.71
N THR I 101 28.83 -26.51 2.03
CA THR I 101 28.10 -25.48 2.76
C THR I 101 29.05 -24.42 3.27
N THR I 102 28.49 -23.28 3.67
CA THR I 102 29.29 -22.21 4.25
C THR I 102 29.87 -22.61 5.60
N HIS I 103 29.28 -23.58 6.28
CA HIS I 103 29.87 -24.09 7.52
C HIS I 103 31.21 -24.75 7.25
N ASP I 104 31.31 -25.54 6.18
CA ASP I 104 32.58 -26.15 5.81
C ASP I 104 33.59 -25.09 5.38
N VAL I 105 33.14 -24.02 4.72
CA VAL I 105 34.02 -22.91 4.39
C VAL I 105 34.54 -22.24 5.65
N GLY I 106 33.71 -22.09 6.67
CA GLY I 106 34.16 -21.52 7.93
C GLY I 106 35.07 -22.45 8.70
N LEU I 107 34.94 -23.76 8.45
CA LEU I 107 35.83 -24.73 9.07
C LEU I 107 37.21 -24.75 8.42
N ALA I 108 37.28 -24.49 7.11
CA ALA I 108 38.55 -24.47 6.40
C ALA I 108 39.43 -23.29 6.80
N ILE I 109 38.87 -22.29 7.48
CA ILE I 109 39.65 -21.12 7.88
C ILE I 109 40.35 -21.30 9.21
N LEU I 110 39.87 -22.21 10.06
CA LEU I 110 40.44 -22.37 11.40
C LEU I 110 41.90 -22.80 11.34
N GLY I 111 42.21 -23.73 10.44
CA GLY I 111 43.57 -24.20 10.27
C GLY I 111 44.56 -23.10 10.00
N PRO I 112 44.42 -22.43 8.85
CA PRO I 112 45.32 -21.29 8.56
C PRO I 112 45.24 -20.17 9.59
N LEU I 113 44.07 -19.94 10.19
CA LEU I 113 43.92 -18.84 11.12
C LEU I 113 44.65 -19.11 12.43
N GLN I 114 44.81 -20.38 12.81
CA GLN I 114 45.53 -20.71 14.04
C GLN I 114 46.96 -20.21 14.00
N GLU I 115 47.61 -20.30 12.83
CA GLU I 115 48.99 -19.84 12.72
C GLU I 115 49.08 -18.32 12.75
N LEU I 116 48.13 -17.64 12.10
CA LEU I 116 48.19 -16.18 12.00
C LEU I 116 48.00 -15.53 13.36
N ASP I 117 46.95 -15.91 14.09
CA ASP I 117 46.65 -15.29 15.37
C ASP I 117 45.92 -16.29 16.25
N LEU I 118 45.91 -16.01 17.55
CA LEU I 118 45.21 -16.85 18.52
C LEU I 118 43.92 -16.22 19.01
N VAL I 119 43.89 -14.90 19.22
CA VAL I 119 42.65 -14.24 19.62
C VAL I 119 41.61 -14.31 18.50
N ALA I 120 42.03 -13.96 17.28
CA ALA I 120 41.11 -14.03 16.15
C ALA I 120 40.68 -15.45 15.86
N TYR I 121 41.61 -16.41 15.98
CA TYR I 121 41.25 -17.81 15.79
C TYR I 121 40.24 -18.26 16.83
N LEU I 122 40.43 -17.87 18.08
CA LEU I 122 39.50 -18.27 19.14
C LEU I 122 38.12 -17.67 18.91
N ARG I 123 38.07 -16.41 18.48
CA ARG I 123 36.79 -15.80 18.14
C ARG I 123 36.11 -16.54 17.00
N PHE I 124 36.84 -16.81 15.92
CA PHE I 124 36.25 -17.44 14.74
C PHE I 124 35.86 -18.89 15.01
N ALA I 125 36.70 -19.63 15.73
CA ALA I 125 36.43 -21.03 16.03
C ALA I 125 35.40 -21.22 17.13
N SER I 126 35.06 -20.16 17.87
CA SER I 126 33.98 -20.26 18.84
C SER I 126 32.62 -20.44 18.18
N VAL I 127 32.51 -20.15 16.89
CA VAL I 127 31.24 -20.22 16.17
C VAL I 127 31.11 -21.57 15.50
N TYR I 128 32.04 -21.88 14.61
CA TYR I 128 31.93 -23.04 13.73
C TYR I 128 32.34 -24.35 14.39
N ARG I 129 32.94 -24.28 15.55
CA ARG I 129 33.15 -25.51 16.35
C ARG I 129 31.98 -25.53 17.34
N ALA I 130 30.97 -24.69 17.13
CA ALA I 130 29.71 -24.70 17.92
C ALA I 130 29.89 -24.56 19.44
N PHE I 131 30.72 -23.64 19.90
CA PHE I 131 30.97 -23.58 21.36
C PHE I 131 29.67 -23.37 22.13
N ASP I 132 29.32 -24.32 22.98
CA ASP I 132 28.18 -24.25 23.93
C ASP I 132 28.59 -23.65 25.29
N SER I 133 29.79 -23.99 25.79
CA SER I 133 30.16 -23.61 27.20
C SER I 133 31.53 -22.92 27.35
N LEU I 134 31.73 -22.24 28.47
CA LEU I 134 33.02 -21.56 28.79
C LEU I 134 34.12 -22.61 28.86
N GLU I 135 33.81 -23.80 29.38
CA GLU I 135 34.79 -24.90 29.49
C GLU I 135 35.28 -25.28 28.08
N ASP I 136 34.40 -25.25 27.08
CA ASP I 136 34.81 -25.53 25.68
C ASP I 136 35.84 -24.48 25.24
N PHE I 137 35.66 -23.21 25.62
CA PHE I 137 36.67 -22.16 25.30
C PHE I 137 37.99 -22.51 25.99
N GLU I 138 37.94 -22.96 27.25
CA GLU I 138 39.17 -23.30 28.02
C GLU I 138 39.91 -24.44 27.33
N ALA I 139 39.17 -25.46 26.85
CA ALA I 139 39.80 -26.61 26.17
C ALA I 139 40.52 -26.13 24.90
N ALA I 140 39.90 -25.20 24.16
CA ALA I 140 40.56 -24.65 22.95
C ALA I 140 41.78 -23.82 23.34
N ILE I 141 41.70 -23.07 24.46
CA ILE I 141 42.88 -22.29 24.95
C ILE I 141 44.01 -23.25 25.30
N ALA I 142 43.69 -24.38 25.95
CA ALA I 142 44.73 -25.40 26.27
C ALA I 142 45.32 -25.98 24.98
N GLU I 143 44.47 -26.24 23.98
CA GLU I 143 44.95 -26.79 22.68
C GLU I 143 45.88 -25.78 22.02
N LEU I 144 45.53 -24.49 22.07
CA LEU I 144 46.37 -23.42 21.47
C LEU I 144 47.73 -23.36 22.18
N ARG I 145 47.74 -23.50 23.51
CA ARG I 145 49.01 -23.51 24.27
C ARG I 145 49.86 -24.72 23.84
N GLU I 146 49.23 -25.89 23.64
CA GLU I 146 49.96 -27.09 23.15
C GLU I 146 50.52 -26.82 21.74
N THR I 147 49.73 -26.15 20.88
CA THR I 147 50.16 -25.88 19.48
C THR I 147 50.78 -24.48 19.40
N MET J 1 10.88 -21.88 15.90
CA MET J 1 9.98 -22.00 14.77
C MET J 1 8.73 -21.16 14.99
N HIS J 2 8.27 -20.49 13.92
CA HIS J 2 7.10 -19.65 14.01
C HIS J 2 5.86 -20.48 14.31
N CYS J 3 5.02 -19.98 15.21
CA CYS J 3 3.81 -20.67 15.59
C CYS J 3 2.84 -20.72 14.41
N PRO J 4 2.23 -21.88 14.12
CA PRO J 4 1.29 -21.94 12.99
C PRO J 4 0.00 -21.17 13.22
N PHE J 5 -0.33 -20.86 14.47
CA PHE J 5 -1.60 -20.19 14.78
C PHE J 5 -1.46 -18.67 14.80
N CYS J 6 -0.60 -18.15 15.67
CA CYS J 6 -0.46 -16.71 15.86
C CYS J 6 0.83 -16.14 15.29
N ARG J 7 1.64 -16.96 14.62
CA ARG J 7 2.87 -16.52 13.94
C ARG J 7 3.87 -15.87 14.90
N HIS J 8 3.94 -16.36 16.13
CA HIS J 8 4.95 -15.87 17.06
C HIS J 8 6.32 -16.38 16.64
N PRO J 9 7.35 -15.52 16.65
CA PRO J 9 8.63 -15.92 16.02
C PRO J 9 9.30 -17.14 16.62
N ASP J 10 9.19 -17.36 17.93
CA ASP J 10 9.92 -18.41 18.60
C ASP J 10 8.96 -19.35 19.33
N SER J 11 9.29 -20.63 19.33
CA SER J 11 8.49 -21.65 19.98
C SER J 11 9.39 -22.59 20.78
N ARG J 12 8.95 -22.93 21.99
CA ARG J 12 9.67 -23.87 22.83
C ARG J 12 9.50 -25.29 22.30
N VAL J 13 10.24 -26.22 22.90
CA VAL J 13 10.16 -27.64 22.56
C VAL J 13 9.68 -28.37 23.81
N VAL J 14 8.44 -28.85 23.78
CA VAL J 14 7.89 -29.57 24.92
C VAL J 14 8.61 -30.90 25.11
N ASP J 15 8.76 -31.66 24.02
CA ASP J 15 9.44 -32.95 24.13
C ASP J 15 9.95 -33.37 22.76
N SER J 16 10.86 -34.35 22.77
CA SER J 16 11.43 -34.90 21.55
C SER J 16 11.51 -36.42 21.67
N ARG J 17 11.47 -37.09 20.52
CA ARG J 17 11.54 -38.54 20.49
C ARG J 17 12.19 -38.99 19.19
N THR J 18 13.13 -39.92 19.29
CA THR J 18 13.78 -40.50 18.12
C THR J 18 13.02 -41.76 17.70
N THR J 19 12.71 -41.85 16.42
CA THR J 19 11.95 -43.00 15.92
C THR J 19 12.81 -44.26 15.94
N ASP J 20 12.13 -45.41 15.85
CA ASP J 20 12.83 -46.69 15.88
C ASP J 20 13.79 -46.84 14.70
N ASP J 21 13.36 -46.39 13.52
CA ASP J 21 14.24 -46.46 12.35
C ASP J 21 15.47 -45.59 12.55
N GLY J 22 15.32 -44.43 13.19
CA GLY J 22 16.43 -43.55 13.50
C GLY J 22 16.69 -42.46 12.50
N THR J 23 15.97 -42.45 11.37
CA THR J 23 16.14 -41.41 10.36
C THR J 23 15.23 -40.21 10.57
N SER J 24 14.42 -40.21 11.64
CA SER J 24 13.49 -39.13 11.89
C SER J 24 13.48 -38.79 13.37
N ILE J 25 13.15 -37.55 13.68
CA ILE J 25 12.95 -37.09 15.04
C ILE J 25 11.62 -36.36 15.12
N ARG J 26 10.77 -36.74 16.08
CA ARG J 26 9.45 -36.15 16.22
C ARG J 26 9.43 -35.33 17.51
N ARG J 27 9.12 -34.04 17.39
CA ARG J 27 9.10 -33.14 18.52
C ARG J 27 7.71 -32.55 18.70
N ARG J 28 7.34 -32.36 19.96
CA ARG J 28 6.14 -31.61 20.33
C ARG J 28 6.56 -30.26 20.89
N ARG J 29 6.01 -29.19 20.32
CA ARG J 29 6.37 -27.83 20.63
C ARG J 29 5.14 -27.07 21.13
N GLN J 30 5.40 -26.00 21.89
CA GLN J 30 4.34 -25.14 22.40
C GLN J 30 4.73 -23.68 22.20
N CYS J 31 3.77 -22.89 21.74
CA CYS J 31 4.02 -21.46 21.55
C CYS J 31 3.97 -20.75 22.90
N PRO J 32 4.99 -19.93 23.23
CA PRO J 32 4.95 -19.19 24.49
C PRO J 32 3.79 -18.22 24.61
N ASP J 33 3.34 -17.65 23.48
CA ASP J 33 2.33 -16.61 23.53
C ASP J 33 0.92 -17.20 23.71
N CYS J 34 0.47 -18.01 22.75
CA CYS J 34 -0.88 -18.55 22.77
C CYS J 34 -1.01 -19.87 23.53
N SER J 35 0.11 -20.48 23.92
CA SER J 35 0.11 -21.74 24.66
C SER J 35 -0.65 -22.83 23.92
N ARG J 36 -0.51 -22.87 22.59
CA ARG J 36 -1.11 -23.90 21.76
C ARG J 36 -0.01 -24.78 21.20
N ARG J 37 -0.14 -26.09 21.41
CA ARG J 37 0.91 -27.04 21.05
C ARG J 37 0.71 -27.56 19.63
N PHE J 38 1.82 -27.94 19.01
CA PHE J 38 1.81 -28.57 17.70
C PHE J 38 2.99 -29.54 17.63
N THR J 39 3.14 -30.19 16.48
CA THR J 39 4.15 -31.22 16.30
C THR J 39 4.97 -30.96 15.05
N THR J 40 6.24 -31.38 15.10
CA THR J 40 7.16 -31.22 13.99
C THR J 40 7.95 -32.51 13.80
N VAL J 41 8.41 -32.74 12.58
CA VAL J 41 9.22 -33.90 12.24
C VAL J 41 10.46 -33.41 11.49
N GLU J 42 11.62 -33.93 11.90
CA GLU J 42 12.90 -33.59 11.29
C GLU J 42 13.50 -34.84 10.67
N THR J 43 13.81 -34.77 9.38
CA THR J 43 14.41 -35.89 8.66
C THR J 43 15.55 -35.38 7.80
N CYS J 44 16.54 -36.25 7.59
CA CYS J 44 17.63 -35.96 6.66
C CYS J 44 17.16 -36.35 5.27
N SER J 45 16.31 -35.49 4.71
CA SER J 45 15.67 -35.77 3.43
C SER J 45 16.58 -35.39 2.27
N LEU J 46 16.45 -36.13 1.17
CA LEU J 46 17.23 -35.86 -0.03
C LEU J 46 16.64 -34.66 -0.76
N MET J 47 17.47 -33.65 -0.99
CA MET J 47 17.04 -32.42 -1.63
C MET J 47 17.42 -32.42 -3.11
N VAL J 48 16.57 -31.79 -3.92
CA VAL J 48 16.81 -31.65 -5.35
C VAL J 48 16.82 -30.16 -5.67
N VAL J 49 17.80 -29.73 -6.47
CA VAL J 49 17.90 -28.34 -6.87
C VAL J 49 16.96 -28.11 -8.05
N LYS J 50 16.04 -27.17 -7.90
CA LYS J 50 15.05 -26.88 -8.93
C LYS J 50 15.74 -26.14 -10.08
N ARG J 51 14.93 -25.73 -11.07
CA ARG J 51 15.48 -24.94 -12.17
C ARG J 51 15.97 -23.58 -11.71
N SER J 52 15.49 -23.09 -10.58
CA SER J 52 16.03 -21.90 -9.94
C SER J 52 17.07 -22.35 -8.90
N GLY J 53 17.49 -21.43 -8.03
CA GLY J 53 18.41 -21.81 -6.98
C GLY J 53 17.76 -22.44 -5.77
N VAL J 54 16.45 -22.57 -5.77
CA VAL J 54 15.72 -23.09 -4.61
C VAL J 54 15.83 -24.61 -4.59
N THR J 55 16.17 -25.15 -3.43
CA THR J 55 16.22 -26.59 -3.22
C THR J 55 14.93 -27.07 -2.57
N GLU J 56 14.39 -28.18 -3.06
CA GLU J 56 13.12 -28.70 -2.59
C GLU J 56 13.28 -30.16 -2.18
N PRO J 57 12.58 -30.59 -1.12
CA PRO J 57 12.65 -32.00 -0.73
C PRO J 57 12.10 -32.90 -1.83
N PHE J 58 12.74 -34.06 -1.98
CA PHE J 58 12.31 -35.04 -2.97
C PHE J 58 10.98 -35.64 -2.57
N SER J 59 10.07 -35.78 -3.53
CA SER J 59 8.75 -36.35 -3.28
C SER J 59 8.33 -37.17 -4.49
N ARG J 60 8.07 -38.47 -4.27
CA ARG J 60 7.58 -39.31 -5.34
C ARG J 60 6.20 -38.87 -5.81
N THR J 61 5.43 -38.21 -4.94
CA THR J 61 4.10 -37.75 -5.31
C THR J 61 4.15 -36.77 -6.47
N LYS J 62 5.10 -35.84 -6.46
CA LYS J 62 5.22 -34.88 -7.54
C LYS J 62 5.59 -35.56 -8.86
N VAL J 63 6.50 -36.54 -8.80
CA VAL J 63 6.88 -37.29 -10.00
C VAL J 63 5.67 -38.03 -10.57
N ILE J 64 4.91 -38.69 -9.70
CA ILE J 64 3.75 -39.44 -10.15
C ILE J 64 2.70 -38.50 -10.74
N ASN J 65 2.47 -37.35 -10.10
CA ASN J 65 1.50 -36.39 -10.61
C ASN J 65 1.93 -35.86 -11.98
N GLY J 66 3.22 -35.54 -12.13
CA GLY J 66 3.70 -35.04 -13.41
C GLY J 66 3.56 -36.07 -14.52
N VAL J 67 3.95 -37.31 -14.24
CA VAL J 67 3.86 -38.34 -15.27
C VAL J 67 2.41 -38.66 -15.60
N ARG J 68 1.52 -38.62 -14.59
CA ARG J 68 0.11 -38.85 -14.84
C ARG J 68 -0.48 -37.74 -15.71
N LYS J 69 -0.12 -36.49 -15.42
CA LYS J 69 -0.56 -35.39 -16.28
C LYS J 69 0.02 -35.53 -17.68
N ALA J 70 1.20 -36.12 -17.80
CA ALA J 70 1.74 -36.44 -19.12
C ALA J 70 1.04 -37.66 -19.73
N CYS J 71 0.51 -38.56 -18.90
CA CYS J 71 -0.13 -39.77 -19.36
C CYS J 71 -1.64 -39.63 -19.53
N GLN J 72 -2.18 -38.43 -19.37
CA GLN J 72 -3.62 -38.24 -19.51
C GLN J 72 -4.06 -38.55 -20.92
N GLY J 73 -5.23 -39.19 -21.04
CA GLY J 73 -5.71 -39.63 -22.33
C GLY J 73 -5.07 -40.90 -22.85
N ARG J 74 -4.34 -41.62 -22.00
CA ARG J 74 -3.64 -42.84 -22.39
C ARG J 74 -4.01 -43.97 -21.44
N PRO J 75 -4.01 -45.22 -21.93
CA PRO J 75 -4.37 -46.37 -21.07
C PRO J 75 -3.23 -46.77 -20.14
N VAL J 76 -3.00 -45.95 -19.11
CA VAL J 76 -1.98 -46.20 -18.11
C VAL J 76 -2.67 -46.33 -16.76
N THR J 77 -2.45 -47.46 -16.08
CA THR J 77 -3.07 -47.71 -14.79
C THR J 77 -2.25 -47.05 -13.68
N GLU J 78 -2.90 -46.90 -12.52
CA GLU J 78 -2.23 -46.28 -11.38
C GLU J 78 -1.12 -47.15 -10.82
N ASP J 79 -1.27 -48.48 -10.90
CA ASP J 79 -0.22 -49.37 -10.41
C ASP J 79 1.06 -49.20 -11.22
N ALA J 80 0.94 -49.05 -12.54
CA ALA J 80 2.12 -48.82 -13.38
C ALA J 80 2.79 -47.51 -13.02
N LEU J 81 2.00 -46.46 -12.74
CA LEU J 81 2.56 -45.17 -12.34
C LEU J 81 3.28 -45.29 -11.01
N ALA J 82 2.70 -46.03 -10.06
CA ALA J 82 3.36 -46.21 -8.77
C ALA J 82 4.67 -46.98 -8.93
N GLN J 83 4.67 -48.01 -9.78
CA GLN J 83 5.91 -48.74 -10.03
C GLN J 83 6.96 -47.86 -10.68
N LEU J 84 6.54 -47.01 -11.62
CA LEU J 84 7.48 -46.09 -12.26
C LEU J 84 8.06 -45.11 -11.25
N GLY J 85 7.23 -44.56 -10.37
CA GLY J 85 7.73 -43.66 -9.36
C GLY J 85 8.70 -44.33 -8.40
N GLN J 86 8.38 -45.57 -7.99
CA GLN J 86 9.28 -46.32 -7.12
C GLN J 86 10.62 -46.58 -7.81
N ARG J 87 10.58 -46.95 -9.10
CA ARG J 87 11.82 -47.19 -9.83
C ARG J 87 12.64 -45.91 -9.95
N VAL J 88 11.99 -44.79 -10.23
CA VAL J 88 12.71 -43.52 -10.38
C VAL J 88 13.36 -43.12 -9.06
N GLU J 89 12.61 -43.24 -7.95
CA GLU J 89 13.19 -42.90 -6.64
C GLU J 89 14.34 -43.83 -6.30
N GLU J 90 14.20 -45.13 -6.59
CA GLU J 90 15.29 -46.07 -6.33
C GLU J 90 16.52 -45.72 -7.16
N ALA J 91 16.32 -45.35 -8.43
CA ALA J 91 17.45 -45.00 -9.28
C ALA J 91 18.16 -43.76 -8.77
N VAL J 92 17.41 -42.72 -8.43
CA VAL J 92 18.05 -41.48 -7.98
C VAL J 92 18.72 -41.68 -6.62
N ARG J 93 18.20 -42.59 -5.79
CA ARG J 93 18.87 -42.90 -4.53
C ARG J 93 20.15 -43.71 -4.77
N ALA J 94 20.12 -44.62 -5.75
CA ALA J 94 21.26 -45.49 -6.00
C ALA J 94 22.40 -44.77 -6.70
N THR J 95 22.11 -43.82 -7.57
CA THR J 95 23.18 -43.09 -8.25
C THR J 95 24.04 -42.31 -7.26
N GLY J 96 23.41 -41.68 -6.27
CA GLY J 96 24.16 -40.93 -5.28
C GLY J 96 24.93 -39.76 -5.85
N SER J 97 24.29 -38.98 -6.72
CA SER J 97 24.96 -37.85 -7.36
C SER J 97 25.36 -36.80 -6.32
N ALA J 98 26.49 -36.15 -6.58
CA ALA J 98 26.99 -35.13 -5.67
C ALA J 98 26.01 -33.96 -5.58
N GLU J 99 25.46 -33.55 -6.72
CA GLU J 99 24.54 -32.42 -6.80
C GLU J 99 23.36 -32.83 -7.67
N LEU J 100 22.25 -33.21 -7.04
CA LEU J 100 21.09 -33.74 -7.75
C LEU J 100 20.14 -32.60 -8.08
N THR J 101 19.83 -32.44 -9.36
CA THR J 101 18.90 -31.44 -9.84
C THR J 101 17.60 -32.11 -10.30
N THR J 102 16.57 -31.29 -10.46
CA THR J 102 15.30 -31.80 -10.98
C THR J 102 15.41 -32.23 -12.43
N HIS J 103 16.40 -31.73 -13.17
CA HIS J 103 16.63 -32.22 -14.52
C HIS J 103 17.04 -33.68 -14.52
N ASP J 104 17.90 -34.07 -13.59
CA ASP J 104 18.29 -35.47 -13.47
C ASP J 104 17.12 -36.34 -13.02
N VAL J 105 16.25 -35.80 -12.16
CA VAL J 105 15.03 -36.50 -11.79
C VAL J 105 14.13 -36.71 -12.99
N GLY J 106 14.03 -35.72 -13.87
CA GLY J 106 13.23 -35.87 -15.07
C GLY J 106 13.87 -36.82 -16.08
N LEU J 107 15.19 -36.95 -16.01
CA LEU J 107 15.89 -37.90 -16.86
C LEU J 107 15.71 -39.34 -16.40
N ALA J 108 15.60 -39.56 -15.08
CA ALA J 108 15.42 -40.89 -14.54
C ALA J 108 14.06 -41.48 -14.86
N ILE J 109 13.11 -40.66 -15.33
CA ILE J 109 11.77 -41.14 -15.64
C ILE J 109 11.65 -41.67 -17.07
N LEU J 110 12.53 -41.23 -17.97
CA LEU J 110 12.41 -41.62 -19.38
C LEU J 110 12.56 -43.13 -19.56
N GLY J 111 13.50 -43.74 -18.84
CA GLY J 111 13.72 -45.16 -18.92
C GLY J 111 12.47 -45.97 -18.60
N PRO J 112 11.98 -45.89 -17.36
CA PRO J 112 10.74 -46.60 -17.02
C PRO J 112 9.55 -46.17 -17.86
N LEU J 113 9.48 -44.91 -18.27
CA LEU J 113 8.32 -44.43 -19.01
C LEU J 113 8.29 -44.99 -20.43
N GLN J 114 9.45 -45.32 -21.00
CA GLN J 114 9.49 -45.89 -22.34
C GLN J 114 8.72 -47.21 -22.40
N GLU J 115 8.81 -48.03 -21.36
CA GLU J 115 8.11 -49.30 -21.35
C GLU J 115 6.61 -49.11 -21.16
N LEU J 116 6.21 -48.16 -20.31
CA LEU J 116 4.79 -47.97 -20.01
C LEU J 116 4.03 -47.47 -21.23
N ASP J 117 4.52 -46.42 -21.88
CA ASP J 117 3.82 -45.82 -23.00
C ASP J 117 4.83 -45.16 -23.92
N LEU J 118 4.41 -44.91 -25.16
CA LEU J 118 5.24 -44.23 -26.14
C LEU J 118 4.83 -42.79 -26.39
N VAL J 119 3.54 -42.51 -26.38
CA VAL J 119 3.09 -41.12 -26.54
C VAL J 119 3.48 -40.29 -25.32
N ALA J 120 3.22 -40.81 -24.12
CA ALA J 120 3.59 -40.09 -22.90
C ALA J 120 5.10 -39.97 -22.79
N TYR J 121 5.83 -41.03 -23.15
CA TYR J 121 7.29 -40.96 -23.12
C TYR J 121 7.80 -39.89 -24.08
N LEU J 122 7.23 -39.83 -25.29
CA LEU J 122 7.69 -38.84 -26.26
C LEU J 122 7.40 -37.43 -25.78
N ARG J 123 6.23 -37.21 -25.17
CA ARG J 123 5.93 -35.91 -24.59
C ARG J 123 6.93 -35.55 -23.50
N PHE J 124 7.17 -36.48 -22.57
CA PHE J 124 8.04 -36.18 -21.44
C PHE J 124 9.49 -36.01 -21.87
N ALA J 125 9.96 -36.86 -22.78
CA ALA J 125 11.34 -36.81 -23.24
C ALA J 125 11.60 -35.67 -24.22
N SER J 126 10.54 -35.04 -24.75
CA SER J 126 10.74 -33.87 -25.60
C SER J 126 11.26 -32.67 -24.81
N VAL J 127 11.15 -32.71 -23.48
CA VAL J 127 11.56 -31.59 -22.64
C VAL J 127 12.98 -31.80 -22.15
N TYR J 128 13.20 -32.90 -21.42
CA TYR J 128 14.46 -33.12 -20.72
C TYR J 128 15.57 -33.66 -21.61
N ARG J 129 15.25 -34.06 -22.81
CA ARG J 129 16.31 -34.37 -23.81
C ARG J 129 16.44 -33.09 -24.64
N ALA J 130 15.84 -31.98 -24.18
CA ALA J 130 16.02 -30.64 -24.81
C ALA J 130 15.66 -30.58 -26.31
N PHE J 131 14.54 -31.15 -26.72
CA PHE J 131 14.26 -31.16 -28.17
C PHE J 131 14.22 -29.76 -28.75
N ASP J 132 15.12 -29.46 -29.68
CA ASP J 132 15.14 -28.19 -30.47
C ASP J 132 14.33 -28.29 -31.76
N SER J 133 14.36 -29.44 -32.45
CA SER J 133 13.76 -29.53 -33.82
C SER J 133 12.80 -30.71 -34.03
N LEU J 134 11.96 -30.62 -35.05
CA LEU J 134 10.99 -31.71 -35.43
C LEU J 134 11.81 -32.96 -35.79
N GLU J 135 12.96 -32.79 -36.43
CA GLU J 135 13.84 -33.93 -36.82
C GLU J 135 14.27 -34.67 -35.55
N ASP J 136 14.53 -33.96 -34.46
CA ASP J 136 14.89 -34.62 -33.16
C ASP J 136 13.72 -35.50 -32.71
N PHE J 137 12.46 -35.03 -32.87
CA PHE J 137 11.30 -35.89 -32.55
C PHE J 137 11.29 -37.13 -33.43
N GLU J 138 11.59 -36.97 -34.72
CA GLU J 138 11.58 -38.11 -35.67
C GLU J 138 12.64 -39.13 -35.26
N ALA J 139 13.82 -38.68 -34.83
CA ALA J 139 14.90 -39.60 -34.41
C ALA J 139 14.45 -40.39 -33.18
N ALA J 140 13.75 -39.74 -32.24
CA ALA J 140 13.23 -40.45 -31.05
C ALA J 140 12.13 -41.44 -31.47
N ILE J 141 11.30 -41.07 -32.45
CA ILE J 141 10.24 -41.99 -32.96
C ILE J 141 10.92 -43.22 -33.59
N ALA J 142 12.00 -43.02 -34.35
CA ALA J 142 12.75 -44.16 -34.93
C ALA J 142 13.34 -45.02 -33.82
N GLU J 143 13.89 -44.40 -32.77
CA GLU J 143 14.49 -45.15 -31.64
C GLU J 143 13.39 -45.97 -30.95
N LEU J 144 12.21 -45.39 -30.78
CA LEU J 144 11.07 -46.11 -30.14
C LEU J 144 10.66 -47.31 -30.99
N ARG J 145 10.63 -47.16 -32.32
CA ARG J 145 10.30 -48.29 -33.22
C ARG J 145 11.37 -49.39 -33.08
N GLU J 146 12.65 -49.01 -32.97
CA GLU J 146 13.73 -50.01 -32.75
C GLU J 146 13.53 -50.71 -31.40
N THR J 147 13.14 -49.95 -30.36
CA THR J 147 12.96 -50.52 -29.00
C THR J 147 11.48 -50.89 -28.79
N MET K 1 -24.32 -6.39 14.81
CA MET K 1 -24.01 -5.13 14.17
C MET K 1 -22.67 -4.59 14.66
N HIS K 2 -21.88 -4.04 13.73
CA HIS K 2 -20.57 -3.51 14.08
C HIS K 2 -20.71 -2.31 15.01
N CYS K 3 -19.86 -2.27 16.03
CA CYS K 3 -19.90 -1.18 16.99
C CYS K 3 -19.48 0.13 16.32
N PRO K 4 -20.21 1.23 16.54
CA PRO K 4 -19.83 2.50 15.91
C PRO K 4 -18.53 3.08 16.44
N PHE K 5 -18.09 2.67 17.62
CA PHE K 5 -16.90 3.25 18.24
C PHE K 5 -15.62 2.48 17.87
N CYS K 6 -15.56 1.20 18.21
CA CYS K 6 -14.37 0.39 18.01
C CYS K 6 -14.49 -0.61 16.87
N ARG K 7 -15.60 -0.61 16.14
CA ARG K 7 -15.80 -1.47 14.97
C ARG K 7 -15.70 -2.96 15.30
N HIS K 8 -16.16 -3.35 16.49
CA HIS K 8 -16.20 -4.76 16.82
C HIS K 8 -17.31 -5.44 16.02
N PRO K 9 -17.05 -6.63 15.44
CA PRO K 9 -18.01 -7.19 14.47
C PRO K 9 -19.40 -7.46 15.03
N ASP K 10 -19.52 -7.87 16.29
CA ASP K 10 -20.80 -8.30 16.84
C ASP K 10 -21.15 -7.47 18.07
N SER K 11 -22.44 -7.19 18.22
CA SER K 11 -22.95 -6.40 19.34
C SER K 11 -24.18 -7.07 19.91
N ARG K 12 -24.26 -7.11 21.24
CA ARG K 12 -25.43 -7.67 21.91
C ARG K 12 -26.60 -6.69 21.82
N VAL K 13 -27.76 -7.14 22.28
CA VAL K 13 -28.97 -6.33 22.32
C VAL K 13 -29.37 -6.19 23.78
N VAL K 14 -29.20 -4.99 24.34
CA VAL K 14 -29.57 -4.77 25.73
C VAL K 14 -31.08 -4.84 25.91
N ASP K 15 -31.83 -4.15 25.04
CA ASP K 15 -33.28 -4.20 25.16
C ASP K 15 -33.92 -3.82 23.83
N SER K 16 -35.20 -4.12 23.71
CA SER K 16 -35.98 -3.81 22.52
C SER K 16 -37.34 -3.27 22.92
N ARG K 17 -37.93 -2.45 22.05
CA ARG K 17 -39.24 -1.87 22.31
C ARG K 17 -39.96 -1.62 21.00
N THR K 18 -41.22 -2.02 20.93
CA THR K 18 -42.05 -1.77 19.76
C THR K 18 -42.80 -0.45 19.96
N THR K 19 -42.74 0.40 18.94
CA THR K 19 -43.39 1.71 19.04
C THR K 19 -44.92 1.56 19.01
N ASP K 20 -45.60 2.63 19.44
CA ASP K 20 -47.05 2.60 19.47
C ASP K 20 -47.65 2.44 18.08
N ASP K 21 -47.07 3.11 17.08
CA ASP K 21 -47.55 2.95 15.72
C ASP K 21 -47.38 1.53 15.22
N GLY K 22 -46.28 0.86 15.59
CA GLY K 22 -46.04 -0.52 15.26
C GLY K 22 -45.20 -0.74 14.02
N THR K 23 -44.87 0.32 13.28
CA THR K 23 -44.05 0.19 12.09
C THR K 23 -42.56 0.31 12.37
N SER K 24 -42.16 0.48 13.63
CA SER K 24 -40.76 0.64 13.98
C SER K 24 -40.45 -0.15 15.25
N ILE K 25 -39.19 -0.55 15.37
CA ILE K 25 -38.68 -1.20 16.57
C ILE K 25 -37.41 -0.48 16.99
N ARG K 26 -37.33 -0.07 18.25
CA ARG K 26 -36.18 0.65 18.77
C ARG K 26 -35.43 -0.26 19.76
N ARG K 27 -34.15 -0.50 19.49
CA ARG K 27 -33.34 -1.37 20.31
C ARG K 27 -32.16 -0.60 20.88
N ARG K 28 -31.79 -0.95 22.11
CA ARG K 28 -30.57 -0.48 22.74
C ARG K 28 -29.58 -1.63 22.78
N ARG K 29 -28.38 -1.40 22.26
CA ARG K 29 -27.35 -2.40 22.09
C ARG K 29 -26.10 -1.98 22.85
N GLN K 30 -25.28 -2.97 23.20
CA GLN K 30 -24.00 -2.72 23.87
C GLN K 30 -22.92 -3.55 23.22
N CYS K 31 -21.76 -2.94 23.00
CA CYS K 31 -20.63 -3.64 22.43
C CYS K 31 -19.96 -4.51 23.49
N PRO K 32 -19.72 -5.80 23.22
CA PRO K 32 -19.06 -6.65 24.22
C PRO K 32 -17.64 -6.20 24.55
N ASP K 33 -16.94 -5.58 23.58
CA ASP K 33 -15.54 -5.24 23.79
C ASP K 33 -15.38 -3.97 24.62
N CYS K 34 -15.89 -2.84 24.11
CA CYS K 34 -15.72 -1.55 24.77
C CYS K 34 -16.81 -1.23 25.79
N SER K 35 -17.88 -2.03 25.84
CA SER K 35 -18.98 -1.83 26.78
C SER K 35 -19.58 -0.43 26.65
N ARG K 36 -19.70 0.05 25.42
CA ARG K 36 -20.32 1.35 25.13
C ARG K 36 -21.63 1.10 24.39
N ARG K 37 -22.71 1.66 24.92
CA ARG K 37 -24.04 1.40 24.39
C ARG K 37 -24.43 2.40 23.32
N PHE K 38 -25.30 1.95 22.41
CA PHE K 38 -25.86 2.81 21.38
C PHE K 38 -27.28 2.33 21.08
N THR K 39 -27.93 2.99 20.13
CA THR K 39 -29.32 2.72 19.81
C THR K 39 -29.49 2.50 18.31
N THR K 40 -30.45 1.66 17.96
CA THR K 40 -30.78 1.35 16.58
C THR K 40 -32.29 1.36 16.39
N VAL K 41 -32.72 1.65 15.16
CA VAL K 41 -34.13 1.64 14.80
C VAL K 41 -34.30 0.79 13.55
N GLU K 42 -35.30 -0.08 13.57
CA GLU K 42 -35.62 -0.97 12.46
C GLU K 42 -37.02 -0.65 11.95
N THR K 43 -37.12 -0.35 10.66
CA THR K 43 -38.39 -0.02 10.03
C THR K 43 -38.50 -0.76 8.70
N CYS K 44 -39.73 -1.09 8.32
CA CYS K 44 -40.01 -1.66 7.01
C CYS K 44 -40.13 -0.50 6.03
N SER K 45 -38.98 0.06 5.66
CA SER K 45 -38.93 1.25 4.83
C SER K 45 -39.05 0.88 3.35
N LEU K 46 -39.64 1.79 2.58
CA LEU K 46 -39.79 1.59 1.15
C LEU K 46 -38.46 1.86 0.46
N MET K 47 -37.97 0.89 -0.30
CA MET K 47 -36.68 0.98 -0.97
C MET K 47 -36.88 1.34 -2.44
N VAL K 48 -35.94 2.11 -2.98
CA VAL K 48 -35.93 2.49 -4.38
C VAL K 48 -34.63 1.98 -5.00
N VAL K 49 -34.74 1.40 -6.19
CA VAL K 49 -33.56 0.90 -6.90
C VAL K 49 -32.92 2.07 -7.64
N LYS K 50 -31.66 2.33 -7.35
CA LYS K 50 -30.95 3.44 -7.97
C LYS K 50 -30.63 3.10 -9.42
N ARG K 51 -29.89 3.99 -10.09
CA ARG K 51 -29.47 3.72 -11.45
C ARG K 51 -28.51 2.54 -11.54
N SER K 52 -27.83 2.22 -10.44
CA SER K 52 -27.04 1.00 -10.33
C SER K 52 -27.93 -0.08 -9.71
N GLY K 53 -27.32 -1.19 -9.30
CA GLY K 53 -28.06 -2.22 -8.61
C GLY K 53 -28.31 -1.98 -7.15
N VAL K 54 -27.79 -0.89 -6.60
CA VAL K 54 -27.89 -0.60 -5.17
C VAL K 54 -29.27 -0.06 -4.87
N THR K 55 -29.90 -0.61 -3.84
CA THR K 55 -31.20 -0.13 -3.36
C THR K 55 -30.98 0.80 -2.17
N GLU K 56 -31.72 1.91 -2.16
CA GLU K 56 -31.56 2.93 -1.13
C GLU K 56 -32.91 3.24 -0.51
N PRO K 57 -32.95 3.50 0.80
CA PRO K 57 -34.21 3.88 1.44
C PRO K 57 -34.76 5.17 0.85
N PHE K 58 -36.09 5.24 0.73
CA PHE K 58 -36.74 6.42 0.22
C PHE K 58 -36.64 7.55 1.23
N SER K 59 -36.34 8.76 0.75
CA SER K 59 -36.20 9.93 1.60
C SER K 59 -36.74 11.14 0.86
N ARG K 60 -37.74 11.80 1.45
CA ARG K 60 -38.26 13.03 0.86
C ARG K 60 -37.23 14.14 0.87
N THR K 61 -36.26 14.07 1.80
CA THR K 61 -35.24 15.10 1.88
C THR K 61 -34.41 15.16 0.61
N LYS K 62 -34.04 14.00 0.05
CA LYS K 62 -33.27 13.98 -1.18
C LYS K 62 -34.06 14.56 -2.34
N VAL K 63 -35.35 14.24 -2.43
CA VAL K 63 -36.19 14.79 -3.49
C VAL K 63 -36.27 16.30 -3.38
N ILE K 64 -36.49 16.80 -2.16
CA ILE K 64 -36.59 18.24 -1.95
C ILE K 64 -35.28 18.92 -2.29
N ASN K 65 -34.15 18.34 -1.86
CA ASN K 65 -32.85 18.93 -2.17
C ASN K 65 -32.60 18.97 -3.67
N GLY K 66 -32.94 17.88 -4.38
CA GLY K 66 -32.73 17.86 -5.81
C GLY K 66 -33.58 18.89 -6.54
N VAL K 67 -34.86 18.99 -6.15
CA VAL K 67 -35.73 19.94 -6.82
C VAL K 67 -35.32 21.37 -6.48
N ARG K 68 -34.85 21.61 -5.26
CA ARG K 68 -34.38 22.94 -4.88
C ARG K 68 -33.14 23.32 -5.68
N LYS K 69 -32.20 22.38 -5.83
CA LYS K 69 -31.04 22.64 -6.67
C LYS K 69 -31.45 22.86 -8.12
N ALA K 70 -32.54 22.23 -8.55
CA ALA K 70 -33.08 22.53 -9.87
C ALA K 70 -33.83 23.86 -9.88
N CYS K 71 -34.35 24.29 -8.74
CA CYS K 71 -35.13 25.53 -8.64
C CYS K 71 -34.28 26.73 -8.23
N GLN K 72 -32.96 26.57 -8.16
CA GLN K 72 -32.11 27.69 -7.76
C GLN K 72 -32.19 28.81 -8.80
N GLY K 73 -32.19 30.04 -8.31
CA GLY K 73 -32.37 31.19 -9.18
C GLY K 73 -33.79 31.45 -9.61
N ARG K 74 -34.77 30.81 -8.97
CA ARG K 74 -36.18 30.94 -9.33
C ARG K 74 -36.98 31.29 -8.09
N PRO K 75 -38.08 32.03 -8.26
CA PRO K 75 -38.92 32.42 -7.10
C PRO K 75 -39.80 31.27 -6.61
N VAL K 76 -39.18 30.30 -5.95
CA VAL K 76 -39.88 29.15 -5.40
C VAL K 76 -39.65 29.16 -3.89
N THR K 77 -40.74 29.17 -3.13
CA THR K 77 -40.65 29.18 -1.68
C THR K 77 -40.45 27.77 -1.14
N GLU K 78 -40.01 27.69 0.12
CA GLU K 78 -39.77 26.40 0.75
C GLU K 78 -41.06 25.65 1.02
N ASP K 79 -42.15 26.37 1.30
CA ASP K 79 -43.43 25.70 1.52
C ASP K 79 -43.90 24.97 0.26
N ALA K 80 -43.72 25.59 -0.91
CA ALA K 80 -44.08 24.94 -2.16
C ALA K 80 -43.25 23.69 -2.38
N LEU K 81 -41.95 23.75 -2.07
CA LEU K 81 -41.09 22.58 -2.21
C LEU K 81 -41.52 21.46 -1.26
N ALA K 82 -41.88 21.81 -0.03
CA ALA K 82 -42.35 20.80 0.91
C ALA K 82 -43.65 20.16 0.43
N GLN K 83 -44.56 20.97 -0.10
CA GLN K 83 -45.81 20.43 -0.63
C GLN K 83 -45.53 19.51 -1.82
N LEU K 84 -44.59 19.89 -2.69
CA LEU K 84 -44.23 19.05 -3.82
C LEU K 84 -43.64 17.72 -3.36
N GLY K 85 -42.75 17.76 -2.36
CA GLY K 85 -42.20 16.53 -1.84
C GLY K 85 -43.24 15.63 -1.22
N GLN K 86 -44.17 16.23 -0.46
CA GLN K 86 -45.25 15.44 0.13
C GLN K 86 -46.12 14.80 -0.94
N ARG K 87 -46.45 15.55 -1.99
CA ARG K 87 -47.25 15.01 -3.08
C ARG K 87 -46.54 13.87 -3.79
N VAL K 88 -45.23 14.03 -4.03
CA VAL K 88 -44.47 12.99 -4.71
C VAL K 88 -44.41 11.72 -3.86
N GLU K 89 -44.15 11.87 -2.56
CA GLU K 89 -44.12 10.70 -1.69
C GLU K 89 -45.47 10.02 -1.63
N GLU K 90 -46.55 10.81 -1.55
CA GLU K 90 -47.89 10.24 -1.53
C GLU K 90 -48.18 9.48 -2.82
N ALA K 91 -47.77 10.05 -3.95
CA ALA K 91 -48.01 9.39 -5.24
C ALA K 91 -47.26 8.08 -5.32
N VAL K 92 -45.98 8.08 -4.95
CA VAL K 92 -45.19 6.85 -5.06
C VAL K 92 -45.68 5.81 -4.07
N ARG K 93 -46.22 6.23 -2.92
CA ARG K 93 -46.79 5.26 -1.99
C ARG K 93 -48.12 4.71 -2.51
N ALA K 94 -48.92 5.56 -3.17
CA ALA K 94 -50.23 5.14 -3.65
C ALA K 94 -50.15 4.23 -4.87
N THR K 95 -49.17 4.44 -5.76
CA THR K 95 -49.06 3.60 -6.94
C THR K 95 -48.78 2.15 -6.55
N GLY K 96 -47.92 1.95 -5.56
CA GLY K 96 -47.60 0.59 -5.12
C GLY K 96 -46.95 -0.26 -6.19
N SER K 97 -45.96 0.30 -6.89
CA SER K 97 -45.30 -0.42 -7.96
C SER K 97 -44.56 -1.64 -7.42
N ALA K 98 -44.54 -2.70 -8.23
CA ALA K 98 -43.85 -3.93 -7.83
C ALA K 98 -42.36 -3.70 -7.64
N GLU K 99 -41.74 -2.93 -8.54
CA GLU K 99 -40.31 -2.65 -8.49
C GLU K 99 -40.13 -1.15 -8.74
N LEU K 100 -39.91 -0.40 -7.66
CA LEU K 100 -39.84 1.05 -7.72
C LEU K 100 -38.38 1.47 -7.90
N THR K 101 -38.12 2.22 -8.98
CA THR K 101 -36.79 2.74 -9.27
C THR K 101 -36.77 4.24 -9.03
N THR K 102 -35.55 4.80 -8.96
CA THR K 102 -35.40 6.24 -8.82
C THR K 102 -35.86 6.98 -10.06
N HIS K 103 -35.89 6.32 -11.22
CA HIS K 103 -36.44 6.95 -12.41
C HIS K 103 -37.92 7.23 -12.26
N ASP K 104 -38.67 6.30 -11.67
CA ASP K 104 -40.08 6.54 -11.40
C ASP K 104 -40.28 7.63 -10.36
N VAL K 105 -39.38 7.71 -9.38
CA VAL K 105 -39.43 8.80 -8.41
C VAL K 105 -39.18 10.14 -9.09
N GLY K 106 -38.27 10.19 -10.06
CA GLY K 106 -38.03 11.41 -10.81
C GLY K 106 -39.17 11.75 -11.74
N LEU K 107 -39.93 10.73 -12.16
CA LEU K 107 -41.10 10.97 -12.98
C LEU K 107 -42.28 11.51 -12.18
N ALA K 108 -42.40 11.11 -10.92
CA ALA K 108 -43.49 11.58 -10.07
C ALA K 108 -43.35 13.05 -9.70
N ILE K 109 -42.19 13.65 -9.93
CA ILE K 109 -41.97 15.06 -9.59
C ILE K 109 -42.39 16.00 -10.71
N LEU K 110 -42.43 15.53 -11.95
CA LEU K 110 -42.74 16.41 -13.08
C LEU K 110 -44.13 17.01 -12.96
N GLY K 111 -45.10 16.21 -12.56
CA GLY K 111 -46.47 16.67 -12.39
C GLY K 111 -46.57 17.86 -11.46
N PRO K 112 -46.26 17.67 -10.18
CA PRO K 112 -46.29 18.79 -9.24
C PRO K 112 -45.36 19.93 -9.62
N LEU K 113 -44.21 19.63 -10.24
CA LEU K 113 -43.25 20.67 -10.56
C LEU K 113 -43.74 21.56 -11.70
N GLN K 114 -44.59 21.03 -12.58
CA GLN K 114 -45.12 21.84 -13.68
C GLN K 114 -45.91 23.03 -13.15
N GLU K 115 -46.67 22.84 -12.06
CA GLU K 115 -47.45 23.94 -11.51
C GLU K 115 -46.56 24.96 -10.80
N LEU K 116 -45.53 24.50 -10.10
CA LEU K 116 -44.69 25.40 -9.33
C LEU K 116 -43.89 26.34 -10.24
N ASP K 117 -43.21 25.78 -11.23
CA ASP K 117 -42.37 26.58 -12.11
C ASP K 117 -42.27 25.90 -13.47
N LEU K 118 -41.86 26.69 -14.46
CA LEU K 118 -41.68 26.17 -15.81
C LEU K 118 -40.22 25.99 -16.19
N VAL K 119 -39.34 26.89 -15.75
CA VAL K 119 -37.91 26.73 -16.01
C VAL K 119 -37.36 25.53 -15.26
N ALA K 120 -37.68 25.43 -13.97
CA ALA K 120 -37.22 24.29 -13.18
C ALA K 120 -37.83 22.99 -13.68
N TYR K 121 -39.12 23.02 -14.06
CA TYR K 121 -39.74 21.83 -14.61
C TYR K 121 -39.06 21.40 -15.91
N LEU K 122 -38.75 22.36 -16.78
CA LEU K 122 -38.11 22.02 -18.04
C LEU K 122 -36.72 21.43 -17.81
N ARG K 123 -35.96 21.99 -16.86
CA ARG K 123 -34.67 21.42 -16.51
C ARG K 123 -34.82 20.00 -15.99
N PHE K 124 -35.74 19.78 -15.05
CA PHE K 124 -35.89 18.46 -14.44
C PHE K 124 -36.44 17.43 -15.41
N ALA K 125 -37.42 17.83 -16.23
CA ALA K 125 -38.03 16.92 -17.19
C ALA K 125 -37.16 16.67 -18.41
N SER K 126 -36.12 17.48 -18.62
CA SER K 126 -35.18 17.19 -19.71
C SER K 126 -34.38 15.93 -19.46
N VAL K 127 -34.34 15.44 -18.23
CA VAL K 127 -33.55 14.28 -17.87
C VAL K 127 -34.40 13.03 -17.93
N TYR K 128 -35.47 12.99 -17.13
CA TYR K 128 -36.25 11.78 -16.93
C TYR K 128 -37.27 11.52 -18.04
N ARG K 129 -37.48 12.49 -18.92
CA ARG K 129 -38.25 12.21 -20.14
C ARG K 129 -37.20 11.95 -21.22
N ALA K 130 -35.94 11.73 -20.83
CA ALA K 130 -34.86 11.31 -21.74
C ALA K 130 -34.65 12.22 -22.96
N PHE K 131 -34.62 13.54 -22.78
CA PHE K 131 -34.51 14.41 -23.97
C PHE K 131 -33.26 14.10 -24.78
N ASP K 132 -33.43 13.68 -26.03
CA ASP K 132 -32.35 13.46 -27.01
C ASP K 132 -32.05 14.73 -27.84
N SER K 133 -33.09 15.50 -28.22
CA SER K 133 -32.89 16.62 -29.19
C SER K 133 -33.47 17.97 -28.74
N LEU K 134 -33.00 19.05 -29.37
CA LEU K 134 -33.51 20.44 -29.09
C LEU K 134 -34.99 20.49 -29.45
N GLU K 135 -35.40 19.78 -30.51
CA GLU K 135 -36.82 19.75 -30.95
C GLU K 135 -37.67 19.16 -29.82
N ASP K 136 -37.16 18.16 -29.09
CA ASP K 136 -37.89 17.59 -27.93
C ASP K 136 -38.10 18.70 -26.87
N PHE K 137 -37.10 19.55 -26.65
CA PHE K 137 -37.28 20.69 -25.71
C PHE K 137 -38.38 21.62 -26.23
N GLU K 138 -38.39 21.89 -27.54
CA GLU K 138 -39.40 22.80 -28.14
C GLU K 138 -40.81 22.22 -27.95
N ALA K 139 -40.96 20.90 -28.13
CA ALA K 139 -42.28 20.24 -27.96
C ALA K 139 -42.75 20.40 -26.51
N ALA K 140 -41.84 20.25 -25.55
CA ALA K 140 -42.21 20.44 -24.12
C ALA K 140 -42.55 21.91 -23.86
N ILE K 141 -41.84 22.85 -24.49
CA ILE K 141 -42.15 24.30 -24.33
C ILE K 141 -43.56 24.56 -24.90
N ALA K 142 -43.91 23.96 -26.04
CA ALA K 142 -45.27 24.11 -26.60
C ALA K 142 -46.30 23.52 -25.64
N GLU K 143 -46.00 22.35 -25.05
CA GLU K 143 -46.94 21.70 -24.10
C GLU K 143 -47.14 22.60 -22.88
N LEU K 144 -46.06 23.23 -22.40
CA LEU K 144 -46.14 24.14 -21.23
C LEU K 144 -47.01 25.36 -21.57
N ARG K 145 -46.87 25.90 -22.79
CA ARG K 145 -47.72 27.03 -23.22
C ARG K 145 -49.19 26.60 -23.26
N GLU K 146 -49.47 25.38 -23.75
CA GLU K 146 -50.86 24.85 -23.75
C GLU K 146 -51.36 24.70 -22.30
N THR K 147 -50.51 24.24 -21.39
CA THR K 147 -50.91 24.02 -19.97
C THR K 147 -50.53 25.25 -19.13
N MET L 1 6.03 15.41 23.98
CA MET L 1 6.99 14.91 23.01
C MET L 1 6.83 13.41 22.82
N HIS L 2 6.93 12.96 21.57
CA HIS L 2 6.78 11.54 21.28
C HIS L 2 7.92 10.73 21.89
N CYS L 3 7.56 9.60 22.48
CA CYS L 3 8.55 8.74 23.12
C CYS L 3 9.49 8.16 22.08
N PRO L 4 10.81 8.18 22.32
CA PRO L 4 11.74 7.62 21.32
C PRO L 4 11.65 6.11 21.18
N PHE L 5 11.09 5.41 22.16
CA PHE L 5 11.04 3.95 22.13
C PHE L 5 9.77 3.43 21.48
N CYS L 6 8.61 3.78 22.04
CA CYS L 6 7.32 3.25 21.57
C CYS L 6 6.49 4.27 20.81
N ARG L 7 7.02 5.48 20.59
CA ARG L 7 6.33 6.51 19.79
C ARG L 7 4.99 6.91 20.37
N HIS L 8 4.87 6.91 21.69
CA HIS L 8 3.64 7.40 22.33
C HIS L 8 3.56 8.91 22.17
N PRO L 9 2.39 9.46 21.80
CA PRO L 9 2.33 10.89 21.43
C PRO L 9 2.75 11.86 22.52
N ASP L 10 2.47 11.57 23.78
CA ASP L 10 2.69 12.53 24.87
C ASP L 10 3.61 11.92 25.92
N SER L 11 4.47 12.76 26.50
CA SER L 11 5.41 12.33 27.53
C SER L 11 5.41 13.35 28.66
N ARG L 12 5.43 12.84 29.89
CA ARG L 12 5.49 13.69 31.06
C ARG L 12 6.91 14.25 31.22
N VAL L 13 7.05 15.17 32.18
CA VAL L 13 8.35 15.77 32.50
C VAL L 13 8.68 15.39 33.94
N VAL L 14 9.66 14.50 34.11
CA VAL L 14 10.04 14.08 35.45
C VAL L 14 10.69 15.23 36.21
N ASP L 15 11.64 15.92 35.58
CA ASP L 15 12.29 17.04 36.24
C ASP L 15 12.91 17.96 35.22
N SER L 16 13.25 19.18 35.66
CA SER L 16 13.88 20.17 34.82
C SER L 16 15.01 20.85 35.60
N ARG L 17 15.99 21.36 34.86
CA ARG L 17 17.13 22.04 35.48
C ARG L 17 17.68 23.08 34.51
N THR L 18 17.92 24.28 35.02
CA THR L 18 18.53 25.35 34.25
C THR L 18 20.04 25.30 34.42
N THR L 19 20.76 25.34 33.30
CA THR L 19 22.22 25.27 33.36
C THR L 19 22.80 26.55 33.94
N ASP L 20 24.07 26.46 34.36
CA ASP L 20 24.73 27.61 34.97
C ASP L 20 24.86 28.76 33.98
N ASP L 21 25.17 28.45 32.72
CA ASP L 21 25.25 29.50 31.70
C ASP L 21 23.90 30.19 31.50
N GLY L 22 22.81 29.43 31.56
CA GLY L 22 21.47 29.97 31.46
C GLY L 22 20.86 29.94 30.08
N THR L 23 21.64 29.56 29.07
CA THR L 23 21.13 29.49 27.70
C THR L 23 20.54 28.13 27.35
N SER L 24 20.50 27.19 28.29
CA SER L 24 19.99 25.85 28.04
C SER L 24 19.16 25.38 29.22
N ILE L 25 18.21 24.50 28.94
CA ILE L 25 17.40 23.84 29.96
C ILE L 25 17.44 22.34 29.69
N ARG L 26 17.77 21.55 30.71
CA ARG L 26 17.87 20.10 30.58
C ARG L 26 16.74 19.47 31.37
N ARG L 27 15.91 18.67 30.69
CA ARG L 27 14.76 18.03 31.31
C ARG L 27 14.89 16.52 31.19
N ARG L 28 14.42 15.84 32.23
CA ARG L 28 14.26 14.39 32.22
C ARG L 28 12.78 14.07 32.14
N ARG L 29 12.42 13.25 31.15
CA ARG L 29 11.04 12.92 30.81
C ARG L 29 10.83 11.42 30.93
N GLN L 30 9.57 11.03 31.14
CA GLN L 30 9.19 9.62 31.21
C GLN L 30 7.93 9.40 30.39
N CYS L 31 7.94 8.32 29.62
CA CYS L 31 6.77 7.97 28.82
C CYS L 31 5.70 7.34 29.70
N PRO L 32 4.45 7.82 29.64
CA PRO L 32 3.40 7.20 30.46
C PRO L 32 3.13 5.75 30.12
N ASP L 33 3.33 5.35 28.86
CA ASP L 33 2.97 4.01 28.42
C ASP L 33 4.02 2.98 28.84
N CYS L 34 5.25 3.13 28.33
CA CYS L 34 6.32 2.17 28.58
C CYS L 34 7.12 2.46 29.83
N SER L 35 6.93 3.61 30.46
CA SER L 35 7.63 3.98 31.69
C SER L 35 9.16 3.93 31.51
N ARG L 36 9.62 4.36 30.35
CA ARG L 36 11.04 4.44 30.04
C ARG L 36 11.44 5.91 29.94
N ARG L 37 12.46 6.30 30.70
CA ARG L 37 12.84 7.70 30.80
C ARG L 37 13.90 8.04 29.77
N PHE L 38 13.92 9.32 29.38
CA PHE L 38 14.93 9.87 28.48
C PHE L 38 15.16 11.32 28.86
N THR L 39 16.06 11.98 28.12
CA THR L 39 16.46 13.35 28.43
C THR L 39 16.34 14.22 27.19
N THR L 40 16.05 15.50 27.43
CA THR L 40 15.92 16.49 26.37
C THR L 40 16.63 17.77 26.79
N VAL L 41 17.08 18.53 25.79
CA VAL L 41 17.74 19.81 26.00
C VAL L 41 17.06 20.87 25.13
N GLU L 42 16.76 22.02 25.73
CA GLU L 42 16.11 23.12 25.04
C GLU L 42 17.06 24.32 25.05
N THR L 43 17.36 24.85 23.87
CA THR L 43 18.24 25.99 23.72
C THR L 43 17.64 26.97 22.73
N CYS L 44 17.93 28.25 22.94
CA CYS L 44 17.54 29.30 21.99
C CYS L 44 18.60 29.34 20.90
N SER L 45 18.56 28.35 20.01
CA SER L 45 19.57 28.18 18.99
C SER L 45 19.28 29.07 17.79
N LEU L 46 20.36 29.50 17.12
CA LEU L 46 20.24 30.34 15.94
C LEU L 46 19.84 29.47 14.75
N MET L 47 18.75 29.82 14.09
CA MET L 47 18.22 29.06 12.97
C MET L 47 18.62 29.72 11.66
N VAL L 48 18.84 28.89 10.64
CA VAL L 48 19.16 29.34 9.30
C VAL L 48 18.10 28.79 8.35
N VAL L 49 17.61 29.65 7.45
CA VAL L 49 16.62 29.23 6.48
C VAL L 49 17.34 28.56 5.31
N LYS L 50 16.97 27.32 5.03
CA LYS L 50 17.61 26.56 3.96
C LYS L 50 17.14 27.09 2.60
N ARG L 51 17.58 26.42 1.53
CA ARG L 51 17.13 26.80 0.20
C ARG L 51 15.64 26.57 0.01
N SER L 52 15.04 25.68 0.81
CA SER L 52 13.60 25.53 0.87
C SER L 52 13.06 26.41 2.00
N GLY L 53 11.80 26.22 2.37
CA GLY L 53 11.25 26.94 3.49
C GLY L 53 11.59 26.38 4.85
N VAL L 54 12.32 25.27 4.90
CA VAL L 54 12.62 24.61 6.17
C VAL L 54 13.76 25.34 6.85
N THR L 55 13.58 25.62 8.14
CA THR L 55 14.62 26.23 8.96
C THR L 55 15.35 25.15 9.75
N GLU L 56 16.68 25.25 9.80
CA GLU L 56 17.52 24.25 10.44
C GLU L 56 18.43 24.92 11.45
N PRO L 57 18.69 24.26 12.59
CA PRO L 57 19.62 24.82 13.56
C PRO L 57 21.02 24.97 12.97
N PHE L 58 21.69 26.05 13.36
CA PHE L 58 23.06 26.30 12.89
C PHE L 58 24.01 25.29 13.51
N SER L 59 24.93 24.76 12.70
CA SER L 59 25.90 23.78 13.17
C SER L 59 27.22 24.03 12.45
N ARG L 60 28.27 24.28 13.22
CA ARG L 60 29.60 24.44 12.63
C ARG L 60 30.08 23.14 12.00
N THR L 61 29.58 22.00 12.48
CA THR L 61 30.00 20.72 11.93
C THR L 61 29.65 20.60 10.46
N LYS L 62 28.45 21.04 10.07
CA LYS L 62 28.05 20.97 8.68
C LYS L 62 28.94 21.87 7.80
N VAL L 63 29.26 23.07 8.29
CA VAL L 63 30.12 23.97 7.55
C VAL L 63 31.51 23.35 7.36
N ILE L 64 32.06 22.78 8.43
CA ILE L 64 33.37 22.16 8.34
C ILE L 64 33.35 20.97 7.39
N ASN L 65 32.31 20.15 7.46
CA ASN L 65 32.21 19.01 6.56
C ASN L 65 32.11 19.45 5.11
N GLY L 66 31.30 20.48 4.83
CA GLY L 66 31.18 20.96 3.48
C GLY L 66 32.47 21.52 2.93
N VAL L 67 33.17 22.33 3.73
CA VAL L 67 34.43 22.91 3.26
C VAL L 67 35.49 21.83 3.11
N ARG L 68 35.49 20.82 3.98
CA ARG L 68 36.44 19.72 3.85
C ARG L 68 36.18 18.93 2.58
N LYS L 69 34.91 18.65 2.28
CA LYS L 69 34.58 17.98 1.02
C LYS L 69 34.95 18.85 -0.17
N ALA L 70 34.92 20.17 0.00
CA ALA L 70 35.43 21.06 -1.04
C ALA L 70 36.95 21.10 -1.05
N CYS L 71 37.58 20.83 0.08
CA CYS L 71 39.04 20.88 0.21
C CYS L 71 39.70 19.52 -0.02
N GLN L 72 38.94 18.50 -0.41
CA GLN L 72 39.52 17.19 -0.63
C GLN L 72 40.54 17.24 -1.77
N GLY L 73 41.64 16.51 -1.61
CA GLY L 73 42.72 16.55 -2.56
C GLY L 73 43.62 17.76 -2.46
N ARG L 74 43.52 18.52 -1.37
CA ARG L 74 44.30 19.73 -1.18
C ARG L 74 45.00 19.68 0.17
N PRO L 75 46.18 20.32 0.28
CA PRO L 75 46.93 20.30 1.56
C PRO L 75 46.34 21.27 2.58
N VAL L 76 45.19 20.91 3.14
CA VAL L 76 44.51 21.69 4.16
C VAL L 76 44.42 20.85 5.42
N THR L 77 44.96 21.37 6.52
CA THR L 77 44.94 20.66 7.79
C THR L 77 43.61 20.86 8.51
N GLU L 78 43.34 19.98 9.48
CA GLU L 78 42.09 20.05 10.23
C GLU L 78 42.04 21.28 11.13
N ASP L 79 43.20 21.72 11.64
CA ASP L 79 43.21 22.92 12.47
C ASP L 79 42.78 24.14 11.69
N ALA L 80 43.23 24.26 10.43
CA ALA L 80 42.82 25.38 9.59
C ALA L 80 41.31 25.34 9.34
N LEU L 81 40.76 24.15 9.11
CA LEU L 81 39.32 24.02 8.90
C LEU L 81 38.55 24.41 10.16
N ALA L 82 39.04 24.00 11.33
CA ALA L 82 38.39 24.39 12.58
C ALA L 82 38.42 25.90 12.78
N GLN L 83 39.56 26.53 12.48
CA GLN L 83 39.67 27.97 12.59
C GLN L 83 38.71 28.66 11.62
N LEU L 84 38.61 28.14 10.39
CA LEU L 84 37.68 28.71 9.42
C LEU L 84 36.24 28.60 9.90
N GLY L 85 35.87 27.43 10.44
CA GLY L 85 34.52 27.28 10.96
C GLY L 85 34.22 28.21 12.12
N GLN L 86 35.19 28.36 13.02
CA GLN L 86 35.02 29.29 14.14
C GLN L 86 34.85 30.71 13.64
N ARG L 87 35.67 31.13 12.67
CA ARG L 87 35.55 32.48 12.12
C ARG L 87 34.20 32.69 11.45
N VAL L 88 33.73 31.70 10.70
CA VAL L 88 32.44 31.83 10.02
C VAL L 88 31.31 31.94 11.02
N GLU L 89 31.33 31.10 12.07
CA GLU L 89 30.29 31.18 13.09
C GLU L 89 30.34 32.52 13.82
N GLU L 90 31.54 33.00 14.13
CA GLU L 90 31.67 34.30 14.79
C GLU L 90 31.13 35.42 13.90
N ALA L 91 31.43 35.36 12.60
CA ALA L 91 30.95 36.39 11.69
C ALA L 91 29.42 36.38 11.60
N VAL L 92 28.83 35.21 11.44
CA VAL L 92 27.37 35.16 11.30
C VAL L 92 26.69 35.53 12.61
N ARG L 93 27.33 35.28 13.75
CA ARG L 93 26.76 35.73 15.02
C ARG L 93 26.90 37.24 15.18
N ALA L 94 28.01 37.82 14.71
CA ALA L 94 28.26 39.23 14.88
C ALA L 94 27.41 40.10 13.95
N THR L 95 27.13 39.63 12.73
CA THR L 95 26.32 40.41 11.81
C THR L 95 24.92 40.62 12.37
N GLY L 96 24.32 39.59 12.96
CA GLY L 96 22.99 39.71 13.53
C GLY L 96 21.93 40.02 12.50
N SER L 97 21.95 39.31 11.37
CA SER L 97 20.98 39.56 10.30
C SER L 97 19.56 39.25 10.78
N ALA L 98 18.61 40.03 10.27
CA ALA L 98 17.22 39.83 10.63
C ALA L 98 16.71 38.47 10.18
N GLU L 99 17.09 38.06 8.97
CA GLU L 99 16.67 36.78 8.40
C GLU L 99 17.89 36.11 7.79
N LEU L 100 18.46 35.15 8.51
CA LEU L 100 19.70 34.51 8.10
C LEU L 100 19.39 33.25 7.30
N THR L 101 19.91 33.21 6.07
CA THR L 101 19.74 32.06 5.19
C THR L 101 21.06 31.31 5.06
N THR L 102 20.96 30.07 4.55
CA THR L 102 22.17 29.29 4.30
C THR L 102 23.03 29.88 3.20
N HIS L 103 22.44 30.70 2.32
CA HIS L 103 23.24 31.40 1.32
C HIS L 103 24.20 32.38 1.98
N ASP L 104 23.75 33.11 2.99
CA ASP L 104 24.62 34.01 3.71
C ASP L 104 25.69 33.25 4.49
N VAL L 105 25.34 32.07 5.02
CA VAL L 105 26.34 31.22 5.66
C VAL L 105 27.39 30.77 4.67
N GLY L 106 27.00 30.45 3.44
CA GLY L 106 27.96 30.08 2.42
C GLY L 106 28.78 31.25 1.94
N LEU L 107 28.24 32.46 2.08
CA LEU L 107 29.00 33.66 1.73
C LEU L 107 30.04 34.01 2.79
N ALA L 108 29.75 33.72 4.06
CA ALA L 108 30.69 34.01 5.14
C ALA L 108 31.92 33.12 5.10
N ILE L 109 31.90 32.03 4.32
CA ILE L 109 33.04 31.13 4.24
C ILE L 109 34.06 31.56 3.19
N LEU L 110 33.64 32.34 2.19
CA LEU L 110 34.55 32.71 1.10
C LEU L 110 35.75 33.50 1.61
N GLY L 111 35.51 34.44 2.53
CA GLY L 111 36.56 35.25 3.10
C GLY L 111 37.67 34.43 3.72
N PRO L 112 37.36 33.70 4.79
CA PRO L 112 38.38 32.83 5.40
C PRO L 112 38.93 31.77 4.45
N LEU L 113 38.12 31.28 3.52
CA LEU L 113 38.58 30.21 2.64
C LEU L 113 39.58 30.73 1.62
N GLN L 114 39.51 32.01 1.26
CA GLN L 114 40.47 32.57 0.32
C GLN L 114 41.90 32.46 0.84
N GLU L 115 42.10 32.67 2.13
CA GLU L 115 43.44 32.58 2.71
C GLU L 115 43.92 31.14 2.77
N LEU L 116 43.03 30.20 3.11
CA LEU L 116 43.44 28.82 3.28
C LEU L 116 43.88 28.19 1.96
N ASP L 117 43.06 28.32 0.93
CA ASP L 117 43.36 27.71 -0.36
C ASP L 117 42.71 28.51 -1.47
N LEU L 118 43.19 28.29 -2.69
CA LEU L 118 42.64 28.96 -3.86
C LEU L 118 41.79 28.04 -4.72
N VAL L 119 42.17 26.77 -4.86
CA VAL L 119 41.35 25.82 -5.61
C VAL L 119 40.03 25.56 -4.88
N ALA L 120 40.11 25.29 -3.58
CA ALA L 120 38.90 25.05 -2.80
C ALA L 120 38.03 26.31 -2.74
N TYR L 121 38.66 27.48 -2.59
CA TYR L 121 37.91 28.73 -2.59
C TYR L 121 37.20 28.94 -3.92
N LEU L 122 37.88 28.66 -5.03
CA LEU L 122 37.26 28.86 -6.33
C LEU L 122 36.10 27.90 -6.54
N ARG L 123 36.24 26.65 -6.09
CA ARG L 123 35.13 25.71 -6.15
C ARG L 123 33.95 26.20 -5.33
N PHE L 124 34.21 26.61 -4.08
CA PHE L 124 33.12 27.00 -3.18
C PHE L 124 32.47 28.31 -3.63
N ALA L 125 33.28 29.27 -4.08
CA ALA L 125 32.75 30.57 -4.50
C ALA L 125 32.11 30.52 -5.89
N SER L 126 32.32 29.44 -6.65
CA SER L 126 31.62 29.31 -7.92
C SER L 126 30.13 29.09 -7.73
N VAL L 127 29.69 28.72 -6.53
CA VAL L 127 28.29 28.42 -6.27
C VAL L 127 27.59 29.66 -5.72
N TYR L 128 28.08 30.17 -4.59
CA TYR L 128 27.38 31.21 -3.85
C TYR L 128 27.62 32.61 -4.40
N ARG L 129 28.57 32.75 -5.31
CA ARG L 129 28.68 34.03 -6.05
C ARG L 129 27.94 33.78 -7.37
N ALA L 130 27.16 32.69 -7.45
CA ALA L 130 26.27 32.41 -8.61
C ALA L 130 26.95 32.40 -9.98
N PHE L 131 28.10 31.74 -10.10
CA PHE L 131 28.81 31.81 -11.40
C PHE L 131 27.94 31.30 -12.54
N ASP L 132 27.64 32.17 -13.50
CA ASP L 132 26.92 31.83 -14.77
C ASP L 132 27.89 31.44 -15.88
N SER L 133 29.06 32.11 -16.00
CA SER L 133 29.94 31.90 -17.19
C SER L 133 31.40 31.60 -16.86
N LEU L 134 32.14 31.04 -17.83
CA LEU L 134 33.59 30.75 -17.68
C LEU L 134 34.34 32.05 -17.45
N GLU L 135 33.91 33.14 -18.09
CA GLU L 135 34.54 34.48 -17.93
C GLU L 135 34.43 34.90 -16.47
N ASP L 136 33.32 34.60 -15.79
CA ASP L 136 33.17 34.90 -14.35
C ASP L 136 34.25 34.14 -13.55
N PHE L 137 34.54 32.89 -13.92
CA PHE L 137 35.63 32.14 -13.25
C PHE L 137 36.97 32.85 -13.49
N GLU L 138 37.20 33.32 -14.73
CA GLU L 138 38.48 34.01 -15.07
C GLU L 138 38.63 35.28 -14.24
N ALA L 139 37.53 36.04 -14.05
CA ALA L 139 37.58 37.29 -13.26
C ALA L 139 37.95 36.96 -11.81
N ALA L 140 37.41 35.87 -11.26
CA ALA L 140 37.76 35.45 -9.88
C ALA L 140 39.22 35.00 -9.83
N ILE L 141 39.70 34.31 -10.88
CA ILE L 141 41.14 33.88 -10.93
C ILE L 141 42.03 35.13 -10.94
N ALA L 142 41.64 36.16 -11.70
CA ALA L 142 42.41 37.42 -11.73
C ALA L 142 42.39 38.08 -10.34
N GLU L 143 41.24 38.07 -9.67
CA GLU L 143 41.10 38.67 -8.31
C GLU L 143 42.01 37.90 -7.35
N LEU L 144 42.05 36.57 -7.45
CA LEU L 144 42.90 35.74 -6.57
C LEU L 144 44.38 36.07 -6.81
N ARG L 145 44.78 36.26 -8.07
CA ARG L 145 46.18 36.65 -8.38
C ARG L 145 46.49 38.02 -7.76
N GLU L 146 45.54 38.96 -7.82
CA GLU L 146 45.74 40.29 -7.16
C GLU L 146 45.86 40.11 -5.65
N THR L 147 45.05 39.23 -5.05
CA THR L 147 45.07 39.02 -3.59
C THR L 147 45.97 37.83 -3.25
PG ATP M . -15.13 -29.82 -3.35
O1G ATP M . -14.21 -30.66 -4.16
O2G ATP M . -14.98 -28.33 -3.63
O3G ATP M . -16.61 -30.21 -3.51
PB ATP M . -14.11 -31.09 -0.93
O1B ATP M . -14.06 -32.38 -1.61
O2B ATP M . -12.77 -30.49 -0.50
O3B ATP M . -14.84 -29.97 -1.79
PA ATP M . -15.54 -32.23 1.39
O1A ATP M . -14.82 -33.50 1.25
O2A ATP M . -17.05 -32.35 1.23
O3A ATP M . -15.01 -31.13 0.38
O5' ATP M . -15.19 -31.52 2.78
C5' ATP M . -14.71 -30.16 2.78
C4' ATP M . -14.33 -29.65 4.15
O4' ATP M . -12.91 -29.79 4.28
C3' ATP M . -14.63 -28.17 4.35
O3' ATP M . -15.91 -28.00 4.96
C2' ATP M . -13.48 -27.69 5.24
O2' ATP M . -13.75 -27.78 6.63
C1' ATP M . -12.33 -28.64 4.89
N9 ATP M . -11.34 -28.10 3.98
C8 ATP M . -11.45 -27.89 2.62
N7 ATP M . -10.38 -27.37 2.07
C5 ATP M . -9.50 -27.23 3.13
C6 ATP M . -8.19 -26.72 3.22
N6 ATP M . -7.48 -26.28 2.18
N1 ATP M . -7.61 -26.72 4.44
C2 ATP M . -8.30 -27.18 5.49
N3 ATP M . -9.53 -27.67 5.53
C4 ATP M . -10.08 -27.66 4.31
PG ATP N . -12.24 -25.75 -1.84
O1G ATP N . -10.78 -25.65 -2.03
O2G ATP N . -13.01 -24.53 -2.33
O3G ATP N . -12.84 -27.01 -2.47
PB ATP N . -13.98 -26.31 0.40
O1B ATP N . -14.07 -27.77 0.56
O2B ATP N . -14.15 -25.44 1.63
O3B ATP N . -12.63 -25.86 -0.30
PA ATP N . -16.60 -25.89 -0.88
O1A ATP N . -17.00 -26.70 -2.05
O2A ATP N . -17.10 -24.46 -0.82
O3A ATP N . -15.03 -25.83 -0.71
O5' ATP N . -17.04 -26.51 0.49
C5' ATP N . -17.53 -27.84 0.75
C4' ATP N . -17.85 -27.96 2.22
O4' ATP N . -18.15 -26.66 2.76
C3' ATP N . -19.06 -28.81 2.56
O3' ATP N . -18.72 -30.20 2.66
C2' ATP N . -19.53 -28.22 3.89
O2' ATP N . -18.79 -28.71 5.00
C1' ATP N . -19.19 -26.74 3.72
N9 ATP N . -20.30 -25.89 3.31
C8 ATP N . -20.24 -24.90 2.35
N7 ATP N . -21.37 -24.28 2.15
C5 ATP N . -22.24 -24.88 3.04
C6 ATP N . -23.60 -24.66 3.34
N6 ATP N . -24.33 -23.72 2.76
N1 ATP N . -24.16 -25.43 4.28
C2 ATP N . -23.42 -26.36 4.90
N3 ATP N . -22.14 -26.64 4.72
C4 ATP N . -21.59 -25.87 3.77
ZN ZN O . 28.80 -41.18 11.06
PG ATP P . -19.02 26.04 9.27
O1G ATP P . -20.21 26.02 8.37
O2G ATP P . -17.78 25.41 8.64
O3G ATP P . -18.67 27.43 9.79
PB ATP P . -20.62 24.70 11.33
O1B ATP P . -21.78 25.52 10.97
O2B ATP P . -20.72 23.19 11.07
O3B ATP P . -19.29 25.18 10.58
PA ATP P . -20.92 25.30 14.20
O1A ATP P . -22.37 25.33 14.08
O2A ATP P . -20.30 26.61 14.66
O3A ATP P . -20.21 24.86 12.85
O5' ATP P . -20.45 24.11 15.17
C5' ATP P . -19.48 23.15 14.69
C4' ATP P . -19.21 22.03 15.66
O4' ATP P . -20.01 20.90 15.26
C3' ATP P . -17.76 21.55 15.63
O3' ATP P . -16.99 22.22 16.64
C2' ATP P . -17.88 20.04 15.88
O2' ATP P . -17.82 19.69 17.27
C1' ATP P . -19.27 19.70 15.33
N9 ATP P . -19.27 19.08 14.02
C8 ATP P . -19.04 19.67 12.81
N7 ATP P . -19.11 18.85 11.79
C5 ATP P . -19.39 17.62 12.37
C6 ATP P . -19.58 16.33 11.84
N6 ATP P . -19.53 16.06 10.53
N1 ATP P . -19.84 15.34 12.71
C2 ATP P . -19.91 15.62 14.01
N3 ATP P . -19.76 16.79 14.62
C4 ATP P . -19.49 17.76 13.75
PG ATP Q . -16.82 21.35 8.64
O1G ATP Q . -17.42 20.23 7.88
O2G ATP Q . -15.38 21.65 8.22
O3G ATP Q . -17.65 22.64 8.58
PB ATP Q . -16.46 21.98 11.44
O1B ATP Q . -17.70 22.60 11.93
O2B ATP Q . -15.61 21.20 12.43
O3B ATP Q . -16.72 21.02 10.19
PA ATP Q . -14.86 24.43 11.21
O1A ATP Q . -15.38 25.60 10.48
O2A ATP Q . -13.36 24.19 11.13
O3A ATP Q . -15.55 23.09 10.75
O5' ATP Q . -15.18 24.45 12.74
C5' ATP Q . -16.11 25.28 13.45
C4' ATP Q . -16.06 24.93 14.91
O4' ATP Q . -14.76 24.39 15.23
C3' ATP Q . -16.23 26.11 15.86
O3' ATP Q . -17.60 26.39 16.13
C2' ATP Q . -15.47 25.64 17.12
O2' ATP Q . -16.24 24.78 17.94
C1' ATP Q . -14.33 24.81 16.52
N9 ATP Q . -13.05 25.52 16.38
C8 ATP Q . -12.23 25.47 15.29
N7 ATP Q . -11.15 26.19 15.41
C5 ATP Q . -11.25 26.74 16.68
C6 ATP Q . -10.41 27.59 17.42
N6 ATP Q . -9.23 28.02 16.97
N1 ATP Q . -10.81 27.96 18.65
C2 ATP Q . -11.96 27.47 19.12
N3 ATP Q . -12.83 26.66 18.51
C4 ATP Q . -12.42 26.34 17.29
ZN ZN R . -49.87 -10.19 7.79
PG ATP S . 32.05 -0.01 9.98
O1G ATP S . 32.59 1.34 9.63
O2G ATP S . 30.90 -0.45 9.07
O3G ATP S . 33.11 -1.11 10.00
PB ATP S . 31.64 0.90 12.72
O1B ATP S . 32.91 1.64 12.67
O2B ATP S . 30.37 1.74 12.86
O3B ATP S . 31.43 -0.02 11.45
PA ATP S . 32.33 -0.38 15.30
O1A ATP S . 33.05 0.82 15.74
O2A ATP S . 33.20 -1.62 15.18
O3A ATP S . 31.59 -0.16 13.90
O5' ATP S . 31.07 -0.67 16.23
C5' ATP S . 29.76 -0.81 15.65
C4' ATP S . 28.66 -0.99 16.65
O4' ATP S . 28.05 0.29 16.84
C3' ATP S . 27.55 -1.92 16.17
O3' ATP S . 27.78 -3.25 16.63
C2' ATP S . 26.28 -1.30 16.76
O2' ATP S . 25.95 -1.81 18.05
C1' ATP S . 26.63 0.18 16.88
N9 ATP S . 26.08 1.02 15.83
C8 ATP S . 26.48 1.13 14.53
N7 ATP S . 25.77 1.97 13.82
C5 ATP S . 24.84 2.46 14.71
C6 ATP S . 23.79 3.38 14.59
N6 ATP S . 23.50 4.04 13.45
N1 ATP S . 23.03 3.64 15.68
C2 ATP S . 23.33 3.00 16.82
N3 ATP S . 24.29 2.11 17.06
C4 ATP S . 25.01 1.88 15.97
PG ATP T . 26.87 0.50 9.57
O1G ATP T . 26.17 1.78 9.36
O2G ATP T . 26.45 -0.59 8.58
O3G ATP T . 28.39 0.65 9.55
PB ATP T . 27.28 -1.28 11.80
O1B ATP T . 28.41 -0.78 12.59
O2B ATP T . 26.20 -2.07 12.54
O3B ATP T . 26.55 -0.12 11.01
PA ATP T . 28.67 -3.50 10.45
O1A ATP T . 29.95 -3.25 9.75
O2A ATP T . 27.76 -4.54 9.87
O3A ATP T . 27.82 -2.16 10.59
O5' ATP T . 28.85 -3.92 11.95
C5' ATP T . 30.04 -3.84 12.77
C4' ATP T . 29.72 -4.38 14.15
O4' ATP T . 28.62 -5.32 14.04
C3' ATP T . 30.85 -5.16 14.81
O3' ATP T . 31.74 -4.31 15.50
C2' ATP T . 30.09 -6.12 15.74
O2' ATP T . 29.70 -5.51 16.96
C1' ATP T . 28.81 -6.41 14.94
N9 ATP T . 28.82 -7.65 14.17
C8 ATP T . 28.38 -7.81 12.88
N7 ATP T . 28.49 -9.02 12.42
C5 ATP T . 29.04 -9.73 13.48
C6 ATP T . 29.40 -11.08 13.64
N6 ATP T . 29.23 -12.00 12.69
N1 ATP T . 29.92 -11.46 14.82
C2 ATP T . 30.06 -10.55 15.79
N3 ATP T . 29.74 -9.26 15.76
C4 ATP T . 29.25 -8.90 14.56
ZN ZN U . 14.72 40.35 28.34
PG ATP V . -7.54 -29.73 -13.74
O1G ATP V . -8.91 -30.06 -13.27
O2G ATP V . -6.78 -28.82 -12.78
O3G ATP V . -6.68 -30.95 -14.06
PB ATP V . -8.68 -28.75 -16.25
O1B ATP V . -9.65 -29.87 -16.25
O2B ATP V . -9.26 -27.36 -16.10
O3B ATP V . -7.59 -28.91 -15.11
PA ATP V . -7.89 -29.27 -19.05
O1A ATP V . -9.24 -29.70 -19.40
O2A ATP V . -6.83 -30.37 -19.23
O3A ATP V . -7.78 -28.73 -17.56
O5' ATP V . -7.47 -27.96 -19.86
C5' ATP V . -6.99 -26.81 -19.14
C4' ATP V . -6.72 -25.62 -20.02
O4' ATP V . -7.88 -24.75 -19.94
C3' ATP V . -5.54 -24.77 -19.56
O3' ATP V . -4.35 -25.16 -20.23
C2' ATP V . -5.97 -23.34 -19.89
O2' ATP V . -5.57 -22.92 -21.18
C1' ATP V . -7.49 -23.40 -19.83
N9 ATP V . -8.07 -22.86 -18.61
C8 ATP V . -8.10 -23.43 -17.35
N7 ATP V . -8.70 -22.70 -16.44
C5 ATP V . -9.10 -21.57 -17.14
C6 ATP V . -9.78 -20.40 -16.75
N6 ATP V . -10.22 -20.17 -15.51
N1 ATP V . -10.00 -19.46 -17.69
C2 ATP V . -9.57 -19.69 -18.94
N3 ATP V . -8.93 -20.75 -19.42
C4 ATP V . -8.71 -21.66 -18.47
PG ATP W . -6.96 -24.66 -12.63
O1G ATP W . -8.05 -23.79 -12.16
O2G ATP W . -5.70 -24.59 -11.77
O3G ATP W . -7.40 -26.11 -12.79
PB ATP W . -5.58 -25.05 -15.14
O1B ATP W . -6.39 -25.94 -15.99
O2B ATP W . -4.69 -24.02 -15.85
O3B ATP W . -6.47 -24.24 -14.10
PA ATP W . -3.54 -26.99 -14.31
O1A ATP W . -3.94 -28.30 -13.75
O2A ATP W . -2.27 -26.38 -13.79
O3A ATP W . -4.68 -25.90 -14.15
O5' ATP W . -3.35 -27.02 -15.86
C5' ATP W . -3.75 -28.04 -16.80
C4' ATP W . -3.33 -27.62 -18.19
O4' ATP W . -2.19 -26.74 -18.10
C3' ATP W . -2.87 -28.76 -19.10
O3' ATP W . -3.96 -29.38 -19.78
C2' ATP W . -1.90 -28.05 -20.06
O2' ATP W . -2.57 -27.38 -21.12
C1' ATP W . -1.28 -26.98 -19.16
N9 ATP W . 0.03 -27.33 -18.59
C8 ATP W . 0.42 -27.11 -17.30
N7 ATP W . 1.63 -27.52 -17.03
C5 ATP W . 2.08 -28.02 -18.25
C6 ATP W . 3.31 -28.59 -18.65
N6 ATP W . 4.36 -28.72 -17.83
N1 ATP W . 3.44 -28.98 -19.92
C2 ATP W . 2.41 -28.81 -20.76
N3 ATP W . 1.21 -28.27 -20.50
C4 ATP W . 1.11 -27.90 -19.21
ZN ZN X . -45.63 -2.95 -23.68
PG ATP Y . -22.70 24.59 -2.93
O1G ATP Y . -22.34 25.62 -1.91
O2G ATP Y . -22.26 23.18 -2.57
O3G ATP Y . -24.20 24.58 -3.28
PB ATP Y . -21.33 26.19 -4.96
O1B ATP Y . -21.85 27.43 -4.35
O2B ATP Y . -19.82 25.99 -4.91
O3B ATP Y . -21.97 24.88 -4.33
PA ATP Y . -22.19 27.03 -7.67
O1A ATP Y . -21.91 28.43 -7.35
O2A ATP Y . -23.65 26.73 -7.99
O3A ATP Y . -21.74 26.06 -6.48
O5' ATP Y . -21.24 26.50 -8.84
C5' ATP Y . -20.45 25.31 -8.63
C4' ATP Y . -19.53 24.98 -9.77
O4' ATP Y . -18.23 25.50 -9.45
C3' ATP Y . -19.36 23.48 -10.00
O3' ATP Y . -20.28 23.02 -10.98
C2' ATP Y . -17.89 23.37 -10.45
O2' ATP Y . -17.73 23.44 -11.86
C1' ATP Y . -17.22 24.57 -9.80
N9 ATP Y . -16.45 24.27 -8.60
C8 ATP Y . -16.93 23.97 -7.34
N7 ATP Y . -16.00 23.74 -6.45
C5 ATP Y . -14.82 23.87 -7.18
C6 ATP Y . -13.47 23.74 -6.82
N6 ATP Y . -13.04 23.45 -5.59
N1 ATP Y . -12.54 23.94 -7.79
C2 ATP Y . -12.96 24.25 -9.01
N3 ATP Y . -14.20 24.40 -9.47
C4 ATP Y . -15.09 24.19 -8.49
PG ATP Z . -18.51 21.50 -3.28
O1G ATP Z . -17.21 21.77 -2.62
O2G ATP Z . -19.04 20.09 -3.01
O3G ATP Z . -19.59 22.53 -2.92
PB ATP Z . -19.53 21.69 -5.97
O1B ATP Z . -19.94 23.08 -6.22
O2B ATP Z . -19.07 20.86 -7.17
O3B ATP Z . -18.40 21.58 -4.87
PA ATP Z . -22.21 20.53 -5.59
O1A ATP Z . -23.16 21.15 -4.64
O2A ATP Z . -22.27 19.03 -5.73
O3A ATP Z . -20.70 20.89 -5.24
O5' ATP Z . -22.34 21.07 -7.05
C5' ATP Z . -23.05 22.24 -7.51
C4' ATP Z . -22.90 22.35 -9.00
O4' ATP Z . -22.66 21.03 -9.56
C3' ATP Z . -24.13 22.86 -9.75
O3' ATP Z . -24.15 24.29 -9.80
C2' ATP Z . -23.98 22.23 -11.13
O2' ATP Z . -23.08 22.93 -11.98
C1' ATP Z . -23.33 20.88 -10.80
N9 ATP Z . -24.25 19.75 -10.72
C8 ATP Z . -24.23 18.77 -9.76
N7 ATP Z . -25.16 17.87 -9.90
C5 ATP Z . -25.83 18.26 -11.05
C6 ATP Z . -26.91 17.71 -11.75
N6 ATP Z . -27.52 16.58 -11.41
N1 ATP Z . -27.34 18.34 -12.87
C2 ATP Z . -26.70 19.45 -13.25
N3 ATP Z . -25.66 20.05 -12.68
C4 ATP Z . -25.27 19.41 -11.58
ZN ZN AA . 18.90 47.75 -3.06
PG ATP BA . 32.38 8.87 0.73
O1G ATP BA . 33.11 7.70 1.28
O2G ATP BA . 30.93 8.95 1.20
O3G ATP BA . 33.07 10.21 0.99
PB ATP BA . 33.11 8.00 -1.96
O1B ATP BA . 34.45 7.62 -1.47
O2B ATP BA . 32.22 6.87 -2.46
O3B ATP BA . 32.28 8.78 -0.86
PA ATP BA . 34.23 9.53 -4.24
O1A ATP BA . 35.34 8.58 -4.37
O2A ATP BA . 34.67 10.95 -3.90
O3A ATP BA . 33.17 9.06 -3.14
O5' ATP BA . 33.30 9.52 -5.54
C5' ATP BA . 31.89 9.30 -5.40
C4' ATP BA . 31.16 9.22 -6.71
O4' ATP BA . 31.00 7.82 -7.03
C3' ATP BA . 29.75 9.81 -6.66
O3' ATP BA . 29.76 11.16 -7.08
C2' ATP BA . 28.95 8.90 -7.60
O2' ATP BA . 28.93 9.36 -8.95
C1' ATP BA . 29.70 7.56 -7.53
N9 ATP BA . 29.08 6.56 -6.67
C8 ATP BA . 29.05 6.51 -5.31
N7 ATP BA . 28.41 5.47 -4.82
C5 ATP BA . 27.97 4.80 -5.95
C6 ATP BA . 27.21 3.63 -6.12
N6 ATP BA . 26.77 2.87 -5.12
N1 ATP BA . 26.94 3.24 -7.39
C2 ATP BA . 27.40 3.98 -8.40
N3 ATP BA . 28.12 5.10 -8.36
C4 ATP BA . 28.37 5.46 -7.10
PG ATP CA . 27.67 7.01 -0.52
O1G ATP CA . 27.29 5.57 -0.49
O2G ATP CA . 26.68 7.89 0.23
O3G ATP CA . 29.08 7.27 -0.01
PB ATP CA . 28.28 8.93 -2.58
O1B ATP CA . 29.71 8.77 -2.95
O2B ATP CA . 27.33 9.43 -3.66
O3B ATP CA . 27.66 7.58 -2.01
PA ATP CA . 28.54 11.36 -0.96
O1A ATP CA . 29.54 11.44 0.12
O2A ATP CA . 27.24 12.11 -0.74
O3A ATP CA . 28.15 9.87 -1.30
O5' ATP CA . 29.07 11.88 -2.33
C5' ATP CA . 30.43 12.16 -2.73
C4' ATP CA . 30.44 12.66 -4.15
O4' ATP CA . 29.16 13.26 -4.45
C3' ATP CA . 31.46 13.74 -4.45
O3' ATP CA . 32.73 13.18 -4.80
C2' ATP CA . 30.82 14.50 -5.63
O2' ATP CA . 31.01 13.86 -6.88
C1' ATP CA . 29.33 14.40 -5.29
N9 ATP CA . 28.77 15.57 -4.61
C8 ATP CA . 27.91 15.55 -3.54
N7 ATP CA . 27.55 16.73 -3.12
C5 ATP CA . 28.20 17.61 -3.98
C6 ATP CA . 28.22 19.01 -4.07
N6 ATP CA . 27.52 19.80 -3.29
N1 ATP CA . 28.97 19.57 -5.04
C2 ATP CA . 29.65 18.76 -5.88
N3 ATP CA . 29.70 17.43 -5.89
C4 ATP CA . 28.95 16.90 -4.92
ZN ZN DA . 33.05 -33.80 -20.38
PG ATP EA . -23.70 -17.82 -3.84
O1G ATP EA . -23.65 -16.58 -4.68
O2G ATP EA . -22.55 -18.80 -4.08
O3G ATP EA . -23.79 -17.54 -2.33
PB ATP EA . -25.81 -19.80 -3.40
O1B ATP EA . -26.86 -19.25 -2.53
O2B ATP EA . -26.29 -20.82 -4.44
O3B ATP EA . -25.03 -18.65 -4.17
PA ATP EA . -24.60 -21.55 -1.36
O1A ATP EA . -23.67 -21.09 -0.32
O2A ATP EA . -24.16 -22.87 -2.00
O3A ATP EA . -24.66 -20.49 -2.54
O5' ATP EA . -26.07 -21.83 -0.76
C5' ATP EA . -27.06 -22.68 -1.37
C4' ATP EA . -27.79 -23.50 -0.34
O4' ATP EA . -27.50 -24.89 -0.60
C3' ATP EA . -27.37 -23.29 1.12
O3' ATP EA . -28.09 -22.21 1.72
C2' ATP EA . -27.67 -24.65 1.76
O2' ATP EA . -29.03 -24.79 2.17
C1' ATP EA . -27.39 -25.62 0.61
N9 ATP EA . -26.06 -26.23 0.66
C8 ATP EA . -24.97 -25.91 -0.10
N7 ATP EA . -23.91 -26.64 0.15
C5 ATP EA . -24.34 -27.52 1.13
C6 ATP EA . -23.70 -28.58 1.80
N6 ATP EA . -22.44 -28.96 1.57
N1 ATP EA . -24.41 -29.27 2.73
C2 ATP EA . -25.68 -28.91 2.94
N3 ATP EA . -26.39 -27.94 2.36
C4 ATP EA . -25.66 -27.28 1.46
PG ATP FA . -25.09 -16.07 1.19
O1G ATP FA . -24.11 -17.15 0.86
O2G ATP FA . -25.15 -15.71 2.68
O3G ATP FA . -24.87 -14.79 0.40
PB ATP FA . -27.32 -16.33 -0.56
O1B ATP FA . -28.06 -15.05 -0.65
O2B ATP FA . -26.26 -16.57 -1.62
O3B ATP FA . -26.57 -16.53 0.82
PA ATP FA . -29.15 -18.45 0.41
O1A ATP FA . -30.15 -17.65 1.13
O2A ATP FA . -28.19 -19.28 1.26
O3A ATP FA . -28.30 -17.59 -0.62
O5' ATP FA . -29.86 -19.42 -0.62
C5' ATP FA . -30.77 -18.97 -1.63
C4' ATP FA . -31.37 -20.11 -2.41
O4' ATP FA . -31.63 -19.65 -3.75
C3' ATP FA . -30.50 -21.34 -2.62
O3' ATP FA . -31.31 -22.48 -2.91
C2' ATP FA . -29.63 -20.93 -3.79
O2' ATP FA . -29.13 -22.03 -4.54
C1' ATP FA . -30.63 -20.12 -4.62
N9 ATP FA . -30.03 -18.97 -5.29
C8 ATP FA . -29.05 -18.13 -4.81
N7 ATP FA . -28.69 -17.20 -5.66
C5 ATP FA . -29.48 -17.44 -6.77
C6 ATP FA . -29.56 -16.81 -8.03
N6 ATP FA . -28.84 -15.75 -8.38
N1 ATP FA . -30.45 -17.31 -8.92
C2 ATP FA . -31.19 -18.37 -8.57
N3 ATP FA . -31.19 -19.03 -7.42
C4 ATP FA . -30.31 -18.52 -6.56
ZN ZN GA . -9.61 -2.39 -25.28
PG ATP HA . -4.42 27.95 9.56
O1G ATP HA . -3.38 27.74 8.52
O2G ATP HA . -5.84 27.56 9.12
O3G ATP HA . -4.13 27.23 10.88
PB ATP HA . -5.15 30.26 11.20
O1B ATP HA . -4.17 30.48 12.26
O2B ATP HA . -5.83 31.54 10.67
O3B ATP HA . -4.53 29.50 9.95
PA ATP HA . -7.26 29.14 12.94
O1A ATP HA . -7.27 27.76 13.42
O2A ATP HA . -8.63 29.65 12.49
O3A ATP HA . -6.30 29.27 11.67
O5' ATP HA . -6.80 30.17 14.10
C5' ATP HA . -7.07 31.58 14.12
C4' ATP HA . -7.43 32.05 15.51
O4' ATP HA . -8.79 32.53 15.46
C3' ATP HA . -7.44 30.99 16.61
O3' ATP HA . -6.14 30.84 17.19
C2' ATP HA . -8.48 31.52 17.60
O2' ATP HA . -7.95 32.48 18.51
C1' ATP HA . -9.48 32.20 16.66
N9 ATP HA . -10.65 31.40 16.34
C8 ATP HA . -10.90 30.73 15.17
N7 ATP HA . -12.05 30.10 15.15
C5 ATP HA . -12.60 30.38 16.38
C6 ATP HA . -13.83 30.02 16.97
N6 ATP HA . -14.76 29.29 16.35
N1 ATP HA . -14.08 30.48 18.22
C2 ATP HA . -13.16 31.24 18.83
N3 ATP HA . -11.97 31.64 18.37
C4 ATP HA . -11.75 31.18 17.13
PG ATP IA . -2.19 26.08 14.23
O1G ATP IA . -3.59 25.91 13.78
O2G ATP IA . -1.83 25.32 15.50
O3G ATP IA . -1.16 25.72 13.15
PB ATP IA . -1.36 28.73 13.56
O1B ATP IA . 0.11 28.81 13.49
O2B ATP IA . -2.09 28.46 12.26
O3B ATP IA . -1.87 27.61 14.57
PA ATP IA . -2.33 30.65 15.60
O1A ATP IA . -1.14 30.78 16.45
O2A ATP IA . -3.52 29.86 16.17
O3A ATP IA . -2.00 30.06 14.16
O5' ATP IA . -2.87 32.06 15.16
C5' ATP IA . -2.04 33.05 14.51
C4' ATP IA . -2.77 34.35 14.28
O4' ATP IA . -2.25 34.95 13.09
C3' ATP IA . -4.27 34.28 14.03
O3' ATP IA . -4.88 35.53 14.33
C2' ATP IA . -4.33 33.92 12.55
O2' ATP IA . -5.54 34.33 11.92
C1' ATP IA . -3.15 34.74 12.01
N9 ATP IA . -2.43 34.07 10.93
C8 ATP IA . -2.15 32.73 10.80
N7 ATP IA . -1.52 32.43 9.70
C5 ATP IA . -1.37 33.65 9.06
C6 ATP IA . -0.78 34.00 7.83
N6 ATP IA . -0.20 33.13 7.00
N1 ATP IA . -0.82 35.31 7.48
C2 ATP IA . -1.38 36.18 8.30
N3 ATP IA . -1.96 35.96 9.49
C4 ATP IA . -1.92 34.67 9.81
ZN ZN JA . 2.20 19.71 -18.45
PG ATP KA . 26.80 -12.51 4.19
O1G ATP KA . 26.11 -12.79 2.91
O2G ATP KA . 27.13 -11.03 4.43
O3G ATP KA . 26.05 -13.02 5.42
PB ATP KA . 29.21 -13.62 5.45
O1B ATP KA . 28.94 -14.97 5.97
O2B ATP KA . 30.64 -13.39 4.96
O3B ATP KA . 28.22 -13.25 4.25
PA ATP KA . 29.23 -12.25 8.06
O1A ATP KA . 28.03 -11.86 8.80
O2A ATP KA . 30.33 -11.18 8.08
O3A ATP KA . 28.87 -12.50 6.53
O5' ATP KA . 29.92 -13.57 8.71
C5' ATP KA . 31.31 -13.96 8.53
C4' ATP KA . 31.90 -14.47 9.80
O4' ATP KA . 32.97 -13.58 10.18
C3' ATP KA . 30.97 -14.51 11.02
O3' ATP KA . 30.24 -15.72 11.09
C2' ATP KA . 31.95 -14.33 12.20
O2' ATP KA . 32.55 -15.56 12.61
C1' ATP KA . 33.02 -13.43 11.59
N9 ATP KA . 32.86 -12.01 11.93
C8 ATP KA . 32.38 -11.02 11.12
N7 ATP KA . 32.37 -9.83 11.67
C5 ATP KA . 32.89 -10.06 12.93
C6 ATP KA . 33.17 -9.19 14.02
N6 ATP KA . 32.96 -7.87 13.98
N1 ATP KA . 33.69 -9.73 15.13
C2 ATP KA . 33.93 -11.05 15.16
N3 ATP KA . 33.72 -11.96 14.20
C4 ATP KA . 33.20 -11.39 13.11
PG ATP LA . 24.15 -15.54 7.93
O1G ATP LA . 24.66 -14.16 8.11
O2G ATP LA . 23.32 -16.07 9.11
O3G ATP LA . 23.33 -15.73 6.65
PB ATP LA . 26.08 -17.03 6.45
O1B ATP LA . 25.45 -18.20 5.79
O2B ATP LA . 26.17 -15.77 5.61
O3B ATP LA . 25.34 -16.59 7.79
PA ATP LA . 28.25 -17.96 8.23
O1A ATP LA . 27.81 -19.33 8.52
O2A ATP LA . 28.12 -16.95 9.38
O3A ATP LA . 27.55 -17.35 6.95
O5' ATP LA . 29.75 -17.94 7.74
C5' ATP LA . 30.22 -18.72 6.63
C4' ATP LA . 31.71 -18.60 6.42
O4' ATP LA . 31.98 -18.74 5.02
C3' ATP LA . 32.34 -17.27 6.79
O3' ATP LA . 33.74 -17.45 7.02
C2' ATP LA . 32.05 -16.42 5.55
O2' ATP LA . 32.98 -15.36 5.37
C1' ATP LA . 32.20 -17.47 4.44
N9 ATP LA . 31.27 -17.27 3.34
C8 ATP LA . 29.96 -16.87 3.41
N7 ATP LA . 29.37 -16.77 2.24
C5 ATP LA . 30.37 -17.12 1.34
C6 ATP LA . 30.39 -17.18 -0.06
N6 ATP LA . 29.35 -16.91 -0.84
N1 ATP LA . 31.55 -17.56 -0.65
C2 ATP LA . 32.60 -17.83 0.12
N3 ATP LA . 32.69 -17.82 1.46
C4 ATP LA . 31.54 -17.44 2.01
ZN ZN MA . 16.15 -1.94 -21.71
PG ATP NA . 6.35 -27.66 -9.21
O1G ATP NA . 6.92 -27.22 -7.90
O2G ATP NA . 4.82 -27.68 -9.27
O3G ATP NA . 6.85 -26.84 -10.40
PB ATP NA . 6.82 -30.01 -10.89
O1B ATP NA . 8.11 -29.90 -11.58
O2B ATP NA . 6.36 -31.44 -10.56
O3B ATP NA . 6.78 -29.16 -9.55
PA ATP NA . 5.17 -29.41 -13.26
O1A ATP NA . 4.93 -28.06 -13.80
O2A ATP NA . 3.91 -30.28 -13.26
O3A ATP NA . 5.66 -29.33 -11.75
O5' ATP NA . 6.23 -30.22 -14.18
C5' ATP NA . 6.35 -31.65 -14.23
C4' ATP NA . 6.59 -32.14 -15.62
O4' ATP NA . 5.46 -32.96 -16.00
C3' ATP NA . 6.66 -31.07 -16.71
O3' ATP NA . 7.98 -30.56 -16.86
C2' ATP NA . 6.17 -31.81 -17.95
O2' ATP NA . 7.19 -32.55 -18.61
C1' ATP NA . 5.14 -32.78 -17.37
N9 ATP NA . 3.75 -32.32 -17.47
C8 ATP NA . 2.98 -31.80 -16.47
N7 ATP NA . 1.76 -31.49 -16.84
C5 ATP NA . 1.73 -31.86 -18.18
C6 ATP NA . 0.70 -31.81 -19.14
N6 ATP NA . -0.54 -31.38 -18.90
N1 ATP NA . 0.99 -32.26 -20.38
C2 ATP NA . 2.22 -32.72 -20.64
N3 ATP NA . 3.27 -32.81 -19.80
C4 ATP NA . 2.94 -32.36 -18.58
PG ATP OA . 9.38 -25.06 -13.00
O1G ATP OA . 7.91 -25.29 -13.03
O2G ATP OA . 9.91 -24.18 -14.13
O3G ATP OA . 9.87 -24.49 -11.67
PB ATP OA . 10.62 -27.43 -11.99
O1B ATP OA . 11.96 -27.12 -11.44
O2B ATP OA . 9.48 -27.42 -11.01
O3B ATP OA . 10.18 -26.44 -13.16
PA ATP OA . 10.89 -29.44 -14.14
O1A ATP OA . 12.28 -29.22 -14.57
O2A ATP OA . 9.80 -28.97 -15.10
O3A ATP OA . 10.59 -28.85 -12.71
O5' ATP OA . 10.64 -30.97 -13.84
C5' ATP OA . 11.44 -31.73 -12.91
C4' ATP OA . 11.05 -33.18 -12.88
O4' ATP OA . 11.31 -33.68 -11.55
C3' ATP OA . 9.59 -33.51 -13.12
O3' ATP OA . 9.46 -34.87 -13.54
C2' ATP OA . 8.97 -33.26 -11.76
O2' ATP OA . 7.77 -34.00 -11.53
C1' ATP OA . 10.08 -33.76 -10.82
N9 ATP OA . 10.21 -32.98 -9.61
C8 ATP OA . 10.07 -31.62 -9.46
N7 ATP OA . 10.22 -31.20 -8.22
C5 ATP OA . 10.47 -32.36 -7.51
C6 ATP OA . 10.71 -32.61 -6.15
N6 ATP OA . 10.74 -31.66 -5.21
N1 ATP OA . 10.91 -33.89 -5.77
C2 ATP OA . 10.88 -34.84 -6.69
N3 ATP OA . 10.68 -34.73 -8.01
C4 ATP OA . 10.49 -33.46 -8.36
ZN ZN PA . 1.25 -19.21 19.05
PG ATP QA . -27.47 10.76 -4.69
O1G ATP QA . -27.36 9.56 -3.83
O2G ATP QA . -26.77 12.01 -4.14
O3G ATP QA . -27.00 10.55 -6.14
PB ATP QA . -29.77 12.14 -5.86
O1B ATP QA . -30.32 11.38 -7.00
O2B ATP QA . -30.81 12.96 -5.07
O3B ATP QA . -29.00 11.21 -4.84
PA ATP QA . -28.49 14.24 -7.49
O1A ATP QA . -27.19 14.09 -8.17
O2A ATP QA . -28.65 15.60 -6.80
O3A ATP QA . -28.64 13.14 -6.33
O5' ATP QA . -29.71 14.15 -8.54
C5' ATP QA . -31.04 14.68 -8.31
C4' ATP QA . -31.60 15.33 -9.55
O4' ATP QA . -31.78 16.72 -9.27
C3' ATP QA . -30.70 15.29 -10.79
O3' ATP QA . -30.87 14.09 -11.55
C2' ATP QA . -31.12 16.55 -11.55
O2' ATP QA . -32.27 16.35 -12.38
C1' ATP QA . -31.48 17.51 -10.41
N9 ATP QA . -30.42 18.46 -10.07
C8 ATP QA . -29.57 18.40 -8.99
N7 ATP QA . -28.73 19.40 -8.92
C5 ATP QA . -29.05 20.17 -10.03
C6 ATP QA . -28.53 21.39 -10.51
N6 ATP QA . -27.55 22.07 -9.90
N1 ATP QA . -29.06 21.90 -11.63
C2 ATP QA . -30.07 21.24 -12.22
N3 ATP QA . -30.63 20.09 -11.87
C4 ATP QA . -30.08 19.60 -10.75
PG ATP RA . -26.68 8.95 -9.83
O1G ATP RA . -26.18 10.23 -9.24
O2G ATP RA . -26.17 8.65 -11.24
O3G ATP RA . -26.39 7.73 -8.95
PB ATP RA . -29.34 8.53 -8.88
O1B ATP RA . -29.70 7.10 -8.98
O2B ATP RA . -28.77 8.99 -7.56
O3B ATP RA . -28.27 8.98 -9.97
PA ATP RA . -31.26 10.13 -10.47
O1A ATP RA . -31.73 9.12 -11.44
O2A ATP RA . -30.33 11.22 -11.01
O3A ATP RA . -30.58 9.47 -9.20
O5' ATP RA . -32.48 10.84 -9.77
C5' ATP RA . -33.51 10.12 -9.08
C4' ATP RA . -34.61 11.02 -8.58
O4' ATP RA . -35.16 10.44 -7.38
C3' ATP RA . -34.20 12.43 -8.16
O3' ATP RA . -35.33 13.29 -8.19
C2' ATP RA . -33.67 12.20 -6.75
O2' ATP RA . -33.76 13.36 -5.92
C1' ATP RA . -34.63 11.13 -6.25
N9 ATP RA . -34.00 10.15 -5.38
C8 ATP RA . -32.74 9.62 -5.48
N7 ATP RA . -32.43 8.77 -4.53
C5 ATP RA . -33.56 8.76 -3.73
C6 ATP RA . -33.88 8.07 -2.53
N6 ATP RA . -33.05 7.22 -1.93
N1 ATP RA . -35.10 8.29 -1.99
C2 ATP RA . -35.94 9.12 -2.61
N3 ATP RA . -35.75 9.81 -3.73
C4 ATP RA . -34.54 9.58 -4.24
ZN ZN SA . -17.35 -1.31 20.76
PG ATP TA . 22.46 19.29 3.98
O1G ATP TA . 21.34 19.31 4.98
O2G ATP TA . 23.22 17.96 3.94
O3G ATP TA . 22.03 19.64 2.56
PB ATP TA . 24.75 21.05 3.53
O1B ATP TA . 24.32 22.30 2.87
O2B ATP TA . 25.95 21.18 4.45
O3B ATP TA . 23.56 20.37 4.35
PA ATP TA . 25.97 19.85 1.12
O1A ATP TA . 25.22 19.19 0.04
O2A ATP TA . 27.25 19.11 1.50
O3A ATP TA . 25.09 19.93 2.45
O5' ATP TA . 26.46 21.32 0.67
C5' ATP TA . 27.55 22.06 1.27
C4' ATP TA . 28.37 22.77 0.22
O4' ATP TA . 29.70 22.21 0.25
C3' ATP TA . 27.91 22.61 -1.23
O3' ATP TA . 26.93 23.59 -1.57
C2' ATP TA . 29.21 22.76 -2.01
O2' ATP TA . 29.56 24.12 -2.26
C1' ATP TA . 30.24 22.13 -1.07
N9 ATP TA . 30.58 20.75 -1.37
C8 ATP TA . 30.13 19.63 -0.71
N7 ATP TA . 30.61 18.51 -1.19
C5 ATP TA . 31.44 18.91 -2.22
C6 ATP TA . 32.26 18.20 -3.12
N6 ATP TA . 32.41 16.88 -3.10
N1 ATP TA . 32.95 18.91 -4.03
C2 ATP TA . 32.83 20.25 -4.04
N3 ATP TA . 32.09 21.02 -3.25
C4 ATP TA . 31.41 20.29 -2.35
PG ATP UA . 20.43 21.67 -0.53
O1G ATP UA . 21.32 20.48 -0.48
O2G ATP UA . 19.91 22.01 -1.93
O3G ATP UA . 19.23 21.57 0.41
PB ATP UA . 21.32 23.54 1.43
O1B ATP UA . 20.23 24.47 1.79
O2B ATP UA . 21.48 22.32 2.30
O3B ATP UA . 21.20 22.99 -0.06
PA ATP UA . 23.62 25.09 0.39
O1A ATP UA . 22.95 26.32 -0.07
O2A ATP UA . 24.14 24.14 -0.69
O3A ATP UA . 22.74 24.27 1.41
O5' ATP UA . 24.83 25.46 1.33
C5' ATP UA . 24.70 26.28 2.51
C4' ATP UA . 26.01 26.55 3.18
O4' ATP UA . 25.77 26.69 4.60
C3' ATP UA . 27.07 25.45 3.10
O3' ATP UA . 28.36 26.00 3.32
C2' ATP UA . 26.63 24.50 4.21
O2' ATP UA . 27.69 23.71 4.73
C1' ATP UA . 26.13 25.49 5.27
N9 ATP UA . 24.98 25.02 6.02
C8 ATP UA . 23.92 24.28 5.55
N7 ATP UA . 23.04 23.97 6.47
C5 ATP UA . 23.56 24.53 7.63
C6 ATP UA . 23.12 24.54 8.96
N6 ATP UA . 21.99 23.98 9.38
N1 ATP UA . 23.90 25.18 9.88
C2 ATP UA . 25.02 25.77 9.46
N3 ATP UA . 25.53 25.83 8.24
C4 ATP UA . 24.75 25.19 7.36
ZN ZN VA . 7.26 5.12 25.56
#